data_6VT1
#
_entry.id   6VT1
#
_cell.length_a   125.271
_cell.length_b   104.183
_cell.length_c   120.556
_cell.angle_alpha   90.000
_cell.angle_beta   90.000
_cell.angle_gamma   90.000
#
_symmetry.space_group_name_H-M   'P 21 21 2'
#
loop_
_entity.id
_entity.type
_entity.pdbx_description
1 polymer 'RNA Ligase'
2 non-polymer 'ADENOSINE MONOPHOSPHATE'
3 water water
#
_entity_poly.entity_id   1
_entity_poly.type   'polypeptide(L)'
_entity_poly.pdbx_seq_one_letter_code
;SMGVRKLATIRTAGEITPIAGAEAIECCHVDGWTCVIKKGEFKQGDRGVYFEIDSFIKEDNDRYPMLSKQVIDYEGQRGT
RLRTARLRGQLSQGLFLPMDRFPELASNQVGDDVTEILGITKWEPPISTNLSGEILGEFPTFISKTDQERVQNLIPQIEE
NKGQKFEVTVKLAGSSMTVYRKDDHIGVCGRNWELRETATNAQWHAARRNKMIEGLQFLNRNLALQGEIIGESIQGNLEK
LKGQDFYLFDIYDIDKAQYLTPIERQSLVKQLNDNGFTVKHVPILDDLELNHTAEQILAMADGPSLNKNVKREGLVFKRL
DGKFSFKAISNAYLEKHKDR
;
_entity_poly.pdbx_strand_id   A,B,C,D
#
loop_
_chem_comp.id
_chem_comp.type
_chem_comp.name
_chem_comp.formula
AMP non-polymer 'ADENOSINE MONOPHOSPHATE' 'C10 H14 N5 O7 P'
#
# COMPACT_ATOMS: atom_id res chain seq x y z
N MET A 2 15.64 6.19 -9.95
CA MET A 2 16.22 5.35 -8.92
C MET A 2 15.16 4.50 -8.23
N GLY A 3 15.22 4.50 -6.89
CA GLY A 3 14.27 3.82 -6.01
C GLY A 3 14.93 2.94 -4.94
N VAL A 4 14.90 3.41 -3.68
CA VAL A 4 15.55 2.85 -2.49
C VAL A 4 17.01 3.32 -2.40
N ARG A 5 17.33 4.20 -1.46
CA ARG A 5 18.71 4.67 -1.36
C ARG A 5 19.51 3.65 -0.56
N LYS A 6 20.62 3.22 -1.15
CA LYS A 6 21.51 2.22 -0.59
C LYS A 6 22.67 2.93 0.10
N LEU A 7 22.36 3.48 1.27
CA LEU A 7 23.31 4.28 2.03
C LEU A 7 24.54 3.46 2.45
N ALA A 8 24.35 2.21 2.86
CA ALA A 8 25.46 1.34 3.21
C ALA A 8 25.50 0.16 2.24
N THR A 9 26.60 0.03 1.50
CA THR A 9 26.78 -1.01 0.50
C THR A 9 28.12 -1.72 0.67
N ILE A 10 28.21 -2.91 0.11
CA ILE A 10 29.48 -3.60 0.03
C ILE A 10 30.14 -3.17 -1.27
N ARG A 11 31.38 -2.73 -1.19
CA ARG A 11 32.10 -2.25 -2.37
C ARG A 11 33.54 -2.73 -2.29
N THR A 12 34.29 -2.52 -3.38
CA THR A 12 35.71 -2.88 -3.40
C THR A 12 36.58 -1.64 -3.38
N ALA A 13 37.69 -1.73 -2.66
CA ALA A 13 38.66 -0.67 -2.73
C ALA A 13 39.20 -0.59 -4.15
N GLY A 14 39.12 0.60 -4.72
CA GLY A 14 39.73 0.89 -5.99
C GLY A 14 41.18 1.32 -5.81
N GLU A 15 41.61 2.20 -6.68
CA GLU A 15 42.96 2.71 -6.58
C GLU A 15 43.18 3.45 -5.26
N ILE A 16 44.31 3.17 -4.61
CA ILE A 16 44.66 3.82 -3.35
C ILE A 16 45.89 4.68 -3.58
N THR A 17 45.80 5.94 -3.20
CA THR A 17 46.81 6.92 -3.54
C THR A 17 47.24 7.69 -2.30
N PRO A 18 48.50 8.07 -2.21
CA PRO A 18 48.97 8.78 -1.01
C PRO A 18 48.44 10.19 -0.95
N ILE A 19 48.40 10.72 0.26
CA ILE A 19 47.99 12.09 0.49
C ILE A 19 49.24 12.84 0.92
N ALA A 20 49.69 13.76 0.07
CA ALA A 20 50.89 14.53 0.39
C ALA A 20 50.72 15.22 1.73
N GLY A 21 51.79 15.27 2.52
CA GLY A 21 51.76 15.96 3.80
C GLY A 21 51.09 15.19 4.91
N ALA A 22 50.59 14.00 4.62
CA ALA A 22 49.91 13.18 5.61
C ALA A 22 50.46 11.77 5.47
N GLU A 23 50.82 11.22 6.62
CA GLU A 23 51.57 9.98 6.80
C GLU A 23 50.69 8.86 7.35
N ALA A 24 49.69 9.18 8.17
CA ALA A 24 48.76 8.20 8.74
C ALA A 24 47.50 7.93 7.89
N ILE A 25 47.26 8.66 6.80
CA ILE A 25 46.05 8.50 6.00
C ILE A 25 46.43 8.41 4.54
N GLU A 26 45.46 7.99 3.74
CA GLU A 26 45.63 7.96 2.30
C GLU A 26 44.25 8.05 1.66
N CYS A 27 44.24 8.18 0.35
CA CYS A 27 43.04 8.38 -0.43
C CYS A 27 42.64 7.07 -1.09
N CYS A 28 41.37 6.69 -0.93
CA CYS A 28 40.89 5.45 -1.51
C CYS A 28 39.71 5.76 -2.44
N HIS A 29 39.78 5.28 -3.67
CA HIS A 29 38.69 5.47 -4.64
C HIS A 29 37.71 4.30 -4.49
N VAL A 30 36.44 4.63 -4.35
CA VAL A 30 35.36 3.64 -4.18
C VAL A 30 34.33 4.05 -5.22
N ASP A 31 34.26 3.30 -6.31
CA ASP A 31 33.46 3.69 -7.48
C ASP A 31 33.83 5.14 -7.82
N GLY A 32 32.86 6.02 -8.02
CA GLY A 32 33.17 7.40 -8.32
C GLY A 32 33.48 8.25 -7.13
N TRP A 33 33.40 7.70 -5.92
CA TRP A 33 33.69 8.47 -4.72
C TRP A 33 35.18 8.42 -4.39
N THR A 34 35.61 9.39 -3.59
CA THR A 34 36.94 9.46 -3.04
C THR A 34 36.84 9.63 -1.53
N CYS A 35 37.65 8.88 -0.80
CA CYS A 35 37.44 8.66 0.62
C CYS A 35 38.79 8.54 1.30
N VAL A 36 38.99 9.29 2.37
CA VAL A 36 40.24 9.25 3.12
C VAL A 36 40.16 8.05 4.05
N ILE A 37 41.13 7.13 3.95
CA ILE A 37 41.17 5.96 4.83
C ILE A 37 42.46 5.97 5.64
N LYS A 38 42.42 5.23 6.73
CA LYS A 38 43.62 5.04 7.53
C LYS A 38 44.57 4.09 6.82
N LYS A 39 45.85 4.48 6.80
CA LYS A 39 46.92 3.64 6.30
C LYS A 39 46.78 2.22 6.85
N GLY A 40 46.83 1.22 5.97
CA GLY A 40 46.84 -0.16 6.42
C GLY A 40 45.49 -0.83 6.62
N GLU A 41 44.38 -0.18 6.28
CA GLU A 41 43.05 -0.80 6.36
C GLU A 41 42.64 -1.56 5.10
N PHE A 42 43.07 -1.10 3.92
CA PHE A 42 42.68 -1.68 2.64
C PHE A 42 43.86 -1.81 1.69
N LYS A 43 43.82 -2.84 0.86
CA LYS A 43 44.60 -2.87 -0.37
C LYS A 43 43.62 -2.86 -1.52
N GLN A 44 44.09 -2.47 -2.70
CA GLN A 44 43.20 -2.39 -3.84
C GLN A 44 42.54 -3.75 -4.11
N GLY A 45 41.22 -3.76 -4.28
CA GLY A 45 40.52 -5.01 -4.46
C GLY A 45 39.88 -5.58 -3.21
N ASP A 46 40.17 -5.00 -2.05
CA ASP A 46 39.51 -5.49 -0.84
C ASP A 46 38.05 -5.10 -0.77
N ARG A 47 37.28 -5.93 -0.08
CA ARG A 47 35.89 -5.65 0.19
C ARG A 47 35.80 -4.75 1.41
N GLY A 48 34.69 -4.01 1.50
CA GLY A 48 34.44 -3.17 2.65
C GLY A 48 33.03 -2.66 2.61
N VAL A 49 32.59 -2.06 3.72
CA VAL A 49 31.30 -1.40 3.78
C VAL A 49 31.51 0.10 3.59
N TYR A 50 30.83 0.65 2.58
CA TYR A 50 30.90 2.06 2.21
C TYR A 50 29.59 2.74 2.61
N PHE A 51 29.66 3.73 3.50
CA PHE A 51 28.52 4.53 3.89
C PHE A 51 28.56 5.84 3.13
N GLU A 52 27.50 6.16 2.40
CA GLU A 52 27.48 7.40 1.63
C GLU A 52 27.26 8.62 2.51
N ILE A 53 27.64 9.78 2.01
CA ILE A 53 27.19 11.02 2.66
C ILE A 53 25.66 11.05 2.78
N ASP A 54 25.18 11.68 3.86
CA ASP A 54 23.80 11.77 4.34
C ASP A 54 23.42 10.56 5.19
N SER A 55 24.27 9.55 5.29
CA SER A 55 24.04 8.47 6.23
C SER A 55 24.01 9.02 7.65
N PHE A 56 23.05 8.56 8.44
CA PHE A 56 23.04 8.77 9.88
C PHE A 56 23.36 7.46 10.58
N ILE A 57 24.48 7.43 11.30
CA ILE A 57 25.02 6.20 11.85
C ILE A 57 24.99 6.33 13.36
N LYS A 58 24.16 5.53 14.01
CA LYS A 58 23.99 5.67 15.44
C LYS A 58 25.30 5.35 16.15
N GLU A 59 25.44 5.92 17.33
CA GLU A 59 26.69 5.90 18.09
C GLU A 59 27.05 4.46 18.49
N ASP A 60 28.33 4.10 18.33
CA ASP A 60 28.81 2.72 18.57
C ASP A 60 30.33 2.80 18.67
N ASN A 61 30.88 2.54 19.86
CA ASN A 61 32.32 2.74 20.04
C ASN A 61 33.18 1.56 19.61
N ASP A 62 32.63 0.38 19.32
CA ASP A 62 33.48 -0.70 18.83
C ASP A 62 33.62 -0.63 17.31
N ARG A 63 32.48 -0.48 16.64
CA ARG A 63 32.35 -0.47 15.18
C ARG A 63 32.64 0.90 14.57
N TYR A 64 32.23 1.98 15.23
CA TYR A 64 32.42 3.32 14.71
C TYR A 64 33.11 4.25 15.71
N PRO A 65 34.25 3.86 16.28
CA PRO A 65 34.90 4.75 17.26
C PRO A 65 35.51 5.99 16.59
N MET A 66 35.74 5.96 15.28
CA MET A 66 36.25 7.14 14.59
C MET A 66 35.17 8.19 14.36
N LEU A 67 33.91 7.89 14.66
CA LEU A 67 32.81 8.82 14.47
C LEU A 67 32.41 9.56 15.73
N SER A 68 33.15 9.43 16.82
CA SER A 68 32.65 9.92 18.11
C SER A 68 32.76 11.44 18.29
N LYS A 69 33.68 12.12 17.62
CA LYS A 69 33.79 13.57 17.83
C LYS A 69 32.85 14.37 16.91
N GLN A 70 31.98 13.69 16.17
CA GLN A 70 30.96 14.33 15.34
C GLN A 70 29.56 13.96 15.80
N VAL A 71 29.39 13.55 17.06
CA VAL A 71 28.09 13.03 17.50
C VAL A 71 27.10 14.18 17.68
N ILE A 72 25.91 14.02 17.10
CA ILE A 72 24.82 14.96 17.22
C ILE A 72 23.54 14.20 17.58
N ASP A 73 22.49 14.98 17.82
CA ASP A 73 21.14 14.46 17.99
C ASP A 73 20.37 14.60 16.71
N TYR A 74 19.67 13.54 16.30
CA TYR A 74 18.80 13.56 15.14
C TYR A 74 17.62 12.66 15.43
N GLU A 75 16.41 13.22 15.45
CA GLU A 75 15.21 12.45 15.75
C GLU A 75 15.30 11.75 17.10
N GLY A 76 16.02 12.34 18.06
CA GLY A 76 16.15 11.80 19.40
C GLY A 76 17.23 10.74 19.61
N GLN A 77 17.96 10.35 18.57
CA GLN A 77 19.01 9.36 18.68
C GLN A 77 20.35 10.07 18.60
N ARG A 78 21.30 9.66 19.43
CA ARG A 78 22.66 10.16 19.28
C ARG A 78 23.31 9.48 18.08
N GLY A 79 24.10 10.23 17.33
CA GLY A 79 24.68 9.63 16.14
C GLY A 79 25.46 10.64 15.33
N THR A 80 25.98 10.14 14.21
CA THR A 80 26.87 10.91 13.36
C THR A 80 26.29 11.00 11.96
N ARG A 81 26.26 12.21 11.39
CA ARG A 81 25.85 12.42 10.01
C ARG A 81 27.09 12.59 9.15
N LEU A 82 27.26 11.73 8.14
CA LEU A 82 28.41 11.87 7.25
C LEU A 82 28.14 13.02 6.29
N ARG A 83 29.12 13.91 6.15
CA ARG A 83 29.01 15.03 5.24
C ARG A 83 30.34 15.17 4.50
N THR A 84 30.30 15.85 3.35
CA THR A 84 31.49 16.11 2.56
C THR A 84 32.56 16.83 3.38
N ALA A 85 33.82 16.43 3.18
CA ALA A 85 34.90 16.98 3.96
C ALA A 85 36.15 17.07 3.10
N ARG A 86 37.13 17.80 3.63
CA ARG A 86 38.40 18.02 2.97
C ARG A 86 39.50 17.86 4.02
N LEU A 87 40.21 16.74 3.97
CA LEU A 87 41.30 16.43 4.91
C LEU A 87 42.63 16.52 4.17
N ARG A 88 43.50 17.42 4.63
CA ARG A 88 44.82 17.70 4.04
C ARG A 88 44.73 18.00 2.55
N GLY A 89 43.71 18.78 2.17
CA GLY A 89 43.51 19.09 0.77
C GLY A 89 42.79 18.02 -0.01
N GLN A 90 42.58 16.84 0.56
CA GLN A 90 41.92 15.76 -0.14
C GLN A 90 40.43 15.80 0.15
N LEU A 91 39.62 15.93 -0.90
CA LEU A 91 38.18 15.73 -0.80
C LEU A 91 37.86 14.33 -0.29
N SER A 92 36.96 14.25 0.69
CA SER A 92 36.62 12.97 1.25
C SER A 92 35.12 12.93 1.47
N GLN A 93 34.48 11.86 1.01
CA GLN A 93 33.04 11.74 1.07
C GLN A 93 32.69 10.33 1.50
N GLY A 94 31.94 10.21 2.57
CA GLY A 94 31.54 8.90 3.02
C GLY A 94 32.54 8.25 3.95
N LEU A 95 32.20 7.01 4.33
CA LEU A 95 32.96 6.20 5.28
C LEU A 95 33.15 4.79 4.71
N PHE A 96 34.39 4.33 4.70
CA PHE A 96 34.74 3.02 4.13
C PHE A 96 35.43 2.19 5.20
N LEU A 97 34.79 1.10 5.63
CA LEU A 97 35.28 0.30 6.71
C LEU A 97 35.57 -1.13 6.27
N PRO A 98 36.67 -1.72 6.74
CA PRO A 98 37.04 -3.09 6.32
C PRO A 98 36.05 -4.17 6.74
N MET A 99 36.01 -5.26 5.97
CA MET A 99 35.10 -6.36 6.27
C MET A 99 35.35 -6.94 7.66
N ASP A 100 36.58 -6.86 8.15
CA ASP A 100 36.84 -7.52 9.43
C ASP A 100 36.06 -6.89 10.58
N ARG A 101 35.55 -5.68 10.39
CA ARG A 101 34.71 -5.13 11.47
C ARG A 101 33.26 -5.57 11.37
N PHE A 102 32.92 -6.34 10.35
CA PHE A 102 31.54 -6.78 10.11
C PHE A 102 31.54 -8.26 9.81
N PRO A 103 31.79 -9.10 10.82
CA PRO A 103 31.76 -10.56 10.56
C PRO A 103 30.39 -11.05 10.16
N GLU A 104 29.31 -10.39 10.59
CA GLU A 104 27.98 -10.83 10.24
C GLU A 104 27.64 -10.55 8.77
N LEU A 105 28.43 -9.72 8.10
CA LEU A 105 28.25 -9.39 6.70
C LEU A 105 29.20 -10.14 5.79
N ALA A 106 29.98 -11.06 6.34
CA ALA A 106 31.04 -11.74 5.61
C ALA A 106 30.51 -12.43 4.37
N SER A 107 29.28 -12.92 4.41
CA SER A 107 28.66 -13.64 3.30
C SER A 107 27.97 -12.73 2.27
N ASN A 108 27.98 -11.41 2.46
CA ASN A 108 27.34 -10.55 1.46
C ASN A 108 28.29 -10.34 0.28
N GLN A 109 27.71 -10.06 -0.88
CA GLN A 109 28.46 -9.85 -2.09
C GLN A 109 28.59 -8.36 -2.34
N VAL A 110 29.64 -7.98 -3.08
CA VAL A 110 29.80 -6.62 -3.59
C VAL A 110 28.52 -6.19 -4.28
N GLY A 111 28.04 -4.98 -3.95
CA GLY A 111 26.79 -4.47 -4.48
C GLY A 111 25.59 -4.64 -3.57
N ASP A 112 25.67 -5.53 -2.57
CA ASP A 112 24.58 -5.75 -1.62
C ASP A 112 24.31 -4.52 -0.77
N ASP A 113 23.03 -4.26 -0.54
CA ASP A 113 22.57 -3.17 0.29
C ASP A 113 22.44 -3.67 1.72
N VAL A 114 23.28 -3.17 2.61
CA VAL A 114 23.23 -3.58 4.01
C VAL A 114 22.67 -2.46 4.88
N THR A 115 21.99 -1.49 4.27
CA THR A 115 21.48 -0.33 4.99
C THR A 115 20.59 -0.76 6.14
N GLU A 116 19.70 -1.71 5.86
CA GLU A 116 18.74 -2.11 6.87
C GLU A 116 19.35 -3.12 7.84
N ILE A 117 20.33 -3.90 7.39
CA ILE A 117 21.02 -4.78 8.31
C ILE A 117 21.78 -3.98 9.36
N LEU A 118 22.30 -2.81 8.97
CA LEU A 118 23.13 -1.99 9.84
C LEU A 118 22.35 -0.91 10.58
N GLY A 119 21.05 -0.78 10.33
CA GLY A 119 20.27 0.23 11.04
C GLY A 119 20.63 1.63 10.62
N ILE A 120 20.92 1.84 9.33
CA ILE A 120 21.36 3.15 8.84
C ILE A 120 20.15 3.92 8.35
N THR A 121 20.12 5.22 8.60
CA THR A 121 19.02 6.07 8.11
C THR A 121 19.57 7.29 7.40
N LYS A 122 18.73 7.93 6.59
CA LYS A 122 19.16 9.14 5.92
C LYS A 122 18.87 10.35 6.79
N TRP A 123 19.85 11.23 6.96
CA TRP A 123 19.63 12.49 7.65
C TRP A 123 18.95 13.44 6.69
N GLU A 124 17.97 14.18 7.21
CA GLU A 124 17.26 15.14 6.37
C GLU A 124 16.78 16.38 7.10
N PRO A 125 16.83 17.54 6.45
CA PRO A 125 16.43 18.77 7.12
C PRO A 125 14.94 18.78 7.34
N PRO A 126 14.46 19.56 8.29
CA PRO A 126 13.03 19.73 8.46
C PRO A 126 12.44 20.35 7.21
N ILE A 127 11.31 19.83 6.80
CA ILE A 127 10.65 20.35 5.62
C ILE A 127 9.90 21.62 6.00
N SER A 128 9.65 22.43 4.99
CA SER A 128 8.99 23.73 5.12
C SER A 128 7.50 23.63 5.51
N THR A 129 7.02 24.68 6.19
CA THR A 129 5.69 24.65 6.78
C THR A 129 4.58 24.65 5.74
N ASN A 130 4.74 25.43 4.67
CA ASN A 130 3.69 25.59 3.68
C ASN A 130 3.79 24.58 2.55
N LEU A 131 4.75 23.65 2.63
CA LEU A 131 4.85 22.52 1.70
C LEU A 131 4.29 21.25 2.33
N SER A 132 4.05 21.28 3.64
CA SER A 132 3.14 20.34 4.29
C SER A 132 1.72 20.89 4.25
N GLY A 133 0.78 20.15 3.66
CA GLY A 133 -0.64 20.49 3.66
C GLY A 133 -1.44 19.29 4.08
N GLU A 134 -2.75 19.28 3.84
CA GLU A 134 -3.44 18.03 4.05
C GLU A 134 -3.44 17.12 2.83
N ILE A 135 -3.41 15.86 3.20
CA ILE A 135 -3.18 14.68 2.40
C ILE A 135 -4.54 14.18 1.96
N LEU A 136 -4.63 13.84 0.69
CA LEU A 136 -5.72 13.10 0.09
C LEU A 136 -5.40 11.60 0.08
N GLY A 137 -4.15 11.24 -0.12
CA GLY A 137 -3.78 9.83 -0.11
C GLY A 137 -2.34 9.65 -0.49
N GLU A 138 -1.95 8.38 -0.56
CA GLU A 138 -0.57 8.04 -0.88
C GLU A 138 -0.14 8.61 -2.22
N PHE A 139 1.15 8.75 -2.45
CA PHE A 139 1.61 9.11 -3.77
C PHE A 139 1.16 8.06 -4.78
N PRO A 140 0.66 8.49 -5.94
CA PRO A 140 0.06 7.55 -6.90
C PRO A 140 0.99 6.42 -7.27
N THR A 141 0.43 5.19 -7.26
CA THR A 141 1.18 3.99 -7.60
C THR A 141 1.53 3.91 -9.08
N PHE A 142 0.82 4.66 -9.92
CA PHE A 142 0.98 4.63 -11.38
C PHE A 142 1.82 5.78 -11.93
N ILE A 143 2.37 6.63 -11.06
CA ILE A 143 3.27 7.72 -11.46
C ILE A 143 4.63 7.41 -10.86
N SER A 144 5.68 7.52 -11.66
CA SER A 144 7.00 7.31 -11.06
C SER A 144 7.37 8.52 -10.19
N LYS A 145 8.15 8.26 -9.15
CA LYS A 145 8.70 9.33 -8.33
C LYS A 145 9.97 9.89 -9.01
N THR A 146 10.54 10.95 -8.43
CA THR A 146 11.55 11.73 -9.14
C THR A 146 12.97 11.58 -8.56
N ASP A 147 13.26 10.50 -7.85
CA ASP A 147 14.60 10.30 -7.35
C ASP A 147 15.57 9.97 -8.48
N GLN A 148 16.79 10.49 -8.40
CA GLN A 148 17.84 10.21 -9.38
C GLN A 148 19.01 9.54 -8.68
N GLU A 149 19.54 8.48 -9.29
CA GLU A 149 20.79 7.89 -8.81
C GLU A 149 21.97 8.83 -9.12
N ARG A 150 23.04 8.71 -8.32
CA ARG A 150 24.19 9.57 -8.46
C ARG A 150 25.17 8.97 -9.46
N VAL A 151 25.79 9.83 -10.26
CA VAL A 151 26.77 9.35 -11.24
C VAL A 151 27.92 8.64 -10.54
N GLN A 152 28.24 9.03 -9.30
CA GLN A 152 29.32 8.33 -8.60
C GLN A 152 29.01 6.85 -8.46
N ASN A 153 27.74 6.46 -8.54
CA ASN A 153 27.40 5.06 -8.36
C ASN A 153 27.15 4.32 -9.66
N LEU A 154 27.34 4.96 -10.82
CA LEU A 154 26.96 4.36 -12.09
C LEU A 154 28.17 4.22 -13.01
N ILE A 155 29.31 3.79 -12.47
CA ILE A 155 30.52 3.63 -13.28
C ILE A 155 30.29 2.67 -14.44
N PRO A 156 29.80 1.43 -14.22
CA PRO A 156 29.56 0.56 -15.39
C PRO A 156 28.55 1.17 -16.36
N GLN A 157 27.52 1.83 -15.83
CA GLN A 157 26.48 2.41 -16.68
C GLN A 157 26.97 3.62 -17.47
N ILE A 158 27.97 4.36 -16.95
CA ILE A 158 28.47 5.52 -17.67
C ILE A 158 29.20 5.13 -18.94
N GLU A 159 29.90 4.01 -18.97
CA GLU A 159 30.43 3.68 -20.29
C GLU A 159 29.53 2.76 -21.10
N GLU A 160 28.70 1.95 -20.45
CA GLU A 160 27.67 1.26 -21.22
C GLU A 160 26.96 2.22 -22.16
N ASN A 161 26.75 3.47 -21.70
CA ASN A 161 26.03 4.52 -22.39
C ASN A 161 26.96 5.50 -23.09
N LYS A 162 28.22 5.13 -23.32
CA LYS A 162 29.07 6.00 -24.12
C LYS A 162 28.52 6.02 -25.54
N GLY A 163 28.52 7.20 -26.15
CA GLY A 163 27.93 7.40 -27.45
C GLY A 163 26.47 7.79 -27.41
N GLN A 164 25.77 7.49 -26.30
CA GLN A 164 24.39 7.91 -26.12
C GLN A 164 24.35 9.41 -25.89
N LYS A 165 23.17 9.98 -26.09
CA LYS A 165 22.97 11.41 -26.00
C LYS A 165 22.09 11.74 -24.81
N PHE A 166 22.35 12.88 -24.18
CA PHE A 166 21.71 13.18 -22.91
C PHE A 166 21.26 14.63 -22.89
N GLU A 167 20.02 14.85 -22.41
CA GLU A 167 19.57 16.20 -22.08
C GLU A 167 20.18 16.62 -20.75
N VAL A 168 20.76 17.82 -20.72
CA VAL A 168 21.48 18.32 -19.56
C VAL A 168 20.67 19.48 -19.00
N THR A 169 20.28 19.36 -17.73
CA THR A 169 19.41 20.33 -17.06
C THR A 169 20.01 20.76 -15.73
N VAL A 170 19.76 22.00 -15.35
CA VAL A 170 20.27 22.51 -14.08
C VAL A 170 19.41 21.97 -12.96
N LYS A 171 20.06 21.39 -11.95
CA LYS A 171 19.33 20.83 -10.82
C LYS A 171 19.01 21.96 -9.86
N LEU A 172 17.74 22.12 -9.55
CA LEU A 172 17.24 23.20 -8.71
C LEU A 172 16.92 22.69 -7.33
N ALA A 173 17.26 23.50 -6.33
CA ALA A 173 17.13 23.09 -4.94
C ALA A 173 15.77 23.58 -4.40
N GLY A 174 14.78 22.70 -4.44
CA GLY A 174 13.52 22.98 -3.79
C GLY A 174 12.90 21.69 -3.30
N SER A 175 11.61 21.48 -3.56
CA SER A 175 10.99 20.21 -3.25
C SER A 175 10.20 19.71 -4.44
N SER A 176 10.14 18.39 -4.59
CA SER A 176 9.50 17.76 -5.73
C SER A 176 8.01 17.95 -5.69
N MET A 177 7.41 18.10 -6.88
CA MET A 177 6.00 18.46 -7.01
C MET A 177 5.47 17.86 -8.30
N THR A 178 4.39 17.10 -8.18
CA THR A 178 3.74 16.44 -9.31
C THR A 178 2.30 16.94 -9.43
N VAL A 179 1.92 17.37 -10.64
CA VAL A 179 0.53 17.73 -10.97
C VAL A 179 0.11 16.81 -12.10
N TYR A 180 -0.94 16.03 -11.86
CA TYR A 180 -1.26 14.95 -12.77
C TYR A 180 -2.75 14.88 -13.06
N ARG A 181 -3.04 14.29 -14.21
CA ARG A 181 -4.39 13.94 -14.61
C ARG A 181 -4.46 12.45 -14.87
N LYS A 182 -5.43 11.77 -14.26
CA LYS A 182 -5.81 10.44 -14.75
C LYS A 182 -7.33 10.44 -14.92
N ASP A 183 -7.78 10.45 -16.18
CA ASP A 183 -9.21 10.47 -16.52
C ASP A 183 -9.85 11.70 -15.86
N ASP A 184 -10.91 11.53 -15.07
CA ASP A 184 -11.65 12.66 -14.53
C ASP A 184 -10.86 13.43 -13.48
N HIS A 185 -9.94 12.76 -12.78
CA HIS A 185 -9.29 13.33 -11.60
C HIS A 185 -7.98 14.02 -11.94
N ILE A 186 -7.77 15.20 -11.35
CA ILE A 186 -6.53 15.96 -11.48
C ILE A 186 -6.02 16.30 -10.07
N GLY A 187 -4.81 15.85 -9.76
CA GLY A 187 -4.29 15.99 -8.41
C GLY A 187 -2.94 16.68 -8.36
N VAL A 188 -2.64 17.19 -7.17
CA VAL A 188 -1.37 17.84 -6.89
C VAL A 188 -0.73 17.07 -5.74
N CYS A 189 0.54 16.69 -5.93
CA CYS A 189 1.29 15.97 -4.91
C CYS A 189 2.60 16.66 -4.55
N GLY A 190 3.10 16.33 -3.37
CA GLY A 190 4.45 16.69 -2.97
C GLY A 190 5.37 15.60 -3.43
N ARG A 191 6.50 15.41 -2.74
CA ARG A 191 7.33 14.26 -3.09
C ARG A 191 6.75 12.93 -2.60
N ASN A 192 5.95 12.93 -1.54
CA ASN A 192 5.55 11.66 -0.94
C ASN A 192 4.06 11.46 -0.80
N TRP A 193 3.24 12.48 -0.99
CA TRP A 193 1.82 12.36 -0.73
C TRP A 193 1.04 13.18 -1.75
N GLU A 194 -0.16 12.70 -2.11
CA GLU A 194 -1.09 13.55 -2.84
C GLU A 194 -1.80 14.47 -1.86
N LEU A 195 -2.04 15.71 -2.28
CA LEU A 195 -2.54 16.75 -1.38
C LEU A 195 -3.93 17.25 -1.79
N ARG A 196 -4.76 17.47 -0.79
CA ARG A 196 -6.02 18.15 -1.01
C ARG A 196 -5.80 19.66 -1.01
N GLU A 197 -6.62 20.37 -1.81
CA GLU A 197 -6.50 21.81 -1.97
C GLU A 197 -6.86 22.57 -0.70
N THR A 198 -5.98 23.47 -0.27
CA THR A 198 -6.28 24.46 0.77
C THR A 198 -5.70 25.82 0.33
N ALA A 199 -6.13 26.86 1.03
CA ALA A 199 -5.64 28.22 0.75
C ALA A 199 -4.14 28.36 1.00
N THR A 200 -3.61 27.63 2.00
CA THR A 200 -2.23 27.84 2.44
C THR A 200 -1.23 26.92 1.75
N ASN A 201 -1.68 25.81 1.16
CA ASN A 201 -0.75 24.86 0.58
C ASN A 201 -0.03 25.48 -0.61
N ALA A 202 1.30 25.47 -0.53
CA ALA A 202 2.14 26.14 -1.53
C ALA A 202 2.16 25.40 -2.87
N GLN A 203 2.01 24.06 -2.86
CA GLN A 203 1.98 23.30 -4.12
C GLN A 203 0.73 23.62 -4.93
N TRP A 204 -0.43 23.59 -4.27
CA TRP A 204 -1.66 23.94 -4.99
C TRP A 204 -1.61 25.39 -5.45
N HIS A 205 -1.09 26.28 -4.61
CA HIS A 205 -1.07 27.69 -4.98
C HIS A 205 -0.20 27.94 -6.22
N ALA A 206 0.93 27.24 -6.35
CA ALA A 206 1.73 27.36 -7.56
C ALA A 206 1.03 26.73 -8.75
N ALA A 207 0.30 25.65 -8.52
CA ALA A 207 -0.37 24.98 -9.62
C ALA A 207 -1.52 25.83 -10.15
N ARG A 208 -2.23 26.53 -9.25
CA ARG A 208 -3.30 27.41 -9.69
C ARG A 208 -2.74 28.64 -10.39
N ARG A 209 -1.60 29.11 -9.93
CA ARG A 209 -1.11 30.40 -10.39
C ARG A 209 -0.60 30.33 -11.82
N ASN A 210 -0.08 29.19 -12.25
CA ASN A 210 0.37 29.05 -13.63
C ASN A 210 -0.62 28.28 -14.51
N LYS A 211 -1.87 28.12 -14.02
CA LYS A 211 -2.95 27.37 -14.67
C LYS A 211 -2.50 25.98 -15.15
N MET A 212 -1.71 25.28 -14.36
CA MET A 212 -1.33 23.98 -14.88
C MET A 212 -2.42 22.95 -14.70
N ILE A 213 -3.38 23.18 -13.81
CA ILE A 213 -4.54 22.27 -13.79
C ILE A 213 -5.36 22.44 -15.05
N GLU A 214 -5.64 23.69 -15.45
CA GLU A 214 -6.40 23.91 -16.68
C GLU A 214 -5.61 23.47 -17.90
N GLY A 215 -4.29 23.55 -17.83
CA GLY A 215 -3.48 23.05 -18.92
C GLY A 215 -3.59 21.55 -19.08
N LEU A 216 -3.66 20.82 -17.96
CA LEU A 216 -3.77 19.38 -18.09
C LEU A 216 -5.12 18.98 -18.63
N GLN A 217 -6.18 19.67 -18.18
CA GLN A 217 -7.49 19.49 -18.78
C GLN A 217 -7.44 19.75 -20.28
N PHE A 218 -6.77 20.83 -20.68
CA PHE A 218 -6.69 21.15 -22.09
C PHE A 218 -6.03 20.04 -22.88
N LEU A 219 -4.86 19.59 -22.44
CA LEU A 219 -4.14 18.59 -23.24
C LEU A 219 -4.87 17.27 -23.30
N ASN A 220 -5.76 17.01 -22.35
CA ASN A 220 -6.67 15.87 -22.44
C ASN A 220 -5.91 14.54 -22.53
N ARG A 221 -4.80 14.44 -21.79
CA ARG A 221 -4.03 13.20 -21.71
C ARG A 221 -3.71 12.89 -20.25
N ASN A 222 -3.48 11.60 -19.98
CA ASN A 222 -3.17 11.13 -18.63
C ASN A 222 -1.66 11.31 -18.43
N LEU A 223 -1.30 12.46 -17.90
CA LEU A 223 0.08 12.87 -17.80
C LEU A 223 0.35 13.40 -16.41
N ALA A 224 1.56 13.14 -15.93
CA ALA A 224 2.05 13.71 -14.68
C ALA A 224 3.13 14.72 -15.04
N LEU A 225 2.91 15.97 -14.68
CA LEU A 225 3.88 17.04 -14.86
C LEU A 225 4.74 17.06 -13.61
N GLN A 226 6.03 16.75 -13.76
CA GLN A 226 6.92 16.62 -12.60
C GLN A 226 7.99 17.69 -12.66
N GLY A 227 8.08 18.47 -11.57
CA GLY A 227 9.02 19.55 -11.52
C GLY A 227 9.35 19.98 -10.09
N GLU A 228 10.12 21.04 -9.98
CA GLU A 228 10.58 21.51 -8.70
C GLU A 228 9.89 22.81 -8.38
N ILE A 229 9.34 22.90 -7.17
CA ILE A 229 8.88 24.15 -6.62
C ILE A 229 10.00 24.75 -5.78
N ILE A 230 10.36 25.99 -6.11
CA ILE A 230 11.50 26.71 -5.52
C ILE A 230 11.03 28.10 -5.13
N GLY A 231 11.92 28.82 -4.40
CA GLY A 231 11.65 30.19 -4.07
C GLY A 231 11.72 30.48 -2.59
N GLU A 232 11.06 31.57 -2.19
CA GLU A 232 11.09 31.99 -0.80
C GLU A 232 10.62 30.86 0.09
N SER A 233 11.26 30.74 1.27
CA SER A 233 10.91 29.74 2.29
C SER A 233 11.04 28.29 1.83
N ILE A 234 11.75 28.01 0.75
CA ILE A 234 11.97 26.64 0.29
C ILE A 234 13.48 26.41 0.24
N GLN A 235 13.97 25.49 1.09
CA GLN A 235 15.39 25.10 1.20
C GLN A 235 16.34 26.29 1.01
N GLY A 236 16.07 27.38 1.73
CA GLY A 236 16.95 28.53 1.76
C GLY A 236 16.90 29.45 0.56
N ASN A 237 16.09 29.15 -0.46
CA ASN A 237 15.84 30.06 -1.58
C ASN A 237 17.16 30.48 -2.25
N LEU A 238 17.87 29.48 -2.76
CA LEU A 238 19.22 29.72 -3.25
C LEU A 238 19.21 30.65 -4.46
N GLU A 239 18.18 30.53 -5.29
CA GLU A 239 18.09 31.28 -6.52
C GLU A 239 17.67 32.73 -6.31
N LYS A 240 17.51 33.18 -5.06
CA LYS A 240 17.18 34.58 -4.77
C LYS A 240 15.91 35.01 -5.48
N LEU A 241 14.88 34.17 -5.44
CA LEU A 241 13.62 34.48 -6.09
C LEU A 241 12.65 35.09 -5.10
N LYS A 242 11.75 35.92 -5.62
CA LYS A 242 10.62 36.47 -4.88
C LYS A 242 9.39 35.63 -5.17
N GLY A 243 8.74 35.16 -4.12
CA GLY A 243 7.63 34.24 -4.25
C GLY A 243 8.10 32.81 -4.52
N GLN A 244 7.15 31.99 -4.94
CA GLN A 244 7.44 30.61 -5.27
C GLN A 244 6.93 30.32 -6.68
N ASP A 245 7.49 29.28 -7.30
CA ASP A 245 7.06 28.92 -8.63
C ASP A 245 7.52 27.50 -8.95
N PHE A 246 6.82 26.89 -9.91
CA PHE A 246 7.07 25.55 -10.42
C PHE A 246 7.99 25.59 -11.63
N TYR A 247 8.96 24.66 -11.70
CA TYR A 247 9.85 24.51 -12.85
C TYR A 247 9.85 23.04 -13.27
N LEU A 248 9.31 22.75 -14.45
CA LEU A 248 9.18 21.37 -14.90
C LEU A 248 10.53 20.75 -15.22
N PHE A 249 10.62 19.44 -14.96
CA PHE A 249 11.77 18.69 -15.45
C PHE A 249 11.44 17.34 -16.05
N ASP A 250 10.23 16.83 -15.89
CA ASP A 250 9.89 15.55 -16.49
C ASP A 250 8.39 15.54 -16.76
N ILE A 251 7.98 14.72 -17.72
CA ILE A 251 6.57 14.41 -17.89
C ILE A 251 6.43 12.91 -18.01
N TYR A 252 5.57 12.34 -17.19
CA TYR A 252 5.37 10.90 -17.10
C TYR A 252 4.07 10.51 -17.81
N ASP A 253 4.18 9.59 -18.75
CA ASP A 253 3.03 9.04 -19.44
C ASP A 253 2.40 7.96 -18.56
N ILE A 254 1.30 8.30 -17.90
CA ILE A 254 0.72 7.36 -16.96
C ILE A 254 0.34 6.07 -17.68
N ASP A 255 -0.24 6.20 -18.87
CA ASP A 255 -0.80 5.04 -19.55
C ASP A 255 0.30 4.11 -20.04
N LYS A 256 1.36 4.65 -20.67
CA LYS A 256 2.43 3.76 -21.12
C LYS A 256 3.45 3.51 -20.02
N ALA A 257 3.25 4.10 -18.84
CA ALA A 257 4.12 3.92 -17.68
C ALA A 257 5.58 4.14 -18.07
N GLN A 258 5.83 5.25 -18.75
CA GLN A 258 7.18 5.65 -19.10
C GLN A 258 7.25 7.17 -19.19
N TYR A 259 8.47 7.70 -19.13
CA TYR A 259 8.68 9.14 -19.19
C TYR A 259 8.68 9.63 -20.63
N LEU A 260 8.10 10.81 -20.85
CA LEU A 260 8.27 11.42 -22.16
C LEU A 260 9.75 11.68 -22.38
N THR A 261 10.19 11.41 -23.59
CA THR A 261 11.55 11.71 -23.97
C THR A 261 11.74 13.23 -23.92
N PRO A 262 12.99 13.71 -23.87
CA PRO A 262 13.21 15.16 -23.78
C PRO A 262 12.59 16.00 -24.90
N ILE A 263 12.61 15.55 -26.15
CA ILE A 263 12.03 16.37 -27.22
C ILE A 263 10.49 16.40 -27.10
N GLU A 264 9.86 15.25 -26.81
CA GLU A 264 8.43 15.23 -26.53
C GLU A 264 8.10 16.20 -25.41
N ARG A 265 8.97 16.28 -24.37
CA ARG A 265 8.67 17.17 -23.24
C ARG A 265 8.76 18.67 -23.57
N GLN A 266 9.77 19.16 -24.28
CA GLN A 266 9.67 20.61 -24.54
C GLN A 266 8.65 20.95 -25.61
N SER A 267 8.29 19.98 -26.45
CA SER A 267 7.18 20.26 -27.37
C SER A 267 5.93 20.57 -26.57
N LEU A 268 5.65 19.74 -25.55
CA LEU A 268 4.46 19.98 -24.71
C LEU A 268 4.61 21.24 -23.88
N VAL A 269 5.81 21.53 -23.41
CA VAL A 269 5.98 22.80 -22.71
C VAL A 269 5.77 23.96 -23.67
N LYS A 270 6.15 23.83 -24.96
CA LYS A 270 5.81 24.87 -25.92
C LYS A 270 4.31 25.07 -25.94
N GLN A 271 3.63 23.98 -26.34
CA GLN A 271 2.19 23.90 -26.51
C GLN A 271 1.46 24.46 -25.30
N LEU A 272 1.89 24.10 -24.09
CA LEU A 272 1.22 24.64 -22.92
C LEU A 272 1.33 26.16 -22.87
N ASN A 273 2.50 26.70 -23.23
CA ASN A 273 2.70 28.14 -23.17
C ASN A 273 2.09 28.86 -24.36
N ASP A 274 2.14 28.24 -25.54
CA ASP A 274 1.47 28.82 -26.71
C ASP A 274 -0.03 28.96 -26.48
N ASN A 275 -0.58 28.17 -25.57
CA ASN A 275 -2.00 28.20 -25.24
C ASN A 275 -2.26 28.91 -23.92
N GLY A 276 -1.32 29.70 -23.42
CA GLY A 276 -1.59 30.52 -22.26
C GLY A 276 -1.48 29.84 -20.91
N PHE A 277 -0.89 28.65 -20.86
CA PHE A 277 -0.67 27.93 -19.60
C PHE A 277 0.82 28.05 -19.31
N THR A 278 1.18 28.95 -18.39
CA THR A 278 2.57 29.40 -18.23
C THR A 278 3.34 28.46 -17.28
N VAL A 279 3.86 27.36 -17.83
CA VAL A 279 4.62 26.39 -17.06
C VAL A 279 6.07 26.54 -17.48
N LYS A 280 6.91 27.01 -16.56
CA LYS A 280 8.33 27.12 -16.84
C LYS A 280 9.03 25.76 -16.72
N HIS A 281 10.24 25.69 -17.26
CA HIS A 281 11.06 24.49 -17.30
C HIS A 281 12.39 24.74 -16.60
N VAL A 282 12.98 23.69 -16.03
CA VAL A 282 14.31 23.88 -15.44
C VAL A 282 15.27 24.27 -16.56
N PRO A 283 16.23 25.16 -16.30
CA PRO A 283 17.16 25.61 -17.35
C PRO A 283 17.75 24.45 -18.13
N ILE A 284 17.74 24.56 -19.47
CA ILE A 284 18.26 23.51 -20.34
C ILE A 284 19.58 23.99 -20.97
N LEU A 285 20.60 23.13 -20.91
CA LEU A 285 21.92 23.41 -21.47
C LEU A 285 22.11 22.53 -22.69
N ASP A 286 23.32 22.54 -23.26
CA ASP A 286 23.58 21.76 -24.47
C ASP A 286 23.50 20.28 -24.16
N ASP A 287 22.95 19.51 -25.09
CA ASP A 287 22.97 18.06 -24.94
C ASP A 287 24.40 17.56 -24.74
N LEU A 288 24.52 16.33 -24.27
CA LEU A 288 25.82 15.71 -24.11
C LEU A 288 25.79 14.36 -24.80
N GLU A 289 26.72 14.16 -25.72
CA GLU A 289 26.99 12.82 -26.24
C GLU A 289 27.96 12.15 -25.28
N LEU A 290 27.54 11.06 -24.65
CA LEU A 290 28.31 10.54 -23.53
C LEU A 290 29.59 9.87 -24.01
N ASN A 291 30.72 10.41 -23.58
CA ASN A 291 32.06 9.88 -23.81
C ASN A 291 32.97 10.37 -22.68
N HIS A 292 32.63 9.98 -21.43
CA HIS A 292 33.26 10.59 -20.28
C HIS A 292 33.39 9.61 -19.12
N THR A 293 34.26 9.96 -18.18
CA THR A 293 34.37 9.29 -16.90
C THR A 293 33.49 9.97 -15.86
N ALA A 294 33.19 9.23 -14.79
CA ALA A 294 32.37 9.79 -13.71
C ALA A 294 32.99 11.07 -13.17
N GLU A 295 34.33 11.12 -13.09
CA GLU A 295 34.97 12.32 -12.58
C GLU A 295 34.88 13.47 -13.59
N GLN A 296 34.93 13.17 -14.89
CA GLN A 296 34.79 14.24 -15.86
C GLN A 296 33.36 14.79 -15.86
N ILE A 297 32.37 13.91 -15.66
CA ILE A 297 30.99 14.37 -15.55
C ILE A 297 30.80 15.27 -14.34
N LEU A 298 31.36 14.86 -13.18
CA LEU A 298 31.24 15.70 -12.00
C LEU A 298 31.86 17.07 -12.24
N ALA A 299 32.85 17.14 -13.13
CA ALA A 299 33.45 18.41 -13.46
C ALA A 299 32.45 19.35 -14.15
N MET A 300 31.47 18.79 -14.87
CA MET A 300 30.46 19.67 -15.44
C MET A 300 29.51 20.24 -14.38
N ALA A 301 29.38 19.58 -13.23
CA ALA A 301 28.28 19.88 -12.32
C ALA A 301 28.31 21.30 -11.82
N ASP A 302 29.49 21.83 -11.50
CA ASP A 302 29.51 23.18 -10.95
C ASP A 302 29.35 24.20 -12.09
N GLY A 303 28.79 25.36 -11.73
CA GLY A 303 28.46 26.35 -12.72
C GLY A 303 27.32 27.25 -12.28
N PRO A 304 26.80 28.02 -13.23
CA PRO A 304 25.76 28.99 -12.90
C PRO A 304 24.40 28.31 -12.77
N SER A 305 23.56 28.86 -11.90
CA SER A 305 22.25 28.27 -11.66
C SER A 305 21.19 28.93 -12.57
N LEU A 306 19.90 28.74 -12.24
CA LEU A 306 18.83 29.49 -12.89
C LEU A 306 19.04 30.98 -12.70
N ASN A 307 19.24 31.41 -11.47
CA ASN A 307 19.88 32.68 -11.20
C ASN A 307 21.37 32.56 -11.56
N LYS A 308 21.81 33.24 -12.64
CA LYS A 308 23.16 33.14 -13.21
C LYS A 308 24.22 33.80 -12.36
N ASN A 309 23.80 34.38 -11.24
CA ASN A 309 24.63 34.97 -10.20
C ASN A 309 24.81 34.05 -8.98
N VAL A 310 24.21 32.86 -8.94
CA VAL A 310 24.44 31.90 -7.86
C VAL A 310 24.96 30.61 -8.47
N LYS A 311 25.68 29.83 -7.65
CA LYS A 311 26.27 28.59 -8.13
C LYS A 311 25.33 27.43 -7.85
N ARG A 312 25.18 26.57 -8.85
CA ARG A 312 24.06 25.63 -8.91
C ARG A 312 24.33 24.40 -8.06
N GLU A 313 23.23 23.77 -7.62
CA GLU A 313 23.34 22.53 -6.89
C GLU A 313 23.97 21.43 -7.75
N GLY A 314 23.75 21.48 -9.06
CA GLY A 314 24.32 20.47 -9.94
C GLY A 314 23.52 20.33 -11.22
N LEU A 315 23.64 19.16 -11.83
CA LEU A 315 22.99 18.87 -13.11
C LEU A 315 22.30 17.52 -13.05
N VAL A 316 21.29 17.36 -13.90
CA VAL A 316 20.61 16.10 -14.13
C VAL A 316 20.74 15.78 -15.61
N PHE A 317 21.06 14.54 -15.92
CA PHE A 317 21.22 14.07 -17.29
C PHE A 317 20.07 13.13 -17.57
N LYS A 318 19.33 13.38 -18.65
CA LYS A 318 18.24 12.49 -19.07
C LYS A 318 18.50 12.06 -20.51
N ARG A 319 18.68 10.76 -20.70
CA ARG A 319 18.92 10.22 -22.04
C ARG A 319 17.77 10.53 -22.97
N LEU A 320 18.10 10.76 -24.24
CA LEU A 320 17.11 11.27 -25.19
C LEU A 320 15.98 10.28 -25.46
N ASP A 321 16.11 9.02 -25.06
CA ASP A 321 14.98 8.11 -25.08
C ASP A 321 14.16 8.16 -23.79
N GLY A 322 14.59 8.97 -22.82
CA GLY A 322 13.88 9.13 -21.57
C GLY A 322 13.87 7.93 -20.69
N LYS A 323 14.80 6.98 -20.89
CA LYS A 323 14.84 5.74 -20.13
C LYS A 323 16.10 5.52 -19.30
N PHE A 324 17.00 6.49 -19.22
CA PHE A 324 18.15 6.33 -18.32
C PHE A 324 18.59 7.72 -17.92
N SER A 325 18.49 8.00 -16.61
CA SER A 325 18.76 9.33 -16.08
C SER A 325 19.60 9.23 -14.81
N PHE A 326 20.34 10.29 -14.53
CA PHE A 326 21.10 10.39 -13.28
C PHE A 326 21.43 11.86 -13.00
N LYS A 327 21.81 12.11 -11.77
CA LYS A 327 22.27 13.43 -11.32
C LYS A 327 23.77 13.40 -11.09
N ALA A 328 24.37 14.57 -11.25
CA ALA A 328 25.74 14.83 -10.82
C ALA A 328 25.67 16.06 -9.91
N ILE A 329 25.85 15.86 -8.61
CA ILE A 329 25.76 16.97 -7.66
C ILE A 329 27.13 17.63 -7.57
N SER A 330 27.13 18.95 -7.49
CA SER A 330 28.36 19.71 -7.39
C SER A 330 28.97 19.53 -6.00
N ASN A 331 30.21 19.05 -5.96
CA ASN A 331 30.95 18.92 -4.72
C ASN A 331 31.36 20.29 -4.21
N ALA A 332 31.62 21.24 -5.12
CA ALA A 332 31.83 22.62 -4.69
C ALA A 332 30.65 23.14 -3.88
N TYR A 333 29.42 22.90 -4.38
CA TYR A 333 28.19 23.26 -3.68
C TYR A 333 28.13 22.59 -2.32
N LEU A 334 28.42 21.28 -2.29
CA LEU A 334 28.36 20.53 -1.04
C LEU A 334 29.40 21.03 -0.05
N GLU A 335 30.60 21.36 -0.52
CA GLU A 335 31.62 21.89 0.35
C GLU A 335 31.21 23.27 0.86
N LYS A 336 30.58 24.07 0.01
CA LYS A 336 30.12 25.39 0.44
C LYS A 336 29.03 25.27 1.49
N HIS A 337 28.21 24.23 1.40
CA HIS A 337 27.02 24.13 2.24
C HIS A 337 27.12 23.10 3.37
N LYS A 338 28.32 22.72 3.81
CA LYS A 338 28.40 21.67 4.84
C LYS A 338 27.54 22.00 6.07
N ASP A 339 27.20 23.31 6.26
CA ASP A 339 26.39 23.79 7.39
C ASP A 339 24.91 23.97 7.11
N ARG A 340 24.18 23.02 6.56
CA ARG A 340 22.80 23.56 6.44
C ARG A 340 21.75 23.34 7.53
N MET B 2 -15.04 -5.38 11.64
CA MET B 2 -15.83 -4.82 10.53
C MET B 2 -14.93 -4.17 9.48
N GLY B 3 -15.34 -4.31 8.21
CA GLY B 3 -14.61 -3.74 7.08
C GLY B 3 -15.15 -2.44 6.51
N VAL B 4 -15.71 -2.52 5.31
CA VAL B 4 -16.08 -1.32 4.57
C VAL B 4 -17.58 -1.12 4.75
N ARG B 5 -18.04 0.11 4.67
CA ARG B 5 -19.48 0.33 4.84
C ARG B 5 -20.17 0.00 3.51
N LYS B 6 -21.22 -0.81 3.59
CA LYS B 6 -22.02 -1.19 2.42
C LYS B 6 -23.16 -0.19 2.28
N LEU B 7 -22.86 0.95 1.65
CA LEU B 7 -23.82 2.04 1.52
C LEU B 7 -25.05 1.62 0.73
N ALA B 8 -24.85 0.90 -0.38
CA ALA B 8 -25.96 0.40 -1.18
C ALA B 8 -25.94 -1.13 -1.14
N THR B 9 -27.01 -1.73 -0.61
CA THR B 9 -27.16 -3.19 -0.50
C THR B 9 -28.52 -3.65 -1.02
N ILE B 10 -28.61 -4.93 -1.37
CA ILE B 10 -29.89 -5.52 -1.76
C ILE B 10 -30.59 -6.07 -0.53
N ARG B 11 -31.83 -5.65 -0.30
CA ARG B 11 -32.53 -6.04 0.92
C ARG B 11 -33.98 -6.35 0.61
N THR B 12 -34.66 -6.87 1.62
CA THR B 12 -36.07 -7.25 1.57
C THR B 12 -36.90 -6.26 2.38
N ALA B 13 -38.03 -5.86 1.81
CA ALA B 13 -38.97 -5.00 2.50
C ALA B 13 -39.57 -5.76 3.68
N GLY B 14 -39.57 -5.14 4.85
CA GLY B 14 -40.26 -5.69 5.99
C GLY B 14 -41.71 -5.24 6.05
N GLU B 15 -42.22 -5.12 7.27
CA GLU B 15 -43.59 -4.67 7.49
C GLU B 15 -43.79 -3.29 6.87
N ILE B 16 -44.95 -3.10 6.22
CA ILE B 16 -45.28 -1.83 5.58
C ILE B 16 -46.52 -1.21 6.23
N THR B 17 -46.41 0.04 6.66
CA THR B 17 -47.40 0.70 7.49
C THR B 17 -47.77 2.05 6.90
N PRO B 18 -49.03 2.47 7.05
CA PRO B 18 -49.47 3.74 6.46
C PRO B 18 -48.91 4.94 7.21
N ILE B 19 -48.93 6.07 6.53
CA ILE B 19 -48.52 7.35 7.08
C ILE B 19 -49.77 8.22 7.14
N ALA B 20 -50.20 8.59 8.34
CA ALA B 20 -51.42 9.39 8.45
C ALA B 20 -51.32 10.69 7.63
N GLY B 21 -52.40 10.99 6.89
CA GLY B 21 -52.57 12.22 6.11
C GLY B 21 -51.82 12.32 4.80
N ALA B 22 -50.99 11.36 4.51
CA ALA B 22 -50.20 11.27 3.30
C ALA B 22 -50.25 9.80 2.87
N GLU B 23 -50.40 9.57 1.58
CA GLU B 23 -51.21 8.49 1.06
C GLU B 23 -50.64 8.06 -0.27
N ALA B 24 -49.91 8.99 -0.90
CA ALA B 24 -48.99 8.75 -1.98
C ALA B 24 -47.70 8.14 -1.45
N ILE B 25 -47.59 8.05 -0.12
CA ILE B 25 -46.42 7.51 0.57
C ILE B 25 -46.89 6.56 1.67
N GLU B 26 -45.97 5.72 2.12
CA GLU B 26 -46.19 4.86 3.27
C GLU B 26 -44.85 4.54 3.90
N CYS B 27 -44.88 3.89 5.05
CA CYS B 27 -43.69 3.61 5.83
C CYS B 27 -43.29 2.14 5.66
N CYS B 28 -42.04 1.89 5.27
CA CYS B 28 -41.54 0.55 4.99
C CYS B 28 -40.36 0.25 5.89
N HIS B 29 -40.40 -0.88 6.58
CA HIS B 29 -39.29 -1.29 7.42
C HIS B 29 -38.26 -2.02 6.59
N VAL B 30 -36.99 -1.70 6.78
CA VAL B 30 -35.91 -2.38 6.05
C VAL B 30 -34.87 -2.74 7.09
N ASP B 31 -34.80 -4.02 7.46
CA ASP B 31 -34.02 -4.43 8.64
C ASP B 31 -34.42 -3.50 9.78
N GLY B 32 -33.48 -2.92 10.53
CA GLY B 32 -33.82 -2.02 11.62
C GLY B 32 -34.17 -0.60 11.22
N TRP B 33 -34.13 -0.28 9.93
CA TRP B 33 -34.43 1.04 9.43
C TRP B 33 -35.91 1.17 9.13
N THR B 34 -36.37 2.41 9.10
CA THR B 34 -37.72 2.77 8.71
C THR B 34 -37.59 3.86 7.65
N CYS B 35 -38.34 3.74 6.57
CA CYS B 35 -38.04 4.45 5.34
C CYS B 35 -39.34 4.73 4.59
N VAL B 36 -39.46 5.94 4.07
CA VAL B 36 -40.66 6.35 3.34
C VAL B 36 -40.56 5.87 1.89
N ILE B 37 -41.58 5.18 1.44
CA ILE B 37 -41.70 4.76 0.05
C ILE B 37 -42.98 5.36 -0.51
N LYS B 38 -43.04 5.43 -1.83
CA LYS B 38 -44.29 5.76 -2.49
C LYS B 38 -45.21 4.54 -2.46
N LYS B 39 -46.49 4.80 -2.19
CA LYS B 39 -47.53 3.79 -2.08
C LYS B 39 -47.46 2.76 -3.20
N GLY B 40 -47.32 1.48 -2.82
CA GLY B 40 -47.36 0.41 -3.80
C GLY B 40 -46.05 0.12 -4.52
N GLU B 41 -44.94 0.74 -4.13
CA GLU B 41 -43.68 0.41 -4.79
C GLU B 41 -43.13 -0.91 -4.29
N PHE B 42 -43.45 -1.26 -3.05
CA PHE B 42 -43.05 -2.49 -2.41
C PHE B 42 -44.27 -3.07 -1.71
N LYS B 43 -44.33 -4.39 -1.67
CA LYS B 43 -45.11 -5.12 -0.68
C LYS B 43 -44.10 -5.92 0.12
N GLN B 44 -44.51 -6.35 1.30
CA GLN B 44 -43.58 -7.06 2.18
C GLN B 44 -42.97 -8.26 1.47
N GLY B 45 -41.66 -8.37 1.54
CA GLY B 45 -40.92 -9.47 0.95
C GLY B 45 -40.29 -9.17 -0.39
N ASP B 46 -40.67 -8.08 -1.05
CA ASP B 46 -40.04 -7.75 -2.32
C ASP B 46 -38.57 -7.37 -2.12
N ARG B 47 -37.76 -7.62 -3.15
CA ARG B 47 -36.36 -7.21 -3.21
C ARG B 47 -36.24 -5.74 -3.64
N GLY B 48 -35.16 -5.10 -3.22
CA GLY B 48 -34.88 -3.73 -3.62
C GLY B 48 -33.49 -3.30 -3.22
N VAL B 49 -33.07 -2.12 -3.72
CA VAL B 49 -31.79 -1.53 -3.34
C VAL B 49 -31.99 -0.54 -2.19
N TYR B 50 -31.28 -0.77 -1.09
CA TYR B 50 -31.31 0.10 0.09
C TYR B 50 -30.02 0.88 0.17
N PHE B 51 -30.14 2.20 0.09
CA PHE B 51 -29.05 3.14 0.29
C PHE B 51 -29.14 3.70 1.71
N GLU B 52 -28.08 3.54 2.49
CA GLU B 52 -28.04 4.01 3.87
C GLU B 52 -27.85 5.52 3.95
N ILE B 53 -28.18 6.09 5.12
CA ILE B 53 -27.75 7.45 5.41
C ILE B 53 -26.23 7.55 5.27
N ASP B 54 -25.75 8.72 4.87
CA ASP B 54 -24.38 9.09 4.56
C ASP B 54 -24.03 8.71 3.14
N SER B 55 -24.91 8.00 2.42
CA SER B 55 -24.69 7.76 1.00
C SER B 55 -24.72 9.08 0.26
N PHE B 56 -23.78 9.28 -0.66
CA PHE B 56 -23.82 10.39 -1.58
C PHE B 56 -24.08 9.89 -2.99
N ILE B 57 -25.20 10.34 -3.57
CA ILE B 57 -25.77 9.81 -4.80
C ILE B 57 -25.77 10.88 -5.86
N LYS B 58 -25.00 10.68 -6.93
CA LYS B 58 -24.88 11.75 -7.90
C LYS B 58 -26.21 12.00 -8.63
N GLU B 59 -26.37 13.22 -9.11
CA GLU B 59 -27.67 13.67 -9.60
C GLU B 59 -28.05 12.89 -10.86
N ASP B 60 -29.29 12.38 -10.92
CA ASP B 60 -29.74 11.56 -12.06
C ASP B 60 -31.27 11.51 -12.08
N ASN B 61 -31.89 12.11 -13.09
CA ASN B 61 -33.35 12.19 -13.14
C ASN B 61 -34.01 10.94 -13.69
N ASP B 62 -33.26 9.96 -14.22
CA ASP B 62 -33.91 8.71 -14.64
C ASP B 62 -34.10 7.80 -13.45
N ARG B 63 -33.02 7.56 -12.73
CA ARG B 63 -32.97 6.68 -11.59
C ARG B 63 -33.30 7.40 -10.28
N TYR B 64 -32.84 8.65 -10.10
CA TYR B 64 -33.01 9.27 -8.81
C TYR B 64 -33.78 10.60 -8.88
N PRO B 65 -34.93 10.64 -9.57
CA PRO B 65 -35.65 11.91 -9.68
C PRO B 65 -36.28 12.36 -8.38
N MET B 66 -36.49 11.46 -7.42
CA MET B 66 -37.04 11.82 -6.11
C MET B 66 -36.02 12.44 -5.18
N LEU B 67 -34.75 12.48 -5.56
CA LEU B 67 -33.71 13.17 -4.80
C LEU B 67 -33.45 14.54 -5.38
N SER B 68 -34.25 14.97 -6.37
CA SER B 68 -33.91 16.16 -7.13
C SER B 68 -34.08 17.44 -6.31
N LYS B 69 -34.97 17.43 -5.32
CA LYS B 69 -35.16 18.65 -4.55
C LYS B 69 -34.21 18.77 -3.38
N GLN B 70 -33.29 17.81 -3.19
CA GLN B 70 -32.30 17.93 -2.12
C GLN B 70 -30.88 17.96 -2.68
N VAL B 71 -30.72 18.39 -3.93
CA VAL B 71 -29.39 18.37 -4.54
C VAL B 71 -28.52 19.43 -3.90
N ILE B 72 -27.34 19.02 -3.47
CA ILE B 72 -26.38 19.92 -2.86
C ILE B 72 -25.11 19.83 -3.68
N ASP B 73 -24.16 20.66 -3.33
CA ASP B 73 -22.80 20.59 -3.84
C ASP B 73 -21.96 19.90 -2.77
N TYR B 74 -21.17 18.91 -3.18
CA TYR B 74 -20.27 18.21 -2.24
C TYR B 74 -19.04 17.78 -3.01
N GLU B 75 -17.87 18.25 -2.58
CA GLU B 75 -16.59 17.92 -3.24
C GLU B 75 -16.65 18.30 -4.73
N GLY B 76 -17.48 19.28 -5.07
CA GLY B 76 -17.63 19.73 -6.44
C GLY B 76 -18.59 18.96 -7.31
N GLN B 77 -19.27 17.93 -6.79
CA GLN B 77 -20.25 17.18 -7.56
C GLN B 77 -21.63 17.59 -7.13
N ARG B 78 -22.53 17.77 -8.08
CA ARG B 78 -23.92 17.94 -7.71
C ARG B 78 -24.48 16.59 -7.30
N GLY B 79 -25.26 16.59 -6.23
CA GLY B 79 -25.77 15.32 -5.75
C GLY B 79 -26.49 15.47 -4.42
N THR B 80 -26.94 14.33 -3.92
CA THR B 80 -27.79 14.27 -2.75
C THR B 80 -27.10 13.50 -1.64
N ARG B 81 -27.13 14.07 -0.46
CA ARG B 81 -26.67 13.39 0.74
C ARG B 81 -27.90 12.84 1.42
N LEU B 82 -27.94 11.53 1.63
CA LEU B 82 -29.03 10.94 2.38
C LEU B 82 -28.80 11.23 3.86
N ARG B 83 -29.80 11.78 4.51
CA ARG B 83 -29.66 12.13 5.91
C ARG B 83 -30.95 11.78 6.63
N THR B 84 -30.84 11.68 7.95
CA THR B 84 -32.02 11.50 8.78
C THR B 84 -32.99 12.64 8.50
N ALA B 85 -34.27 12.29 8.40
CA ALA B 85 -35.26 13.26 7.98
C ALA B 85 -36.59 12.89 8.61
N ARG B 86 -37.52 13.83 8.54
CA ARG B 86 -38.85 13.63 9.11
C ARG B 86 -39.83 14.13 8.05
N LEU B 87 -40.48 13.19 7.35
CA LEU B 87 -41.35 13.54 6.25
C LEU B 87 -42.79 13.27 6.63
N ARG B 88 -43.61 14.33 6.61
CA ARG B 88 -45.01 14.21 7.03
C ARG B 88 -45.10 13.60 8.43
N GLY B 89 -44.18 14.02 9.30
CA GLY B 89 -44.09 13.52 10.65
C GLY B 89 -43.41 12.18 10.83
N GLN B 90 -43.10 11.45 9.75
CA GLN B 90 -42.49 10.12 9.87
C GLN B 90 -40.96 10.18 9.82
N LEU B 91 -40.31 9.62 10.84
CA LEU B 91 -38.85 9.46 10.77
C LEU B 91 -38.47 8.59 9.58
N SER B 92 -37.55 9.07 8.78
CA SER B 92 -37.16 8.35 7.57
C SER B 92 -35.66 8.36 7.44
N GLN B 93 -35.08 7.19 7.19
CA GLN B 93 -33.63 7.07 7.05
C GLN B 93 -33.34 6.16 5.87
N GLY B 94 -32.58 6.67 4.91
CA GLY B 94 -32.21 5.92 3.72
C GLY B 94 -33.18 6.04 2.57
N LEU B 95 -32.84 5.34 1.49
CA LEU B 95 -33.63 5.34 0.27
C LEU B 95 -33.80 3.89 -0.20
N PHE B 96 -35.02 3.50 -0.51
CA PHE B 96 -35.30 2.12 -0.85
C PHE B 96 -35.98 2.10 -2.21
N LEU B 97 -35.28 1.58 -3.22
CA LEU B 97 -35.82 1.60 -4.55
C LEU B 97 -36.05 0.19 -5.07
N PRO B 98 -37.13 -0.04 -5.82
CA PRO B 98 -37.43 -1.39 -6.35
C PRO B 98 -36.38 -1.92 -7.32
N MET B 99 -36.25 -3.26 -7.34
CA MET B 99 -35.25 -3.92 -8.20
C MET B 99 -35.47 -3.64 -9.68
N ASP B 100 -36.72 -3.45 -10.11
CA ASP B 100 -37.04 -3.33 -11.53
C ASP B 100 -36.45 -2.09 -12.18
N ARG B 101 -36.00 -1.11 -11.39
CA ARG B 101 -35.31 0.06 -11.90
C ARG B 101 -33.79 -0.13 -11.92
N PHE B 102 -33.31 -1.36 -11.69
CA PHE B 102 -31.90 -1.71 -11.74
C PHE B 102 -31.75 -2.95 -12.61
N PRO B 103 -31.91 -2.81 -13.92
CA PRO B 103 -31.73 -3.99 -14.79
C PRO B 103 -30.31 -4.57 -14.76
N GLU B 104 -29.29 -3.74 -14.53
CA GLU B 104 -27.93 -4.27 -14.46
C GLU B 104 -27.67 -5.02 -13.17
N LEU B 105 -28.56 -4.92 -12.19
CA LEU B 105 -28.39 -5.62 -10.93
C LEU B 105 -29.28 -6.87 -10.85
N ALA B 106 -29.94 -7.23 -11.96
CA ALA B 106 -30.83 -8.38 -12.00
C ALA B 106 -30.12 -9.68 -11.60
N SER B 107 -28.80 -9.73 -11.77
CA SER B 107 -28.04 -10.92 -11.42
C SER B 107 -27.70 -11.00 -9.95
N ASN B 108 -27.89 -9.92 -9.19
CA ASN B 108 -27.49 -9.89 -7.78
C ASN B 108 -28.58 -10.40 -6.86
N GLN B 109 -28.19 -10.89 -5.67
CA GLN B 109 -29.21 -11.17 -4.66
C GLN B 109 -29.02 -10.47 -3.32
N VAL B 110 -30.06 -10.54 -2.50
CA VAL B 110 -30.08 -10.00 -1.14
C VAL B 110 -28.75 -10.22 -0.42
N GLY B 111 -28.26 -9.16 0.21
CA GLY B 111 -27.01 -9.16 0.91
C GLY B 111 -25.88 -8.66 0.07
N ASP B 112 -26.08 -8.59 -1.24
CA ASP B 112 -25.05 -8.12 -2.17
C ASP B 112 -24.75 -6.65 -1.93
N ASP B 113 -23.47 -6.34 -1.95
CA ASP B 113 -23.02 -4.96 -1.87
C ASP B 113 -22.94 -4.44 -3.30
N VAL B 114 -23.85 -3.55 -3.66
CA VAL B 114 -23.85 -2.97 -4.99
C VAL B 114 -23.40 -1.51 -4.93
N THR B 115 -22.71 -1.16 -3.84
CA THR B 115 -22.22 0.20 -3.65
C THR B 115 -21.34 0.57 -4.83
N GLU B 116 -20.61 -0.40 -5.34
CA GLU B 116 -19.56 0.05 -6.23
C GLU B 116 -20.00 0.01 -7.69
N ILE B 117 -20.95 -0.89 -8.03
CA ILE B 117 -21.54 -0.87 -9.36
C ILE B 117 -22.35 0.40 -9.56
N LEU B 118 -22.92 0.93 -8.47
CA LEU B 118 -23.83 2.07 -8.57
C LEU B 118 -23.12 3.42 -8.46
N GLY B 119 -21.82 3.45 -8.25
CA GLY B 119 -21.13 4.71 -8.17
C GLY B 119 -21.45 5.54 -6.95
N ILE B 120 -21.76 4.89 -5.82
CA ILE B 120 -22.14 5.56 -4.59
C ILE B 120 -20.89 5.81 -3.77
N THR B 121 -20.81 6.98 -3.14
CA THR B 121 -19.67 7.35 -2.31
C THR B 121 -20.20 7.78 -0.96
N LYS B 122 -19.33 7.79 0.05
CA LYS B 122 -19.76 8.15 1.40
C LYS B 122 -19.59 9.65 1.63
N TRP B 123 -20.65 10.29 2.10
CA TRP B 123 -20.58 11.67 2.51
C TRP B 123 -20.08 11.75 3.95
N GLU B 124 -19.33 12.79 4.25
CA GLU B 124 -18.82 12.97 5.60
C GLU B 124 -18.76 14.45 5.91
N PRO B 125 -18.88 14.85 7.17
CA PRO B 125 -18.73 16.27 7.49
C PRO B 125 -17.29 16.68 7.23
N PRO B 126 -17.01 17.96 7.00
CA PRO B 126 -15.62 18.33 6.69
C PRO B 126 -14.65 17.98 7.80
N ILE B 127 -13.97 16.85 7.64
CA ILE B 127 -12.97 16.42 8.61
C ILE B 127 -11.67 17.15 8.31
N SER B 128 -10.83 17.34 9.32
CA SER B 128 -9.65 18.17 9.11
C SER B 128 -8.30 17.46 9.12
N THR B 129 -7.31 18.14 9.73
CA THR B 129 -5.86 17.94 9.54
C THR B 129 -5.19 16.66 10.03
N ASN B 130 -4.44 16.01 9.15
CA ASN B 130 -3.43 15.01 9.49
C ASN B 130 -2.13 15.27 8.74
N LEU B 131 -1.75 16.54 8.70
CA LEU B 131 -0.75 17.14 7.82
C LEU B 131 0.27 16.17 7.25
N SER B 132 0.55 16.36 5.99
CA SER B 132 1.66 15.70 5.36
C SER B 132 2.90 16.16 6.10
N GLY B 133 3.75 15.22 6.44
CA GLY B 133 4.83 15.62 7.29
C GLY B 133 4.48 15.14 8.67
N GLU B 134 3.23 15.29 9.12
CA GLU B 134 2.88 14.71 10.40
C GLU B 134 2.62 13.22 10.31
N ILE B 135 2.61 12.65 9.11
CA ILE B 135 2.28 11.25 8.95
C ILE B 135 3.59 10.49 8.94
N LEU B 136 3.67 9.46 9.77
CA LEU B 136 4.81 8.55 9.79
C LEU B 136 4.62 7.35 8.86
N GLY B 137 3.38 6.91 8.68
CA GLY B 137 3.14 5.78 7.81
C GLY B 137 1.68 5.38 7.83
N GLU B 138 1.41 4.25 7.17
CA GLU B 138 0.08 3.66 7.12
C GLU B 138 -0.41 3.42 8.54
N PHE B 139 -1.72 3.36 8.73
CA PHE B 139 -2.22 2.83 9.98
C PHE B 139 -1.73 1.39 10.08
N PRO B 140 -1.16 0.98 11.21
CA PRO B 140 -0.53 -0.35 11.28
C PRO B 140 -1.47 -1.48 10.90
N THR B 141 -0.99 -2.36 10.01
CA THR B 141 -1.79 -3.49 9.53
C THR B 141 -1.99 -4.57 10.58
N PHE B 142 -1.25 -4.56 11.69
CA PHE B 142 -1.41 -5.56 12.75
C PHE B 142 -2.33 -5.10 13.88
N ILE B 143 -2.91 -3.90 13.75
CA ILE B 143 -3.88 -3.34 14.69
C ILE B 143 -5.21 -3.21 13.97
N SER B 144 -6.30 -3.62 14.63
CA SER B 144 -7.60 -3.39 14.01
C SER B 144 -8.01 -1.94 14.10
N LYS B 145 -8.71 -1.47 13.08
CA LYS B 145 -9.26 -0.12 13.14
C LYS B 145 -10.52 -0.15 13.98
N THR B 146 -11.10 1.02 14.20
CA THR B 146 -12.19 1.07 15.16
C THR B 146 -13.56 1.37 14.54
N ASP B 147 -14.06 0.51 13.65
CA ASP B 147 -15.37 0.73 13.06
C ASP B 147 -16.35 -0.20 13.74
N GLN B 148 -17.56 0.29 13.94
CA GLN B 148 -18.61 -0.51 14.53
C GLN B 148 -19.76 -0.59 13.54
N GLU B 149 -20.28 -1.79 13.33
CA GLU B 149 -21.49 -1.96 12.57
C GLU B 149 -22.68 -1.42 13.38
N ARG B 150 -23.75 -1.03 12.66
CA ARG B 150 -24.92 -0.44 13.27
C ARG B 150 -25.90 -1.51 13.68
N VAL B 151 -26.55 -1.30 14.83
CA VAL B 151 -27.52 -2.29 15.30
C VAL B 151 -28.63 -2.49 14.27
N GLN B 152 -28.93 -1.44 13.48
CA GLN B 152 -29.97 -1.51 12.45
C GLN B 152 -29.66 -2.52 11.37
N ASN B 153 -28.41 -2.93 11.20
CA ASN B 153 -28.04 -3.86 10.15
C ASN B 153 -27.83 -5.28 10.65
N LEU B 154 -28.03 -5.53 11.93
CA LEU B 154 -27.66 -6.82 12.50
C LEU B 154 -28.89 -7.46 13.11
N ILE B 155 -29.99 -7.48 12.36
CA ILE B 155 -31.20 -8.12 12.89
C ILE B 155 -30.95 -9.58 13.17
N PRO B 156 -30.39 -10.39 12.26
CA PRO B 156 -30.14 -11.81 12.61
C PRO B 156 -29.19 -11.99 13.79
N GLN B 157 -28.10 -11.22 13.86
CA GLN B 157 -27.13 -11.39 14.94
C GLN B 157 -27.67 -10.97 16.31
N ILE B 158 -28.66 -10.07 16.34
CA ILE B 158 -29.23 -9.62 17.61
C ILE B 158 -30.07 -10.72 18.26
N GLU B 159 -30.73 -11.58 17.48
CA GLU B 159 -31.47 -12.61 18.16
C GLU B 159 -30.63 -13.87 18.43
N GLU B 160 -29.65 -14.17 17.57
CA GLU B 160 -28.69 -15.21 17.92
C GLU B 160 -28.05 -14.95 19.28
N ASN B 161 -27.87 -13.68 19.62
CA ASN B 161 -27.22 -13.25 20.85
C ASN B 161 -28.22 -13.09 21.99
N LYS B 162 -29.37 -13.77 21.91
CA LYS B 162 -30.27 -13.81 23.06
C LYS B 162 -29.59 -14.47 24.25
N GLY B 163 -29.70 -13.81 25.40
CA GLY B 163 -29.08 -14.28 26.62
C GLY B 163 -27.67 -13.78 26.89
N GLN B 164 -26.94 -13.37 25.86
CA GLN B 164 -25.56 -12.94 26.05
C GLN B 164 -25.47 -11.59 26.77
N LYS B 165 -24.29 -11.32 27.30
CA LYS B 165 -24.03 -10.12 28.08
C LYS B 165 -23.09 -9.19 27.33
N PHE B 166 -23.30 -7.89 27.53
CA PHE B 166 -22.64 -6.84 26.77
C PHE B 166 -22.25 -5.69 27.71
N GLU B 167 -21.03 -5.18 27.56
CA GLU B 167 -20.63 -3.93 28.19
C GLU B 167 -21.26 -2.78 27.41
N VAL B 168 -21.87 -1.83 28.12
CA VAL B 168 -22.55 -0.71 27.48
C VAL B 168 -21.79 0.56 27.82
N THR B 169 -21.32 1.24 26.80
CA THR B 169 -20.49 2.43 26.94
C THR B 169 -21.14 3.53 26.12
N VAL B 170 -20.98 4.76 26.58
CA VAL B 170 -21.50 5.91 25.87
C VAL B 170 -20.56 6.21 24.71
N LYS B 171 -21.13 6.41 23.52
CA LYS B 171 -20.31 6.69 22.34
C LYS B 171 -20.01 8.18 22.32
N LEU B 172 -18.74 8.52 22.37
CA LEU B 172 -18.27 9.91 22.44
C LEU B 172 -17.90 10.39 21.04
N ALA B 173 -18.25 11.63 20.75
CA ALA B 173 -18.09 12.23 19.43
C ALA B 173 -16.77 12.98 19.40
N GLY B 174 -15.72 12.31 18.90
CA GLY B 174 -14.42 12.92 18.71
C GLY B 174 -13.77 12.38 17.44
N SER B 175 -12.50 11.97 17.54
CA SER B 175 -11.81 11.29 16.45
C SER B 175 -11.06 10.09 17.00
N SER B 176 -10.93 9.05 16.18
CA SER B 176 -10.29 7.83 16.65
C SER B 176 -8.79 8.04 16.84
N MET B 177 -8.25 7.39 17.87
CA MET B 177 -6.88 7.58 18.32
C MET B 177 -6.37 6.27 18.89
N THR B 178 -5.22 5.84 18.39
CA THR B 178 -4.56 4.62 18.82
C THR B 178 -3.16 4.92 19.33
N VAL B 179 -2.84 4.40 20.51
CA VAL B 179 -1.50 4.44 21.09
C VAL B 179 -1.06 3.00 21.31
N TYR B 180 0.02 2.61 20.67
CA TYR B 180 0.37 1.19 20.69
C TYR B 180 1.86 1.03 20.95
N ARG B 181 2.18 -0.15 21.48
CA ARG B 181 3.55 -0.63 21.59
C ARG B 181 3.64 -1.90 20.79
N LYS B 182 4.62 -1.99 19.90
CA LYS B 182 5.03 -3.28 19.34
C LYS B 182 6.53 -3.40 19.50
N ASP B 183 6.95 -4.28 20.42
CA ASP B 183 8.36 -4.52 20.75
C ASP B 183 8.94 -3.18 21.20
N ASP B 184 10.03 -2.70 20.60
CA ASP B 184 10.64 -1.44 21.02
C ASP B 184 9.83 -0.21 20.61
N HIS B 185 9.01 -0.29 19.57
CA HIS B 185 8.38 0.89 18.98
C HIS B 185 7.07 1.23 19.67
N ILE B 186 6.88 2.50 19.99
CA ILE B 186 5.62 2.99 20.53
C ILE B 186 5.17 4.17 19.67
N GLY B 187 4.03 4.00 19.01
CA GLY B 187 3.56 4.98 18.07
C GLY B 187 2.17 5.44 18.41
N VAL B 188 1.81 6.60 17.85
CA VAL B 188 0.53 7.26 18.06
C VAL B 188 -0.14 7.44 16.69
N CYS B 189 -1.42 7.06 16.61
CA CYS B 189 -2.13 7.15 15.33
C CYS B 189 -3.43 7.94 15.42
N GLY B 190 -3.90 8.40 14.27
CA GLY B 190 -5.22 8.97 14.10
C GLY B 190 -6.22 7.91 13.72
N ARG B 191 -7.24 8.28 12.97
CA ARG B 191 -8.13 7.23 12.51
C ARG B 191 -7.50 6.41 11.38
N ASN B 192 -6.66 7.05 10.56
CA ASN B 192 -6.22 6.40 9.34
C ASN B 192 -4.72 6.36 9.16
N TRP B 193 -3.95 7.07 9.97
CA TRP B 193 -2.53 7.19 9.75
C TRP B 193 -1.79 7.20 11.08
N GLU B 194 -0.56 6.67 11.08
CA GLU B 194 0.35 6.86 12.20
C GLU B 194 1.00 8.23 12.10
N LEU B 195 1.17 8.89 13.23
CA LEU B 195 1.65 10.25 13.23
C LEU B 195 2.99 10.37 13.92
N ARG B 196 3.81 11.23 13.35
CA ARG B 196 5.06 11.66 13.93
C ARG B 196 4.90 12.76 14.98
N GLU B 197 5.88 12.75 15.88
CA GLU B 197 5.93 13.59 17.06
C GLU B 197 6.16 15.03 16.64
N THR B 198 5.21 15.89 16.95
CA THR B 198 5.41 17.30 16.68
C THR B 198 4.85 18.16 17.79
N ALA B 199 5.28 19.42 17.78
CA ALA B 199 4.67 20.40 18.65
C ALA B 199 3.21 20.59 18.30
N THR B 200 2.85 20.33 17.04
CA THR B 200 1.54 20.67 16.54
C THR B 200 0.50 19.55 16.75
N ASN B 201 0.93 18.29 16.86
CA ASN B 201 0.00 17.16 16.88
C ASN B 201 -0.80 17.13 18.17
N ALA B 202 -2.14 17.17 18.05
CA ALA B 202 -3.00 17.13 19.23
C ALA B 202 -3.10 15.73 19.83
N GLN B 203 -2.90 14.69 19.01
CA GLN B 203 -2.93 13.32 19.52
C GLN B 203 -1.71 13.04 20.41
N TRP B 204 -0.52 13.45 19.98
CA TRP B 204 0.68 13.23 20.79
C TRP B 204 0.60 13.98 22.11
N HIS B 205 0.06 15.19 22.09
CA HIS B 205 -0.04 15.95 23.32
C HIS B 205 -1.02 15.30 24.29
N ALA B 206 -2.12 14.74 23.80
CA ALA B 206 -3.04 14.04 24.70
C ALA B 206 -2.41 12.76 25.25
N ALA B 207 -1.58 12.11 24.45
CA ALA B 207 -0.88 10.90 24.88
C ALA B 207 0.25 11.23 25.86
N ARG B 208 0.92 12.35 25.64
CA ARG B 208 1.99 12.73 26.57
C ARG B 208 1.42 13.21 27.90
N ARG B 209 0.29 13.90 27.90
CA ARG B 209 -0.18 14.53 29.14
C ARG B 209 -0.68 13.48 30.12
N ASN B 210 -1.27 12.39 29.62
CA ASN B 210 -1.79 11.34 30.48
C ASN B 210 -0.80 10.22 30.66
N LYS B 211 0.45 10.44 30.24
CA LYS B 211 1.55 9.49 30.31
C LYS B 211 1.17 8.07 29.85
N MET B 212 0.46 7.96 28.72
CA MET B 212 0.08 6.62 28.24
C MET B 212 1.22 5.95 27.48
N ILE B 213 2.20 6.71 27.02
CA ILE B 213 3.40 6.09 26.47
C ILE B 213 4.17 5.38 27.58
N GLU B 214 4.37 6.06 28.72
CA GLU B 214 5.11 5.43 29.81
C GLU B 214 4.35 4.24 30.40
N GLY B 215 3.02 4.31 30.36
CA GLY B 215 2.24 3.17 30.81
C GLY B 215 2.42 1.98 29.90
N LEU B 216 2.53 2.22 28.61
CA LEU B 216 2.72 1.08 27.70
C LEU B 216 4.09 0.46 27.89
N GLN B 217 5.13 1.30 28.09
CA GLN B 217 6.43 0.76 28.47
C GLN B 217 6.30 -0.03 29.75
N PHE B 218 5.57 0.50 30.72
CA PHE B 218 5.42 -0.16 31.99
C PHE B 218 4.74 -1.52 31.81
N LEU B 219 3.64 -1.55 31.06
CA LEU B 219 2.91 -2.81 30.91
C LEU B 219 3.71 -3.85 30.11
N ASN B 220 4.68 -3.41 29.30
CA ASN B 220 5.66 -4.31 28.70
C ASN B 220 5.00 -5.36 27.83
N ARG B 221 3.94 -4.94 27.13
CA ARG B 221 3.21 -5.82 26.24
C ARG B 221 2.98 -5.12 24.91
N ASN B 222 2.75 -5.93 23.89
CA ASN B 222 2.41 -5.42 22.57
C ASN B 222 0.91 -5.16 22.59
N LEU B 223 0.57 -3.90 22.90
CA LEU B 223 -0.81 -3.50 23.10
C LEU B 223 -1.08 -2.20 22.35
N ALA B 224 -2.27 -2.09 21.77
CA ALA B 224 -2.76 -0.86 21.16
C ALA B 224 -3.92 -0.33 22.01
N LEU B 225 -3.74 0.83 22.61
CA LEU B 225 -4.81 1.48 23.37
C LEU B 225 -5.63 2.29 22.40
N GLN B 226 -6.91 1.94 22.24
CA GLN B 226 -7.78 2.59 21.27
C GLN B 226 -8.89 3.34 22.00
N GLY B 227 -8.99 4.63 21.74
CA GLY B 227 -10.00 5.46 22.35
C GLY B 227 -10.26 6.70 21.52
N GLU B 228 -11.08 7.57 22.09
CA GLU B 228 -11.50 8.80 21.43
C GLU B 228 -10.87 10.01 22.10
N ILE B 229 -10.25 10.86 21.30
CA ILE B 229 -9.80 12.16 21.79
C ILE B 229 -10.92 13.15 21.52
N ILE B 230 -11.38 13.84 22.57
CA ILE B 230 -12.51 14.74 22.48
C ILE B 230 -12.12 16.05 23.15
N GLY B 231 -12.96 17.05 22.96
CA GLY B 231 -12.72 18.34 23.57
C GLY B 231 -12.70 19.45 22.54
N GLU B 232 -12.13 20.61 22.92
CA GLU B 232 -12.17 21.78 22.05
C GLU B 232 -11.56 21.50 20.70
N SER B 233 -12.13 22.14 19.66
CA SER B 233 -11.73 22.06 18.26
C SER B 233 -11.88 20.68 17.64
N ILE B 234 -12.65 19.77 18.23
CA ILE B 234 -12.85 18.44 17.67
C ILE B 234 -14.35 18.21 17.50
N GLN B 235 -14.79 18.08 16.25
CA GLN B 235 -16.18 17.87 15.90
C GLN B 235 -17.12 18.65 16.80
N GLY B 236 -16.80 19.94 16.97
CA GLY B 236 -17.66 20.85 17.68
C GLY B 236 -17.68 20.77 19.19
N ASN B 237 -16.95 19.84 19.80
CA ASN B 237 -16.79 19.79 21.26
C ASN B 237 -18.13 19.68 22.01
N LEU B 238 -18.78 18.54 21.81
CA LEU B 238 -20.14 18.34 22.31
C LEU B 238 -20.19 18.31 23.83
N GLU B 239 -19.16 17.78 24.46
CA GLU B 239 -19.10 17.61 25.92
C GLU B 239 -18.73 18.87 26.69
N LYS B 240 -18.61 20.01 26.02
CA LYS B 240 -18.42 21.25 26.73
C LYS B 240 -17.13 21.20 27.58
N LEU B 241 -16.07 20.63 27.03
CA LEU B 241 -14.82 20.54 27.77
C LEU B 241 -13.82 21.62 27.36
N LYS B 242 -13.00 22.09 28.32
CA LYS B 242 -11.88 22.94 27.94
C LYS B 242 -10.61 22.09 27.86
N GLY B 243 -9.90 22.25 26.75
CA GLY B 243 -8.79 21.40 26.39
C GLY B 243 -9.27 20.09 25.81
N GLN B 244 -8.33 19.16 25.62
CA GLN B 244 -8.63 17.89 25.00
C GLN B 244 -8.17 16.73 25.90
N ASP B 245 -8.76 15.55 25.68
CA ASP B 245 -8.38 14.40 26.47
C ASP B 245 -8.78 13.11 25.77
N PHE B 246 -8.04 12.06 26.10
CA PHE B 246 -8.25 10.73 25.56
C PHE B 246 -9.18 9.95 26.47
N TYR B 247 -10.11 9.21 25.87
CA TYR B 247 -11.02 8.32 26.59
C TYR B 247 -10.96 6.94 25.96
N LEU B 248 -10.41 5.97 26.69
CA LEU B 248 -10.22 4.65 26.15
C LEU B 248 -11.57 3.94 25.98
N PHE B 249 -11.67 3.12 24.94
CA PHE B 249 -12.82 2.25 24.79
C PHE B 249 -12.47 0.84 24.35
N ASP B 250 -11.24 0.57 23.90
CA ASP B 250 -10.81 -0.77 23.53
C ASP B 250 -9.29 -0.87 23.68
N ILE B 251 -8.83 -2.08 23.92
CA ILE B 251 -7.41 -2.40 23.83
C ILE B 251 -7.26 -3.63 22.94
N TYR B 252 -6.35 -3.54 21.96
CA TYR B 252 -6.10 -4.62 21.02
C TYR B 252 -4.81 -5.33 21.42
N ASP B 253 -4.90 -6.63 21.65
CA ASP B 253 -3.72 -7.48 21.92
C ASP B 253 -3.05 -7.79 20.58
N ILE B 254 -1.96 -7.10 20.27
CA ILE B 254 -1.37 -7.23 18.94
C ILE B 254 -0.95 -8.66 18.66
N ASP B 255 -0.39 -9.37 19.65
CA ASP B 255 0.17 -10.70 19.41
C ASP B 255 -0.91 -11.71 19.08
N LYS B 256 -1.98 -11.76 19.87
CA LYS B 256 -3.06 -12.71 19.66
C LYS B 256 -4.12 -12.16 18.71
N ALA B 257 -3.93 -10.94 18.20
CA ALA B 257 -4.82 -10.34 17.23
C ALA B 257 -6.28 -10.48 17.66
N GLN B 258 -6.55 -10.05 18.88
CA GLN B 258 -7.92 -10.03 19.41
C GLN B 258 -8.05 -8.85 20.36
N TYR B 259 -9.30 -8.44 20.60
CA TYR B 259 -9.54 -7.37 21.55
C TYR B 259 -9.56 -7.96 22.95
N LEU B 260 -9.04 -7.18 23.90
CA LEU B 260 -9.24 -7.54 25.30
C LEU B 260 -10.74 -7.53 25.59
N THR B 261 -11.18 -8.52 26.35
CA THR B 261 -12.58 -8.52 26.78
C THR B 261 -12.81 -7.32 27.69
N PRO B 262 -14.08 -6.94 27.90
CA PRO B 262 -14.34 -5.78 28.76
C PRO B 262 -13.78 -5.89 30.17
N ILE B 263 -13.85 -7.08 30.80
CA ILE B 263 -13.35 -7.18 32.15
C ILE B 263 -11.83 -7.07 32.16
N GLU B 264 -11.14 -7.70 31.18
CA GLU B 264 -9.69 -7.53 31.06
C GLU B 264 -9.31 -6.07 30.86
N ARG B 265 -10.06 -5.38 30.01
CA ARG B 265 -9.72 -3.99 29.75
C ARG B 265 -9.88 -3.16 31.00
N GLN B 266 -10.92 -3.44 31.78
CA GLN B 266 -11.13 -2.67 32.99
C GLN B 266 -10.06 -2.99 34.04
N SER B 267 -9.55 -4.23 34.06
CA SER B 267 -8.43 -4.55 34.94
C SER B 267 -7.19 -3.75 34.57
N LEU B 268 -6.88 -3.69 33.26
CA LEU B 268 -5.69 -2.98 32.81
C LEU B 268 -5.80 -1.48 33.05
N VAL B 269 -7.00 -0.91 32.90
CA VAL B 269 -7.15 0.52 33.17
C VAL B 269 -6.94 0.80 34.66
N LYS B 270 -7.49 -0.07 35.52
CA LYS B 270 -7.22 0.02 36.96
C LYS B 270 -5.73 -0.16 37.24
N GLN B 271 -5.15 -1.25 36.70
CA GLN B 271 -3.71 -1.48 36.82
C GLN B 271 -2.92 -0.26 36.36
N LEU B 272 -3.31 0.33 35.22
CA LEU B 272 -2.61 1.51 34.72
C LEU B 272 -2.73 2.68 35.68
N ASN B 273 -3.91 2.82 36.28
CA ASN B 273 -4.12 3.94 37.19
C ASN B 273 -3.51 3.64 38.56
N ASP B 274 -3.50 2.38 38.97
CA ASP B 274 -2.86 2.02 40.22
C ASP B 274 -1.36 2.34 40.22
N ASN B 275 -0.73 2.42 39.06
CA ASN B 275 0.71 2.69 38.97
C ASN B 275 1.01 4.13 38.54
N GLY B 276 0.05 5.03 38.62
CA GLY B 276 0.29 6.42 38.28
C GLY B 276 0.15 6.77 36.82
N PHE B 277 -0.43 5.90 35.99
CA PHE B 277 -0.71 6.24 34.59
C PHE B 277 -2.21 6.41 34.44
N THR B 278 -2.66 7.67 34.49
CA THR B 278 -4.08 8.01 34.63
C THR B 278 -4.71 8.12 33.25
N VAL B 279 -5.25 7.00 32.78
CA VAL B 279 -5.90 6.91 31.48
C VAL B 279 -7.40 6.82 31.72
N LYS B 280 -8.14 7.83 31.26
CA LYS B 280 -9.58 7.81 31.39
C LYS B 280 -10.21 6.86 30.37
N HIS B 281 -11.44 6.45 30.65
CA HIS B 281 -12.25 5.51 29.87
C HIS B 281 -13.58 6.16 29.52
N VAL B 282 -14.16 5.76 28.39
CA VAL B 282 -15.49 6.27 28.03
C VAL B 282 -16.47 5.84 29.11
N PRO B 283 -17.50 6.63 29.40
CA PRO B 283 -18.48 6.23 30.44
C PRO B 283 -18.98 4.81 30.21
N ILE B 284 -18.88 3.98 31.25
CA ILE B 284 -19.38 2.62 31.19
C ILE B 284 -20.68 2.60 31.98
N LEU B 285 -21.73 2.03 31.37
CA LEU B 285 -23.01 1.93 32.02
C LEU B 285 -23.20 0.47 32.43
N ASP B 286 -24.39 0.17 32.96
CA ASP B 286 -24.63 -1.17 33.47
C ASP B 286 -24.54 -2.17 32.32
N ASP B 287 -23.93 -3.31 32.58
CA ASP B 287 -23.89 -4.35 31.57
C ASP B 287 -25.31 -4.68 31.15
N LEU B 288 -25.45 -5.28 29.98
CA LEU B 288 -26.76 -5.59 29.44
C LEU B 288 -26.84 -7.07 29.10
N GLU B 289 -27.82 -7.75 29.67
CA GLU B 289 -28.16 -9.09 29.22
C GLU B 289 -29.11 -8.94 28.04
N LEU B 290 -28.67 -9.38 26.87
CA LEU B 290 -29.42 -9.06 25.67
C LEU B 290 -30.70 -9.90 25.64
N ASN B 291 -31.84 -9.22 25.61
CA ASN B 291 -33.17 -9.83 25.46
C ASN B 291 -34.07 -8.80 24.78
N HIS B 292 -33.68 -8.38 23.57
CA HIS B 292 -34.22 -7.19 22.92
C HIS B 292 -34.27 -7.33 21.40
N THR B 293 -35.09 -6.47 20.81
CA THR B 293 -35.14 -6.24 19.38
C THR B 293 -34.24 -5.07 19.00
N ALA B 294 -33.93 -4.98 17.70
CA ALA B 294 -33.18 -3.82 17.22
C ALA B 294 -33.91 -2.53 17.52
N GLU B 295 -35.25 -2.51 17.48
CA GLU B 295 -35.95 -1.26 17.86
C GLU B 295 -35.74 -0.87 19.30
N GLN B 296 -35.72 -1.87 20.19
CA GLN B 296 -35.59 -1.53 21.59
C GLN B 296 -34.17 -1.10 21.91
N ILE B 297 -33.17 -1.65 21.21
CA ILE B 297 -31.81 -1.20 21.44
C ILE B 297 -31.66 0.27 21.12
N LEU B 298 -32.27 0.73 20.02
CA LEU B 298 -32.17 2.15 19.67
C LEU B 298 -32.78 3.05 20.72
N ALA B 299 -33.83 2.59 21.43
CA ALA B 299 -34.45 3.46 22.42
C ALA B 299 -33.50 3.78 23.57
N MET B 300 -32.55 2.89 23.86
CA MET B 300 -31.57 3.23 24.89
C MET B 300 -30.62 4.32 24.42
N ALA B 301 -30.50 4.53 23.09
CA ALA B 301 -29.38 5.31 22.56
C ALA B 301 -29.34 6.72 23.12
N ASP B 302 -30.49 7.35 23.30
CA ASP B 302 -30.49 8.70 23.84
C ASP B 302 -30.29 8.67 25.36
N GLY B 303 -29.72 9.75 25.90
CA GLY B 303 -29.43 9.84 27.32
C GLY B 303 -28.26 10.75 27.64
N PRO B 304 -27.80 10.72 28.90
CA PRO B 304 -26.73 11.64 29.29
C PRO B 304 -25.39 11.21 28.73
N SER B 305 -24.57 12.19 28.38
CA SER B 305 -23.28 11.93 27.78
C SER B 305 -22.19 11.90 28.87
N LEU B 306 -20.93 12.06 28.47
CA LEU B 306 -19.87 12.25 29.45
C LEU B 306 -20.18 13.46 30.31
N ASN B 307 -20.44 14.59 29.66
CA ASN B 307 -21.15 15.70 30.26
C ASN B 307 -22.60 15.31 30.48
N LYS B 308 -23.01 15.15 31.74
CA LYS B 308 -24.36 14.70 32.04
C LYS B 308 -25.43 15.74 31.71
N ASN B 309 -25.04 16.92 31.23
CA ASN B 309 -25.99 17.95 30.78
C ASN B 309 -26.20 17.93 29.27
N VAL B 310 -25.34 17.23 28.52
CA VAL B 310 -25.43 17.18 27.07
C VAL B 310 -25.90 15.77 26.76
N LYS B 311 -26.73 15.63 25.74
CA LYS B 311 -27.19 14.31 25.37
C LYS B 311 -26.32 13.74 24.26
N ARG B 312 -26.05 12.46 24.40
CA ARG B 312 -25.01 11.69 23.79
C ARG B 312 -25.31 11.29 22.35
N GLU B 313 -24.21 11.04 21.61
CA GLU B 313 -24.27 10.54 20.24
C GLU B 313 -24.88 9.15 20.17
N GLY B 314 -24.73 8.34 21.22
CA GLY B 314 -25.32 7.00 21.21
C GLY B 314 -24.60 6.08 22.18
N LEU B 315 -24.72 4.78 21.91
CA LEU B 315 -24.09 3.74 22.74
C LEU B 315 -23.38 2.72 21.86
N VAL B 316 -22.35 2.12 22.43
CA VAL B 316 -21.68 0.98 21.83
C VAL B 316 -21.80 -0.20 22.78
N PHE B 317 -22.11 -1.36 22.21
CA PHE B 317 -22.24 -2.62 22.93
C PHE B 317 -21.10 -3.54 22.55
N LYS B 318 -20.40 -4.06 23.56
CA LYS B 318 -19.30 -4.99 23.37
C LYS B 318 -19.59 -6.25 24.18
N ARG B 319 -19.74 -7.38 23.49
CA ARG B 319 -19.99 -8.64 24.17
C ARG B 319 -18.83 -8.99 25.10
N LEU B 320 -19.15 -9.66 26.21
CA LEU B 320 -18.18 -9.83 27.27
C LEU B 320 -16.97 -10.68 26.88
N ASP B 321 -17.02 -11.38 25.75
CA ASP B 321 -15.84 -12.05 25.23
C ASP B 321 -15.02 -11.18 24.27
N GLY B 322 -15.46 -9.95 24.00
CA GLY B 322 -14.71 -9.05 23.14
C GLY B 322 -14.65 -9.44 21.67
N LYS B 323 -15.57 -10.29 21.19
CA LYS B 323 -15.54 -10.74 19.80
C LYS B 323 -16.78 -10.38 19.00
N PHE B 324 -17.71 -9.61 19.57
CA PHE B 324 -18.87 -9.15 18.80
C PHE B 324 -19.34 -7.84 19.40
N SER B 325 -19.29 -6.78 18.61
CA SER B 325 -19.67 -5.44 19.06
C SER B 325 -20.46 -4.75 17.96
N PHE B 326 -21.28 -3.77 18.35
CA PHE B 326 -22.04 -2.92 17.45
C PHE B 326 -22.36 -1.60 18.14
N LYS B 327 -22.75 -0.62 17.34
CA LYS B 327 -23.18 0.69 17.83
C LYS B 327 -24.68 0.93 17.59
N ALA B 328 -25.28 1.72 18.49
CA ALA B 328 -26.63 2.23 18.33
C ALA B 328 -26.55 3.75 18.47
N ILE B 329 -26.68 4.46 17.35
CA ILE B 329 -26.58 5.91 17.34
C ILE B 329 -27.94 6.51 17.64
N SER B 330 -27.95 7.56 18.46
CA SER B 330 -29.20 8.19 18.86
C SER B 330 -29.86 8.91 17.68
N ASN B 331 -31.11 8.58 17.41
CA ASN B 331 -31.83 9.29 16.35
C ASN B 331 -32.20 10.70 16.78
N ALA B 332 -32.52 10.89 18.07
CA ALA B 332 -32.66 12.25 18.58
C ALA B 332 -31.40 13.07 18.29
N TYR B 333 -30.23 12.47 18.50
CA TYR B 333 -28.98 13.13 18.14
C TYR B 333 -28.94 13.45 16.65
N LEU B 334 -29.24 12.46 15.80
CA LEU B 334 -29.12 12.65 14.36
C LEU B 334 -30.06 13.74 13.87
N GLU B 335 -31.26 13.79 14.42
CA GLU B 335 -32.20 14.84 14.03
C GLU B 335 -31.75 16.22 14.49
N LYS B 336 -31.16 16.33 15.70
CA LYS B 336 -30.70 17.63 16.23
C LYS B 336 -29.52 18.21 15.44
N HIS B 337 -28.60 17.36 15.00
CA HIS B 337 -27.33 17.79 14.37
C HIS B 337 -27.40 17.57 12.87
N LYS B 338 -28.20 18.44 12.24
CA LYS B 338 -28.54 18.32 10.82
C LYS B 338 -27.33 18.30 9.90
N ASP B 339 -26.19 18.87 10.33
CA ASP B 339 -24.97 18.76 9.55
C ASP B 339 -24.11 17.57 9.94
N ARG B 340 -24.70 16.54 10.54
CA ARG B 340 -23.99 15.28 10.78
C ARG B 340 -24.88 14.14 10.31
N MET C 2 -19.88 7.15 -39.66
CA MET C 2 -20.03 6.21 -40.79
C MET C 2 -19.20 6.66 -42.00
N GLY C 3 -19.35 5.96 -43.12
CA GLY C 3 -18.77 6.39 -44.39
C GLY C 3 -19.75 7.39 -44.96
N VAL C 4 -19.28 8.62 -45.23
CA VAL C 4 -20.10 9.83 -45.41
C VAL C 4 -20.50 10.21 -43.97
N ARG C 5 -19.57 10.87 -43.26
CA ARG C 5 -19.79 11.20 -41.86
C ARG C 5 -20.95 12.17 -41.74
N LYS C 6 -21.92 11.84 -40.90
CA LYS C 6 -23.00 12.80 -40.76
C LYS C 6 -22.96 13.34 -39.33
N LEU C 7 -21.85 14.01 -39.01
CA LEU C 7 -21.66 14.54 -37.67
C LEU C 7 -22.67 15.63 -37.35
N ALA C 8 -22.89 16.56 -38.29
CA ALA C 8 -23.83 17.66 -38.14
C ALA C 8 -24.92 17.55 -39.20
N THR C 9 -26.17 17.39 -38.79
CA THR C 9 -27.27 17.24 -39.71
C THR C 9 -28.41 18.16 -39.31
N ILE C 10 -29.28 18.44 -40.26
CA ILE C 10 -30.49 19.20 -39.97
C ILE C 10 -31.60 18.23 -39.63
N ARG C 11 -32.17 18.41 -38.42
CA ARG C 11 -33.12 17.49 -37.83
C ARG C 11 -34.25 18.29 -37.17
N THR C 12 -35.26 17.57 -36.72
CA THR C 12 -36.46 18.18 -36.16
C THR C 12 -36.55 17.95 -34.66
N ALA C 13 -36.93 18.98 -33.92
CA ALA C 13 -37.16 18.79 -32.49
C ALA C 13 -38.37 17.89 -32.30
N GLY C 14 -38.17 16.81 -31.55
CA GLY C 14 -39.27 15.95 -31.15
C GLY C 14 -39.90 16.43 -29.85
N GLU C 15 -40.30 15.49 -29.01
CA GLU C 15 -40.91 15.84 -27.73
C GLU C 15 -39.96 16.66 -26.85
N ILE C 16 -40.50 17.69 -26.21
CA ILE C 16 -39.75 18.52 -25.28
C ILE C 16 -40.41 18.44 -23.93
N THR C 17 -39.62 18.09 -22.91
CA THR C 17 -40.07 17.81 -21.56
C THR C 17 -39.22 18.62 -20.59
N PRO C 18 -39.80 19.01 -19.46
CA PRO C 18 -39.04 19.81 -18.48
C PRO C 18 -38.01 18.99 -17.72
N ILE C 19 -37.06 19.71 -17.12
CA ILE C 19 -36.00 19.13 -16.33
C ILE C 19 -36.19 19.54 -14.88
N ALA C 20 -36.45 18.54 -14.03
CA ALA C 20 -36.76 18.79 -12.62
C ALA C 20 -35.66 19.61 -11.97
N GLY C 21 -36.08 20.57 -11.15
CA GLY C 21 -35.11 21.39 -10.47
C GLY C 21 -34.46 22.45 -11.34
N ALA C 22 -34.82 22.54 -12.62
CA ALA C 22 -34.14 23.41 -13.57
C ALA C 22 -35.10 24.23 -14.39
N GLU C 23 -34.77 25.51 -14.53
CA GLU C 23 -35.50 26.67 -15.00
C GLU C 23 -35.04 27.13 -16.39
N ALA C 24 -33.77 27.38 -16.62
CA ALA C 24 -33.30 27.86 -17.93
C ALA C 24 -33.13 26.75 -18.96
N ILE C 25 -33.35 25.49 -18.61
CA ILE C 25 -33.08 24.40 -19.55
C ILE C 25 -34.28 23.47 -19.60
N GLU C 26 -34.30 22.67 -20.67
CA GLU C 26 -35.28 21.60 -20.79
C GLU C 26 -34.66 20.51 -21.65
N CYS C 27 -35.34 19.37 -21.72
CA CYS C 27 -34.87 18.20 -22.41
C CYS C 27 -35.58 18.10 -23.75
N CYS C 28 -34.81 18.00 -24.83
CA CYS C 28 -35.39 17.88 -26.17
C CYS C 28 -34.98 16.58 -26.85
N HIS C 29 -35.99 15.85 -27.37
CA HIS C 29 -35.73 14.63 -28.12
C HIS C 29 -35.44 15.01 -29.58
N VAL C 30 -34.40 14.39 -30.13
CA VAL C 30 -33.98 14.59 -31.51
C VAL C 30 -33.74 13.19 -32.08
N ASP C 31 -34.66 12.72 -32.94
CA ASP C 31 -34.70 11.30 -33.36
C ASP C 31 -34.63 10.47 -32.09
N GLY C 32 -33.76 9.46 -32.03
CA GLY C 32 -33.58 8.69 -30.84
C GLY C 32 -32.72 9.34 -29.80
N TRP C 33 -32.18 10.51 -30.08
CA TRP C 33 -31.31 11.10 -29.08
C TRP C 33 -32.11 11.97 -28.11
N THR C 34 -31.51 12.20 -26.96
CA THR C 34 -32.03 13.09 -25.95
C THR C 34 -30.94 14.11 -25.64
N CYS C 35 -31.32 15.37 -25.59
CA CYS C 35 -30.33 16.43 -25.63
C CYS C 35 -30.88 17.63 -24.88
N VAL C 36 -30.06 18.25 -24.02
CA VAL C 36 -30.49 19.37 -23.19
C VAL C 36 -30.41 20.66 -24.00
N ILE C 37 -31.49 21.43 -24.03
CA ILE C 37 -31.51 22.74 -24.69
C ILE C 37 -31.84 23.80 -23.64
N LYS C 38 -31.50 25.04 -23.98
CA LYS C 38 -31.90 26.18 -23.16
C LYS C 38 -33.38 26.47 -23.39
N LYS C 39 -34.10 26.72 -22.29
CA LYS C 39 -35.55 26.93 -22.28
C LYS C 39 -36.01 27.86 -23.40
N GLY C 40 -36.91 27.35 -24.24
CA GLY C 40 -37.53 28.15 -25.28
C GLY C 40 -36.75 28.28 -26.56
N GLU C 41 -35.62 27.61 -26.70
CA GLU C 41 -34.94 27.71 -27.98
C GLU C 41 -35.71 26.99 -29.09
N PHE C 42 -36.53 26.00 -28.73
CA PHE C 42 -37.25 25.18 -29.70
C PHE C 42 -38.70 24.95 -29.28
N LYS C 43 -39.55 24.83 -30.28
CA LYS C 43 -40.81 24.11 -30.10
C LYS C 43 -40.66 22.74 -30.75
N GLN C 44 -41.54 21.81 -30.38
CA GLN C 44 -41.62 20.54 -31.07
C GLN C 44 -41.95 20.85 -32.51
N GLY C 45 -41.17 20.28 -33.44
CA GLY C 45 -41.31 20.49 -34.86
C GLY C 45 -40.36 21.51 -35.47
N ASP C 46 -39.67 22.30 -34.68
CA ASP C 46 -38.68 23.24 -35.20
C ASP C 46 -37.49 22.51 -35.83
N ARG C 47 -36.87 23.18 -36.80
CA ARG C 47 -35.63 22.74 -37.43
C ARG C 47 -34.43 23.21 -36.61
N GLY C 48 -33.32 22.50 -36.76
CA GLY C 48 -32.09 22.85 -36.08
C GLY C 48 -30.96 21.98 -36.59
N VAL C 49 -29.73 22.33 -36.19
CA VAL C 49 -28.57 21.52 -36.52
C VAL C 49 -28.25 20.64 -35.32
N TYR C 50 -28.19 19.33 -35.55
CA TYR C 50 -27.89 18.37 -34.51
C TYR C 50 -26.47 17.88 -34.72
N PHE C 51 -25.60 18.14 -33.74
CA PHE C 51 -24.22 17.64 -33.73
C PHE C 51 -24.17 16.39 -32.88
N GLU C 52 -23.73 15.25 -33.45
CA GLU C 52 -23.64 14.00 -32.68
C GLU C 52 -22.44 13.99 -31.74
N ILE C 53 -22.52 13.16 -30.70
CA ILE C 53 -21.37 12.85 -29.88
C ILE C 53 -20.26 12.37 -30.81
N ASP C 54 -19.02 12.65 -30.43
CA ASP C 54 -17.75 12.44 -31.12
C ASP C 54 -17.46 13.59 -32.10
N SER C 55 -18.40 14.52 -32.33
CA SER C 55 -18.06 15.68 -33.13
C SER C 55 -16.99 16.49 -32.42
N PHE C 56 -15.99 16.92 -33.20
CA PHE C 56 -15.02 17.89 -32.71
C PHE C 56 -15.32 19.22 -33.39
N ILE C 57 -15.60 20.23 -32.58
CA ILE C 57 -16.09 21.51 -33.03
C ILE C 57 -15.13 22.61 -32.62
N LYS C 58 -14.53 23.28 -33.60
CA LYS C 58 -13.55 24.33 -33.32
C LYS C 58 -14.21 25.49 -32.59
N GLU C 59 -13.37 26.26 -31.90
CA GLU C 59 -13.82 27.30 -30.97
C GLU C 59 -14.55 28.42 -31.70
N ASP C 60 -15.65 28.89 -31.11
CA ASP C 60 -16.48 29.96 -31.67
C ASP C 60 -17.40 30.50 -30.59
N ASN C 61 -17.26 31.80 -30.30
CA ASN C 61 -17.86 32.49 -29.15
C ASN C 61 -19.33 32.82 -29.30
N ASP C 62 -19.78 33.11 -30.52
CA ASP C 62 -21.19 33.41 -30.75
C ASP C 62 -21.98 32.16 -31.15
N ARG C 63 -21.40 31.27 -31.94
CA ARG C 63 -22.13 30.08 -32.36
C ARG C 63 -22.06 28.98 -31.30
N TYR C 64 -20.90 28.79 -30.66
CA TYR C 64 -20.73 27.66 -29.73
C TYR C 64 -20.20 28.09 -28.36
N PRO C 65 -20.82 29.09 -27.71
CA PRO C 65 -20.31 29.49 -26.40
C PRO C 65 -20.57 28.47 -25.31
N MET C 66 -21.54 27.57 -25.49
CA MET C 66 -21.78 26.56 -24.49
C MET C 66 -20.71 25.47 -24.50
N LEU C 67 -19.79 25.49 -25.48
CA LEU C 67 -18.67 24.58 -25.52
C LEU C 67 -17.35 25.21 -25.06
N SER C 68 -17.35 26.50 -24.71
CA SER C 68 -16.09 27.22 -24.60
C SER C 68 -15.24 26.74 -23.41
N LYS C 69 -15.86 26.26 -22.35
CA LYS C 69 -15.08 25.87 -21.19
C LYS C 69 -14.70 24.40 -21.19
N GLN C 70 -14.90 23.69 -22.26
CA GLN C 70 -14.49 22.29 -22.24
C GLN C 70 -13.48 22.10 -23.37
N VAL C 71 -12.80 23.18 -23.77
CA VAL C 71 -11.90 23.17 -24.91
C VAL C 71 -10.68 22.30 -24.62
N ILE C 72 -10.32 21.46 -25.58
CA ILE C 72 -9.17 20.57 -25.50
C ILE C 72 -8.31 20.76 -26.74
N ASP C 73 -7.16 20.10 -26.72
CA ASP C 73 -6.29 19.99 -27.89
C ASP C 73 -6.55 18.65 -28.57
N TYR C 74 -6.68 18.69 -29.89
CA TYR C 74 -6.83 17.48 -30.69
C TYR C 74 -6.11 17.73 -32.00
N GLU C 75 -5.04 16.97 -32.25
CA GLU C 75 -4.25 17.08 -33.47
C GLU C 75 -3.74 18.51 -33.70
N GLY C 76 -3.45 19.25 -32.64
CA GLY C 76 -3.00 20.61 -32.86
C GLY C 76 -4.12 21.61 -33.06
N GLN C 77 -5.37 21.18 -32.92
CA GLN C 77 -6.54 22.04 -33.09
C GLN C 77 -7.12 22.37 -31.72
N ARG C 78 -7.47 23.64 -31.49
CA ARG C 78 -8.30 23.95 -30.34
C ARG C 78 -9.75 23.66 -30.66
N GLY C 79 -10.46 23.04 -29.73
CA GLY C 79 -11.85 22.76 -29.98
C GLY C 79 -12.44 21.87 -28.92
N THR C 80 -13.72 21.57 -29.11
CA THR C 80 -14.51 20.85 -28.13
C THR C 80 -14.99 19.52 -28.69
N ARG C 81 -14.83 18.47 -27.90
CA ARG C 81 -15.33 17.14 -28.22
C ARG C 81 -16.65 16.89 -27.50
N LEU C 82 -17.68 16.59 -28.28
CA LEU C 82 -18.98 16.24 -27.72
C LEU C 82 -18.96 14.79 -27.20
N ARG C 83 -19.49 14.64 -26.00
CA ARG C 83 -19.44 13.50 -25.09
C ARG C 83 -20.85 13.23 -24.59
N THR C 84 -21.11 11.98 -24.26
CA THR C 84 -22.21 11.69 -23.36
C THR C 84 -21.96 12.41 -22.04
N ALA C 85 -23.00 13.01 -21.49
CA ALA C 85 -22.90 13.81 -20.28
C ALA C 85 -24.21 13.70 -19.51
N ARG C 86 -24.19 14.22 -18.31
CA ARG C 86 -25.35 14.24 -17.43
C ARG C 86 -25.39 15.65 -16.83
N LEU C 87 -26.35 16.46 -17.28
CA LEU C 87 -26.50 17.87 -16.88
C LEU C 87 -27.77 18.01 -16.05
N ARG C 88 -27.62 18.47 -14.81
CA ARG C 88 -28.75 18.57 -13.89
C ARG C 88 -29.50 17.24 -13.77
N GLY C 89 -28.76 16.13 -13.79
CA GLY C 89 -29.39 14.84 -13.75
C GLY C 89 -29.92 14.30 -15.07
N GLN C 90 -29.89 15.09 -16.14
CA GLN C 90 -30.42 14.66 -17.43
C GLN C 90 -29.31 14.08 -18.29
N LEU C 91 -29.45 12.82 -18.69
CA LEU C 91 -28.55 12.30 -19.72
C LEU C 91 -28.73 13.17 -20.96
N SER C 92 -27.61 13.67 -21.51
CA SER C 92 -27.65 14.60 -22.63
C SER C 92 -26.58 14.21 -23.63
N GLN C 93 -26.94 14.13 -24.91
CA GLN C 93 -26.00 13.63 -25.92
C GLN C 93 -26.16 14.47 -27.17
N GLY C 94 -25.05 15.07 -27.58
CA GLY C 94 -25.04 15.92 -28.74
C GLY C 94 -25.40 17.33 -28.39
N LEU C 95 -25.43 18.15 -29.44
CA LEU C 95 -25.74 19.58 -29.37
C LEU C 95 -26.75 19.92 -30.47
N PHE C 96 -27.83 20.59 -30.10
CA PHE C 96 -28.93 20.88 -31.02
C PHE C 96 -29.12 22.39 -31.02
N LEU C 97 -28.83 23.05 -32.14
CA LEU C 97 -28.83 24.50 -32.17
C LEU C 97 -29.86 25.05 -33.15
N PRO C 98 -30.55 26.14 -32.82
CA PRO C 98 -31.59 26.67 -33.73
C PRO C 98 -31.04 27.13 -35.07
N MET C 99 -31.88 27.01 -36.10
CA MET C 99 -31.48 27.35 -37.46
C MET C 99 -31.06 28.80 -37.62
N ASP C 100 -31.62 29.72 -36.83
CA ASP C 100 -31.35 31.14 -37.06
C ASP C 100 -29.90 31.52 -36.79
N ARG C 101 -29.15 30.70 -36.07
CA ARG C 101 -27.75 31.02 -35.84
C ARG C 101 -26.85 30.50 -36.94
N PHE C 102 -27.41 30.03 -38.04
CA PHE C 102 -26.63 29.49 -39.15
C PHE C 102 -27.04 30.11 -40.48
N PRO C 103 -26.63 31.37 -40.74
CA PRO C 103 -26.98 31.97 -42.03
C PRO C 103 -26.41 31.20 -43.23
N GLU C 104 -25.25 30.55 -43.12
CA GLU C 104 -24.77 29.85 -44.31
C GLU C 104 -25.61 28.60 -44.62
N LEU C 105 -26.53 28.17 -43.75
CA LEU C 105 -27.38 26.99 -43.93
C LEU C 105 -28.82 27.33 -44.32
N ALA C 106 -29.08 28.58 -44.73
CA ALA C 106 -30.43 29.08 -44.92
C ALA C 106 -31.30 28.24 -45.87
N SER C 107 -30.72 27.74 -46.98
CA SER C 107 -31.45 26.94 -47.98
C SER C 107 -31.47 25.43 -47.74
N ASN C 108 -30.84 24.92 -46.69
CA ASN C 108 -30.73 23.48 -46.52
C ASN C 108 -32.03 22.89 -45.95
N GLN C 109 -32.25 21.61 -46.22
CA GLN C 109 -33.44 20.91 -45.72
C GLN C 109 -33.10 19.99 -44.56
N VAL C 110 -34.13 19.66 -43.79
CA VAL C 110 -34.04 18.55 -42.85
C VAL C 110 -33.41 17.35 -43.55
N GLY C 111 -32.44 16.71 -42.90
CA GLY C 111 -31.75 15.57 -43.48
C GLY C 111 -30.46 15.91 -44.20
N ASP C 112 -30.21 17.18 -44.49
CA ASP C 112 -28.98 17.58 -45.15
C ASP C 112 -27.78 17.34 -44.24
N ASP C 113 -26.68 16.90 -44.84
CA ASP C 113 -25.43 16.77 -44.10
C ASP C 113 -24.70 18.09 -44.19
N VAL C 114 -24.53 18.78 -43.06
CA VAL C 114 -23.83 20.05 -43.01
C VAL C 114 -22.49 19.93 -42.28
N THR C 115 -21.93 18.72 -42.18
CA THR C 115 -20.67 18.52 -41.47
C THR C 115 -19.55 19.37 -42.05
N GLU C 116 -19.42 19.38 -43.37
CA GLU C 116 -18.28 20.03 -43.97
C GLU C 116 -18.49 21.53 -44.14
N ILE C 117 -19.71 22.01 -44.36
CA ILE C 117 -19.90 23.46 -44.44
C ILE C 117 -19.64 24.11 -43.08
N LEU C 118 -19.89 23.36 -42.00
CA LEU C 118 -19.68 23.88 -40.66
C LEU C 118 -18.27 23.56 -40.13
N GLY C 119 -17.48 22.80 -40.90
CA GLY C 119 -16.12 22.50 -40.51
C GLY C 119 -15.98 21.53 -39.36
N ILE C 120 -16.87 20.57 -39.26
CA ILE C 120 -16.88 19.63 -38.14
C ILE C 120 -16.06 18.41 -38.50
N THR C 121 -15.35 17.87 -37.50
CA THR C 121 -14.50 16.69 -37.66
C THR C 121 -14.83 15.68 -36.56
N LYS C 122 -14.47 14.41 -36.77
CA LYS C 122 -14.69 13.38 -35.77
C LYS C 122 -13.47 13.25 -34.86
N TRP C 123 -13.70 13.22 -33.55
CA TRP C 123 -12.65 12.94 -32.59
C TRP C 123 -12.48 11.44 -32.40
N GLU C 124 -11.24 10.97 -32.27
CA GLU C 124 -10.95 9.56 -32.02
C GLU C 124 -9.67 9.40 -31.21
N PRO C 125 -9.58 8.36 -30.37
CA PRO C 125 -8.37 8.15 -29.55
C PRO C 125 -7.17 7.78 -30.41
N PRO C 126 -5.95 7.97 -29.89
CA PRO C 126 -4.75 7.59 -30.66
C PRO C 126 -4.66 6.09 -30.86
N ILE C 127 -4.08 5.71 -31.99
CA ILE C 127 -3.89 4.31 -32.35
C ILE C 127 -2.71 3.73 -31.59
N SER C 128 -2.61 2.38 -31.57
CA SER C 128 -1.43 1.83 -30.91
C SER C 128 -0.21 1.83 -31.82
N THR C 129 0.92 1.63 -31.14
CA THR C 129 2.20 1.29 -31.73
C THR C 129 2.20 -0.13 -32.35
N ASN C 130 1.43 -1.09 -31.82
CA ASN C 130 1.44 -2.41 -32.46
C ASN C 130 0.31 -2.61 -33.45
N LEU C 131 -0.55 -1.61 -33.60
CA LEU C 131 -1.61 -1.64 -34.60
C LEU C 131 -1.37 -0.70 -35.77
N SER C 132 -0.36 0.19 -35.70
CA SER C 132 0.16 0.88 -36.86
C SER C 132 1.18 0.03 -37.59
N GLY C 133 1.32 0.22 -38.90
CA GLY C 133 2.38 -0.46 -39.63
C GLY C 133 2.70 0.22 -40.94
N GLU C 134 3.17 -0.57 -41.90
CA GLU C 134 3.51 -0.12 -43.25
C GLU C 134 2.37 -0.41 -44.23
N ILE C 135 2.03 0.56 -45.04
CA ILE C 135 0.83 0.46 -45.87
C ILE C 135 1.16 -0.15 -47.23
N LEU C 136 0.29 -1.06 -47.70
CA LEU C 136 0.38 -1.65 -49.04
C LEU C 136 -0.39 -0.85 -50.08
N GLY C 137 -1.53 -0.29 -49.68
CA GLY C 137 -2.35 0.46 -50.60
C GLY C 137 -3.67 0.81 -49.95
N GLU C 138 -4.56 1.36 -50.76
CA GLU C 138 -5.90 1.70 -50.34
C GLU C 138 -6.65 0.47 -49.83
N PHE C 139 -7.66 0.73 -49.01
CA PHE C 139 -8.65 -0.30 -48.73
C PHE C 139 -9.36 -0.67 -50.04
N PRO C 140 -9.51 -1.95 -50.34
CA PRO C 140 -10.05 -2.36 -51.65
C PRO C 140 -11.41 -1.73 -51.94
N THR C 141 -11.52 -1.14 -53.14
CA THR C 141 -12.76 -0.45 -53.49
C THR C 141 -13.92 -1.40 -53.75
N PHE C 142 -13.66 -2.69 -53.94
CA PHE C 142 -14.67 -3.69 -54.24
C PHE C 142 -15.21 -4.38 -52.99
N ILE C 143 -14.81 -3.90 -51.81
CA ILE C 143 -15.27 -4.38 -50.51
C ILE C 143 -15.97 -3.24 -49.78
N SER C 144 -17.06 -3.58 -49.09
CA SER C 144 -17.70 -2.63 -48.18
C SER C 144 -16.85 -2.45 -46.92
N LYS C 145 -16.95 -1.25 -46.33
CA LYS C 145 -16.26 -1.01 -45.06
C LYS C 145 -17.11 -1.51 -43.90
N THR C 146 -16.57 -1.41 -42.71
CA THR C 146 -17.24 -1.97 -41.55
C THR C 146 -17.77 -0.87 -40.65
N ASP C 147 -18.67 -0.05 -41.16
CA ASP C 147 -19.27 1.01 -40.35
C ASP C 147 -20.71 0.63 -40.07
N GLN C 148 -21.16 0.91 -38.86
CA GLN C 148 -22.54 0.66 -38.47
C GLN C 148 -23.19 1.98 -38.07
N GLU C 149 -24.38 2.22 -38.60
CA GLU C 149 -25.19 3.33 -38.16
C GLU C 149 -25.75 3.04 -36.77
N ARG C 150 -26.10 4.12 -36.05
CA ARG C 150 -26.63 4.05 -34.69
C ARG C 150 -28.14 3.92 -34.75
N VAL C 151 -28.71 3.15 -33.82
CA VAL C 151 -30.16 2.98 -33.80
C VAL C 151 -30.85 4.32 -33.59
N GLN C 152 -30.22 5.25 -32.87
CA GLN C 152 -30.78 6.58 -32.63
C GLN C 152 -30.99 7.36 -33.91
N ASN C 153 -30.34 6.96 -35.01
CA ASN C 153 -30.48 7.66 -36.26
C ASN C 153 -31.40 6.93 -37.23
N LEU C 154 -31.95 5.80 -36.85
CA LEU C 154 -32.70 4.95 -37.77
C LEU C 154 -34.14 4.76 -37.31
N ILE C 155 -34.77 5.83 -36.83
CA ILE C 155 -36.15 5.71 -36.34
C ILE C 155 -37.07 5.21 -37.41
N PRO C 156 -37.17 5.80 -38.61
CA PRO C 156 -38.10 5.27 -39.63
C PRO C 156 -37.77 3.85 -39.99
N GLN C 157 -36.47 3.54 -40.07
CA GLN C 157 -36.06 2.21 -40.48
C GLN C 157 -36.38 1.15 -39.43
N ILE C 158 -36.38 1.51 -38.14
CA ILE C 158 -36.71 0.50 -37.14
C ILE C 158 -38.20 0.20 -37.19
N GLU C 159 -39.02 1.17 -37.61
CA GLU C 159 -40.44 0.90 -37.70
C GLU C 159 -40.82 0.22 -39.01
N GLU C 160 -40.15 0.56 -40.12
CA GLU C 160 -40.32 -0.21 -41.35
C GLU C 160 -39.97 -1.67 -41.15
N ASN C 161 -38.94 -1.96 -40.36
CA ASN C 161 -38.45 -3.32 -40.22
C ASN C 161 -39.13 -4.05 -39.10
N LYS C 162 -40.30 -3.57 -38.66
CA LYS C 162 -41.09 -4.34 -37.70
C LYS C 162 -41.49 -5.66 -38.32
N GLY C 163 -41.30 -6.75 -37.57
CA GLY C 163 -41.50 -8.07 -38.08
C GLY C 163 -40.27 -8.74 -38.65
N GLN C 164 -39.24 -7.98 -39.05
CA GLN C 164 -38.00 -8.56 -39.57
C GLN C 164 -37.15 -9.14 -38.46
N LYS C 165 -36.25 -10.02 -38.83
CA LYS C 165 -35.49 -10.74 -37.83
C LYS C 165 -34.01 -10.50 -38.01
N PHE C 166 -33.32 -10.50 -36.87
CA PHE C 166 -31.97 -10.01 -36.78
C PHE C 166 -31.07 -10.94 -35.98
N GLU C 167 -29.87 -11.15 -36.47
CA GLU C 167 -28.83 -11.74 -35.63
C GLU C 167 -28.31 -10.65 -34.70
N VAL C 168 -28.20 -10.97 -33.41
CA VAL C 168 -27.78 -10.01 -32.40
C VAL C 168 -26.42 -10.46 -31.88
N THR C 169 -25.42 -9.58 -31.96
CA THR C 169 -24.06 -9.89 -31.61
C THR C 169 -23.51 -8.85 -30.64
N VAL C 170 -22.60 -9.28 -29.78
CA VAL C 170 -21.96 -8.40 -28.80
C VAL C 170 -20.91 -7.56 -29.52
N LYS C 171 -20.97 -6.24 -29.32
CA LYS C 171 -20.02 -5.33 -29.97
C LYS C 171 -18.74 -5.23 -29.15
N LEU C 172 -17.61 -5.57 -29.75
CA LEU C 172 -16.35 -5.58 -29.01
C LEU C 172 -15.50 -4.35 -29.33
N ALA C 173 -14.80 -3.84 -28.31
CA ALA C 173 -14.04 -2.60 -28.46
C ALA C 173 -12.60 -2.94 -28.82
N GLY C 174 -12.34 -2.99 -30.13
CA GLY C 174 -10.98 -3.17 -30.62
C GLY C 174 -10.80 -2.40 -31.90
N SER C 175 -10.16 -2.99 -32.91
CA SER C 175 -10.05 -2.28 -34.17
C SER C 175 -10.43 -3.16 -35.35
N SER C 176 -11.06 -2.55 -36.33
CA SER C 176 -11.56 -3.29 -37.47
C SER C 176 -10.41 -3.83 -38.29
N MET C 177 -10.64 -4.98 -38.90
CA MET C 177 -9.62 -5.71 -39.65
C MET C 177 -10.33 -6.54 -40.72
N THR C 178 -9.90 -6.43 -41.98
CA THR C 178 -10.52 -7.18 -43.07
C THR C 178 -9.46 -8.09 -43.71
N VAL C 179 -9.80 -9.38 -43.84
CA VAL C 179 -9.00 -10.35 -44.58
C VAL C 179 -9.85 -10.97 -45.68
N TYR C 180 -9.40 -10.80 -46.92
CA TYR C 180 -10.18 -11.11 -48.10
C TYR C 180 -9.30 -11.84 -49.10
N ARG C 181 -9.96 -12.60 -49.99
CA ARG C 181 -9.36 -13.22 -51.16
C ARG C 181 -10.01 -12.65 -52.42
N LYS C 182 -9.19 -12.21 -53.38
CA LYS C 182 -9.63 -11.98 -54.76
C LYS C 182 -8.63 -12.63 -55.72
N ASP C 183 -9.02 -13.79 -56.28
CA ASP C 183 -8.20 -14.54 -57.23
C ASP C 183 -6.86 -14.90 -56.62
N ASP C 184 -5.72 -14.51 -57.16
CA ASP C 184 -4.46 -15.01 -56.63
C ASP C 184 -4.35 -14.51 -55.23
N HIS C 185 -4.87 -13.28 -55.03
CA HIS C 185 -4.44 -12.46 -53.92
C HIS C 185 -5.43 -12.53 -52.78
N ILE C 186 -4.81 -12.68 -51.61
CA ILE C 186 -5.44 -12.66 -50.32
C ILE C 186 -4.65 -11.65 -49.51
N GLY C 187 -5.33 -10.56 -49.12
CA GLY C 187 -4.68 -9.45 -48.48
C GLY C 187 -5.36 -9.12 -47.16
N VAL C 188 -4.62 -8.36 -46.35
CA VAL C 188 -4.98 -7.99 -44.98
C VAL C 188 -5.11 -6.48 -44.88
N CYS C 189 -6.20 -6.01 -44.27
CA CYS C 189 -6.42 -4.58 -44.06
C CYS C 189 -6.68 -4.29 -42.60
N GLY C 190 -6.52 -3.02 -42.22
CA GLY C 190 -7.04 -2.47 -40.97
C GLY C 190 -8.41 -1.90 -41.28
N ARG C 191 -8.85 -0.89 -40.54
CA ARG C 191 -10.12 -0.31 -40.98
C ARG C 191 -9.99 0.54 -42.25
N ASN C 192 -8.82 1.15 -42.55
CA ASN C 192 -8.78 2.11 -43.68
C ASN C 192 -7.77 1.81 -44.79
N TRP C 193 -6.84 0.88 -44.59
CA TRP C 193 -5.79 0.61 -45.55
C TRP C 193 -5.50 -0.88 -45.61
N GLU C 194 -5.06 -1.38 -46.77
CA GLU C 194 -4.44 -2.71 -46.81
C GLU C 194 -2.99 -2.64 -46.34
N LEU C 195 -2.57 -3.66 -45.59
CA LEU C 195 -1.27 -3.68 -44.96
C LEU C 195 -0.45 -4.83 -45.52
N ARG C 196 0.86 -4.59 -45.64
CA ARG C 196 1.86 -5.60 -46.00
C ARG C 196 2.56 -6.20 -44.78
N GLU C 197 3.12 -7.40 -45.01
CA GLU C 197 4.11 -8.08 -44.15
C GLU C 197 4.75 -7.24 -43.06
N THR C 198 4.63 -7.68 -41.80
CA THR C 198 5.56 -7.23 -40.76
C THR C 198 5.57 -8.33 -39.71
N ALA C 199 6.62 -8.40 -38.89
CA ALA C 199 6.61 -9.42 -37.84
C ALA C 199 5.75 -9.00 -36.65
N THR C 200 5.76 -7.71 -36.33
CA THR C 200 5.06 -7.16 -35.17
C THR C 200 3.68 -6.60 -35.53
N ASN C 201 3.35 -6.51 -36.82
CA ASN C 201 2.04 -5.99 -37.22
C ASN C 201 0.95 -6.91 -36.68
N ALA C 202 0.04 -6.33 -35.87
CA ALA C 202 -0.94 -7.15 -35.16
C ALA C 202 -2.02 -7.71 -36.08
N GLN C 203 -2.34 -7.02 -37.17
CA GLN C 203 -3.34 -7.55 -38.10
C GLN C 203 -2.84 -8.81 -38.82
N TRP C 204 -1.64 -8.75 -39.40
CA TRP C 204 -1.08 -9.95 -40.04
C TRP C 204 -0.78 -11.04 -39.01
N HIS C 205 -0.31 -10.66 -37.82
CA HIS C 205 0.00 -11.68 -36.80
C HIS C 205 -1.25 -12.47 -36.45
N ALA C 206 -2.38 -11.79 -36.34
CA ALA C 206 -3.62 -12.47 -36.03
C ALA C 206 -4.09 -13.33 -37.20
N ALA C 207 -3.81 -12.91 -38.44
CA ALA C 207 -4.31 -13.61 -39.62
C ALA C 207 -3.63 -14.97 -39.83
N ARG C 208 -2.33 -15.09 -39.53
CA ARG C 208 -1.72 -16.42 -39.59
C ARG C 208 -2.04 -17.28 -38.39
N ARG C 209 -2.24 -16.72 -37.19
CA ARG C 209 -2.37 -17.60 -36.03
C ARG C 209 -3.66 -18.42 -36.10
N ASN C 210 -4.69 -17.90 -36.74
CA ASN C 210 -5.90 -18.66 -37.03
C ASN C 210 -5.89 -19.27 -38.41
N LYS C 211 -4.76 -19.14 -39.11
CA LYS C 211 -4.41 -19.54 -40.51
C LYS C 211 -5.60 -19.28 -41.45
N MET C 212 -6.07 -18.05 -41.39
CA MET C 212 -7.30 -17.69 -42.08
C MET C 212 -7.09 -17.21 -43.51
N ILE C 213 -5.89 -16.78 -43.83
CA ILE C 213 -5.53 -16.65 -45.24
C ILE C 213 -5.64 -17.98 -45.94
N GLU C 214 -5.13 -19.01 -45.28
CA GLU C 214 -5.07 -20.31 -45.90
C GLU C 214 -6.47 -20.92 -46.03
N GLY C 215 -7.38 -20.56 -45.13
CA GLY C 215 -8.77 -20.93 -45.26
C GLY C 215 -9.48 -20.26 -46.43
N LEU C 216 -9.13 -19.00 -46.73
CA LEU C 216 -9.75 -18.36 -47.88
C LEU C 216 -9.23 -18.99 -49.18
N GLN C 217 -7.94 -19.36 -49.22
CA GLN C 217 -7.46 -20.21 -50.31
C GLN C 217 -8.23 -21.52 -50.33
N PHE C 218 -8.49 -22.11 -49.17
CA PHE C 218 -9.24 -23.37 -49.15
C PHE C 218 -10.67 -23.17 -49.68
N LEU C 219 -11.39 -22.18 -49.16
CA LEU C 219 -12.79 -22.04 -49.56
C LEU C 219 -12.95 -21.62 -51.02
N ASN C 220 -11.90 -21.07 -51.66
CA ASN C 220 -11.87 -20.85 -53.11
C ASN C 220 -12.98 -19.89 -53.56
N ARG C 221 -13.25 -18.88 -52.76
CA ARG C 221 -14.22 -17.86 -53.12
C ARG C 221 -13.60 -16.49 -52.89
N ASN C 222 -14.12 -15.50 -53.61
CA ASN C 222 -13.68 -14.13 -53.42
C ASN C 222 -14.56 -13.54 -52.33
N LEU C 223 -14.11 -13.67 -51.09
CA LEU C 223 -14.88 -13.26 -49.93
C LEU C 223 -13.98 -12.45 -49.01
N ALA C 224 -14.58 -11.48 -48.33
CA ALA C 224 -13.88 -10.64 -47.36
C ALA C 224 -14.34 -11.01 -45.96
N LEU C 225 -13.40 -11.52 -45.14
CA LEU C 225 -13.69 -11.85 -43.76
C LEU C 225 -13.37 -10.61 -42.92
N GLN C 226 -14.41 -9.98 -42.37
CA GLN C 226 -14.31 -8.72 -41.64
C GLN C 226 -14.66 -8.98 -40.18
N GLY C 227 -13.74 -8.61 -39.28
CA GLY C 227 -13.91 -8.82 -37.85
C GLY C 227 -13.15 -7.79 -37.03
N GLU C 228 -13.21 -7.96 -35.71
CA GLU C 228 -12.58 -7.03 -34.78
C GLU C 228 -11.42 -7.74 -34.10
N ILE C 229 -10.26 -7.10 -34.08
CA ILE C 229 -9.12 -7.57 -33.30
C ILE C 229 -9.12 -6.88 -31.94
N ILE C 230 -9.06 -7.67 -30.88
CA ILE C 230 -9.12 -7.18 -29.51
C ILE C 230 -8.03 -7.84 -28.69
N GLY C 231 -7.87 -7.36 -27.45
CA GLY C 231 -6.93 -7.86 -26.46
C GLY C 231 -6.08 -6.76 -25.88
N GLU C 232 -5.01 -7.16 -25.18
CA GLU C 232 -4.17 -6.18 -24.51
C GLU C 232 -3.53 -5.21 -25.49
N SER C 233 -3.30 -4.00 -25.00
CA SER C 233 -2.74 -2.89 -25.76
C SER C 233 -3.64 -2.53 -26.92
N ILE C 234 -4.90 -2.96 -26.86
CA ILE C 234 -5.92 -2.57 -27.83
C ILE C 234 -7.04 -1.89 -27.05
N GLN C 235 -7.21 -0.59 -27.31
CA GLN C 235 -8.25 0.27 -26.72
C GLN C 235 -8.53 -0.12 -25.28
N GLY C 236 -7.46 -0.26 -24.50
CA GLY C 236 -7.56 -0.49 -23.08
C GLY C 236 -7.90 -1.90 -22.68
N ASN C 237 -8.16 -2.81 -23.63
CA ASN C 237 -8.35 -4.23 -23.35
C ASN C 237 -9.46 -4.44 -22.29
N LEU C 238 -10.68 -4.12 -22.71
CA LEU C 238 -11.80 -4.12 -21.76
C LEU C 238 -12.10 -5.52 -21.22
N GLU C 239 -12.05 -6.54 -22.08
CA GLU C 239 -12.38 -7.90 -21.68
C GLU C 239 -11.23 -8.60 -20.98
N LYS C 240 -10.11 -7.91 -20.75
CA LYS C 240 -8.97 -8.43 -19.98
C LYS C 240 -8.39 -9.73 -20.54
N LEU C 241 -8.14 -9.73 -21.85
CA LEU C 241 -7.55 -10.88 -22.55
C LEU C 241 -6.03 -10.78 -22.56
N LYS C 242 -5.37 -11.94 -22.58
CA LYS C 242 -3.94 -12.06 -22.78
C LYS C 242 -3.67 -12.32 -24.25
N GLY C 243 -2.77 -11.54 -24.84
CA GLY C 243 -2.57 -11.64 -26.26
C GLY C 243 -3.70 -10.96 -27.02
N GLN C 244 -3.75 -11.25 -28.30
CA GLN C 244 -4.76 -10.68 -29.17
C GLN C 244 -5.45 -11.80 -29.93
N ASP C 245 -6.64 -11.51 -30.44
CA ASP C 245 -7.32 -12.48 -31.29
C ASP C 245 -8.38 -11.77 -32.12
N PHE C 246 -8.65 -12.35 -33.28
CA PHE C 246 -9.61 -11.83 -34.24
C PHE C 246 -10.97 -12.43 -33.95
N TYR C 247 -12.02 -11.63 -34.08
CA TYR C 247 -13.37 -12.15 -33.88
C TYR C 247 -14.24 -11.75 -35.07
N LEU C 248 -14.69 -12.74 -35.84
CA LEU C 248 -15.39 -12.41 -37.07
C LEU C 248 -16.77 -11.85 -36.75
N PHE C 249 -17.23 -10.93 -37.59
CA PHE C 249 -18.62 -10.51 -37.48
C PHE C 249 -19.32 -10.32 -38.81
N ASP C 250 -18.61 -10.34 -39.93
CA ASP C 250 -19.22 -10.20 -41.26
C ASP C 250 -18.32 -10.88 -42.28
N ILE C 251 -18.91 -11.34 -43.37
CA ILE C 251 -18.12 -11.74 -44.55
C ILE C 251 -18.81 -11.18 -45.78
N TYR C 252 -18.03 -10.57 -46.66
CA TYR C 252 -18.49 -9.87 -47.84
C TYR C 252 -18.27 -10.71 -49.09
N ASP C 253 -19.34 -10.90 -49.89
CA ASP C 253 -19.25 -11.55 -51.20
C ASP C 253 -18.75 -10.51 -52.20
N ILE C 254 -17.45 -10.58 -52.50
CA ILE C 254 -16.84 -9.55 -53.34
C ILE C 254 -17.48 -9.55 -54.71
N ASP C 255 -17.71 -10.74 -55.28
CA ASP C 255 -18.17 -10.86 -56.66
C ASP C 255 -19.61 -10.35 -56.83
N LYS C 256 -20.53 -10.75 -55.92
CA LYS C 256 -21.92 -10.32 -56.00
C LYS C 256 -22.19 -9.04 -55.19
N ALA C 257 -21.15 -8.46 -54.59
CA ALA C 257 -21.25 -7.17 -53.89
C ALA C 257 -22.40 -7.10 -52.88
N GLN C 258 -22.47 -8.11 -52.01
CA GLN C 258 -23.41 -8.09 -50.91
C GLN C 258 -22.81 -8.87 -49.73
N TYR C 259 -23.38 -8.66 -48.55
CA TYR C 259 -22.92 -9.39 -47.36
C TYR C 259 -23.56 -10.76 -47.31
N LEU C 260 -22.79 -11.74 -46.84
CA LEU C 260 -23.41 -13.02 -46.52
C LEU C 260 -24.50 -12.79 -45.50
N THR C 261 -25.58 -13.52 -45.62
CA THR C 261 -26.57 -13.49 -44.56
C THR C 261 -25.95 -14.10 -43.30
N PRO C 262 -26.52 -13.81 -42.13
CA PRO C 262 -25.99 -14.40 -40.88
C PRO C 262 -25.94 -15.92 -40.93
N ILE C 263 -26.93 -16.54 -41.60
CA ILE C 263 -27.06 -18.01 -41.61
C ILE C 263 -25.93 -18.66 -42.41
N GLU C 264 -25.65 -18.13 -43.62
CA GLU C 264 -24.50 -18.64 -44.37
C GLU C 264 -23.20 -18.35 -43.62
N ARG C 265 -23.11 -17.19 -42.95
CA ARG C 265 -21.86 -16.81 -42.29
C ARG C 265 -21.49 -17.77 -41.18
N GLN C 266 -22.44 -18.18 -40.33
CA GLN C 266 -22.05 -19.12 -39.28
C GLN C 266 -21.79 -20.50 -39.86
N SER C 267 -22.46 -20.84 -40.97
CA SER C 267 -22.20 -22.11 -41.63
C SER C 267 -20.75 -22.19 -42.12
N LEU C 268 -20.26 -21.12 -42.76
CA LEU C 268 -18.89 -21.16 -43.26
C LEU C 268 -17.87 -21.09 -42.12
N VAL C 269 -18.12 -20.29 -41.08
CA VAL C 269 -17.21 -20.32 -39.94
C VAL C 269 -17.31 -21.68 -39.27
N LYS C 270 -18.51 -22.30 -39.31
CA LYS C 270 -18.60 -23.71 -38.93
C LYS C 270 -17.68 -24.53 -39.82
N GLN C 271 -17.89 -24.43 -41.15
CA GLN C 271 -17.05 -25.11 -42.14
C GLN C 271 -15.56 -24.81 -41.92
N LEU C 272 -15.22 -23.54 -41.71
CA LEU C 272 -13.81 -23.17 -41.54
C LEU C 272 -13.24 -23.82 -40.28
N ASN C 273 -14.03 -23.97 -39.23
CA ASN C 273 -13.54 -24.60 -38.01
C ASN C 273 -13.46 -26.12 -38.14
N ASP C 274 -14.37 -26.71 -38.90
CA ASP C 274 -14.31 -28.15 -39.20
C ASP C 274 -13.05 -28.52 -39.98
N ASN C 275 -12.47 -27.60 -40.74
CA ASN C 275 -11.32 -27.91 -41.57
C ASN C 275 -10.01 -27.46 -40.93
N GLY C 276 -10.00 -27.21 -39.62
CA GLY C 276 -8.75 -26.84 -39.01
C GLY C 276 -8.38 -25.38 -39.17
N PHE C 277 -9.31 -24.52 -39.56
CA PHE C 277 -9.08 -23.08 -39.65
C PHE C 277 -9.82 -22.43 -38.48
N THR C 278 -9.08 -22.11 -37.42
CA THR C 278 -9.66 -21.73 -36.12
C THR C 278 -9.96 -20.23 -36.09
N VAL C 279 -11.14 -19.88 -36.58
CA VAL C 279 -11.62 -18.51 -36.70
C VAL C 279 -12.74 -18.30 -35.68
N LYS C 280 -12.51 -17.42 -34.71
CA LYS C 280 -13.54 -17.11 -33.73
C LYS C 280 -14.55 -16.09 -34.26
N HIS C 281 -15.71 -16.06 -33.60
CA HIS C 281 -16.82 -15.18 -33.93
C HIS C 281 -17.18 -14.33 -32.72
N VAL C 282 -17.71 -13.13 -32.98
CA VAL C 282 -18.19 -12.31 -31.86
C VAL C 282 -19.33 -13.05 -31.20
N PRO C 283 -19.47 -12.97 -29.87
CA PRO C 283 -20.55 -13.71 -29.20
C PRO C 283 -21.91 -13.45 -29.86
N ILE C 284 -22.62 -14.53 -30.16
CA ILE C 284 -23.93 -14.45 -30.80
C ILE C 284 -24.99 -14.73 -29.76
N LEU C 285 -26.03 -13.90 -29.74
CA LEU C 285 -27.16 -14.04 -28.83
C LEU C 285 -28.41 -14.48 -29.62
N ASP C 286 -29.54 -14.53 -28.92
CA ASP C 286 -30.77 -15.00 -29.55
C ASP C 286 -31.20 -14.01 -30.64
N ASP C 287 -31.66 -14.55 -31.77
CA ASP C 287 -32.18 -13.70 -32.84
C ASP C 287 -33.27 -12.78 -32.28
N LEU C 288 -33.58 -11.71 -33.00
CA LEU C 288 -34.57 -10.74 -32.52
C LEU C 288 -35.61 -10.51 -33.61
N GLU C 289 -36.89 -10.74 -33.29
CA GLU C 289 -37.98 -10.29 -34.14
C GLU C 289 -38.34 -8.87 -33.71
N LEU C 290 -38.10 -7.91 -34.59
CA LEU C 290 -38.16 -6.50 -34.25
C LEU C 290 -39.61 -6.01 -34.22
N ASN C 291 -40.02 -5.50 -33.06
CA ASN C 291 -41.28 -4.79 -32.86
C ASN C 291 -41.00 -3.87 -31.66
N HIS C 292 -40.02 -2.98 -31.83
CA HIS C 292 -39.45 -2.25 -30.71
C HIS C 292 -39.19 -0.81 -31.13
N THR C 293 -39.08 0.06 -30.12
CA THR C 293 -38.62 1.42 -30.32
C THR C 293 -37.11 1.50 -30.13
N ALA C 294 -36.52 2.59 -30.63
CA ALA C 294 -35.09 2.78 -30.45
C ALA C 294 -34.72 2.67 -29.00
N GLU C 295 -35.59 3.15 -28.12
CA GLU C 295 -35.38 3.00 -26.69
C GLU C 295 -35.45 1.58 -26.19
N GLN C 296 -36.35 0.76 -26.71
CA GLN C 296 -36.31 -0.59 -26.22
C GLN C 296 -35.08 -1.28 -26.75
N ILE C 297 -34.64 -0.90 -27.95
CA ILE C 297 -33.37 -1.42 -28.47
C ILE C 297 -32.21 -0.98 -27.59
N LEU C 298 -32.17 0.30 -27.22
CA LEU C 298 -31.06 0.80 -26.40
C LEU C 298 -30.99 0.12 -25.04
N ALA C 299 -32.14 -0.20 -24.45
CA ALA C 299 -32.16 -0.85 -23.14
C ALA C 299 -31.60 -2.27 -23.17
N MET C 300 -31.57 -2.93 -24.33
CA MET C 300 -30.90 -4.23 -24.40
C MET C 300 -29.39 -4.11 -24.38
N ALA C 301 -28.86 -2.93 -24.65
CA ALA C 301 -27.43 -2.79 -24.95
C ALA C 301 -26.55 -3.22 -23.79
N ASP C 302 -26.94 -2.89 -22.56
CA ASP C 302 -26.07 -3.21 -21.44
C ASP C 302 -26.21 -4.68 -21.12
N GLY C 303 -25.14 -5.25 -20.56
CA GLY C 303 -25.13 -6.65 -20.25
C GLY C 303 -23.74 -7.24 -20.32
N PRO C 304 -23.65 -8.56 -20.26
CA PRO C 304 -22.34 -9.21 -20.21
C PRO C 304 -21.67 -9.19 -21.57
N SER C 305 -20.34 -9.05 -21.54
CA SER C 305 -19.55 -8.94 -22.77
C SER C 305 -19.04 -10.33 -23.16
N LEU C 306 -18.02 -10.39 -24.03
CA LEU C 306 -17.33 -11.66 -24.30
C LEU C 306 -16.81 -12.26 -23.00
N ASN C 307 -16.09 -11.46 -22.24
CA ASN C 307 -15.89 -11.70 -20.82
C ASN C 307 -17.21 -11.44 -20.09
N LYS C 308 -17.78 -12.50 -19.53
CA LYS C 308 -19.07 -12.38 -18.86
C LYS C 308 -18.99 -11.61 -17.54
N ASN C 309 -17.81 -11.15 -17.11
CA ASN C 309 -17.72 -10.32 -15.90
C ASN C 309 -17.55 -8.84 -16.18
N VAL C 310 -17.43 -8.44 -17.43
CA VAL C 310 -17.37 -7.03 -17.77
C VAL C 310 -18.65 -6.70 -18.52
N LYS C 311 -19.09 -5.44 -18.41
CA LYS C 311 -20.30 -5.02 -19.08
C LYS C 311 -19.93 -4.38 -20.41
N ARG C 312 -20.70 -4.73 -21.43
CA ARG C 312 -20.29 -4.61 -22.81
C ARG C 312 -20.44 -3.21 -23.37
N GLU C 313 -19.69 -2.95 -24.46
CA GLU C 313 -19.86 -1.70 -25.20
C GLU C 313 -21.24 -1.62 -25.85
N GLY C 314 -21.82 -2.75 -26.25
CA GLY C 314 -23.15 -2.70 -26.85
C GLY C 314 -23.41 -3.92 -27.72
N LEU C 315 -24.35 -3.77 -28.64
CA LEU C 315 -24.76 -4.82 -29.54
C LEU C 315 -24.79 -4.31 -30.97
N VAL C 316 -24.64 -5.25 -31.91
CA VAL C 316 -24.82 -5.02 -33.33
C VAL C 316 -25.93 -5.92 -33.83
N PHE C 317 -26.84 -5.37 -34.61
CA PHE C 317 -27.96 -6.09 -35.18
C PHE C 317 -27.78 -6.18 -36.68
N LYS C 318 -27.92 -7.38 -37.23
CA LYS C 318 -27.84 -7.59 -38.67
C LYS C 318 -29.05 -8.36 -39.16
N ARG C 319 -29.85 -7.76 -40.03
CA ARG C 319 -31.03 -8.41 -40.57
C ARG C 319 -30.65 -9.71 -41.28
N LEU C 320 -31.53 -10.72 -41.17
CA LEU C 320 -31.18 -12.06 -41.61
C LEU C 320 -30.98 -12.19 -43.12
N ASP C 321 -31.43 -11.20 -43.90
CA ASP C 321 -31.09 -11.13 -45.31
C ASP C 321 -29.79 -10.37 -45.57
N GLY C 322 -29.13 -9.89 -44.51
CA GLY C 322 -27.84 -9.24 -44.63
C GLY C 322 -27.86 -7.91 -45.34
N LYS C 323 -29.00 -7.25 -45.42
CA LYS C 323 -29.11 -6.00 -46.17
C LYS C 323 -29.53 -4.80 -45.31
N PHE C 324 -29.56 -4.94 -43.99
CA PHE C 324 -29.80 -3.81 -43.10
C PHE C 324 -29.20 -4.10 -41.74
N SER C 325 -28.24 -3.28 -41.31
CA SER C 325 -27.58 -3.53 -40.04
C SER C 325 -27.45 -2.20 -39.30
N PHE C 326 -27.34 -2.27 -37.97
CA PHE C 326 -27.09 -1.11 -37.14
C PHE C 326 -26.52 -1.56 -35.79
N LYS C 327 -25.96 -0.59 -35.06
CA LYS C 327 -25.42 -0.79 -33.71
C LYS C 327 -26.28 -0.08 -32.66
N ALA C 328 -26.28 -0.63 -31.45
CA ALA C 328 -26.85 0.06 -30.29
C ALA C 328 -25.84 0.03 -29.16
N ILE C 329 -25.21 1.19 -28.88
CA ILE C 329 -24.14 1.30 -27.91
C ILE C 329 -24.73 1.50 -26.52
N SER C 330 -24.15 0.86 -25.53
CA SER C 330 -24.64 1.04 -24.18
C SER C 330 -24.32 2.47 -23.71
N ASN C 331 -25.35 3.17 -23.22
CA ASN C 331 -25.15 4.47 -22.60
C ASN C 331 -24.50 4.35 -21.21
N ALA C 332 -24.83 3.29 -20.46
CA ALA C 332 -24.11 3.02 -19.22
C ALA C 332 -22.60 2.91 -19.45
N TYR C 333 -22.20 2.15 -20.47
CA TYR C 333 -20.79 2.08 -20.82
C TYR C 333 -20.22 3.45 -21.15
N LEU C 334 -20.92 4.22 -22.00
CA LEU C 334 -20.41 5.53 -22.42
C LEU C 334 -20.25 6.49 -21.24
N GLU C 335 -21.20 6.44 -20.29
CA GLU C 335 -21.09 7.24 -19.07
C GLU C 335 -19.91 6.76 -18.20
N LYS C 336 -19.69 5.44 -18.07
CA LYS C 336 -18.52 4.95 -17.30
C LYS C 336 -17.21 5.38 -17.97
N HIS C 337 -17.15 5.32 -19.30
CA HIS C 337 -15.92 5.55 -19.99
C HIS C 337 -15.92 6.92 -20.64
N LYS C 338 -16.25 7.97 -19.87
CA LYS C 338 -16.43 9.29 -20.47
C LYS C 338 -15.21 9.79 -21.23
N ASP C 339 -14.18 8.96 -21.39
CA ASP C 339 -13.06 9.26 -22.27
C ASP C 339 -13.23 8.67 -23.65
N ARG C 340 -14.21 7.83 -23.83
CA ARG C 340 -14.41 7.28 -25.14
C ARG C 340 -15.84 7.14 -25.73
N MET D 2 23.85 -23.56 33.06
CA MET D 2 23.05 -22.45 33.65
C MET D 2 21.52 -22.70 33.63
N GLY D 3 20.70 -21.71 34.01
CA GLY D 3 19.25 -21.81 33.90
C GLY D 3 18.45 -21.69 35.19
N VAL D 4 17.93 -20.48 35.48
CA VAL D 4 17.30 -20.11 36.76
C VAL D 4 18.38 -20.13 37.86
N ARG D 5 19.59 -20.51 37.46
CA ARG D 5 20.75 -20.61 38.33
C ARG D 5 21.80 -19.56 37.94
N LYS D 6 22.34 -18.87 38.94
CA LYS D 6 23.48 -17.97 38.75
C LYS D 6 23.10 -16.69 38.00
N LEU D 7 21.88 -16.20 38.22
CA LEU D 7 21.48 -14.92 37.66
C LEU D 7 22.29 -13.81 38.28
N ALA D 8 22.50 -13.88 39.61
CA ALA D 8 23.29 -12.95 40.42
C ALA D 8 24.48 -13.70 41.04
N THR D 9 25.71 -13.29 40.71
CA THR D 9 26.94 -13.89 41.22
C THR D 9 27.89 -12.81 41.71
N ILE D 10 28.87 -13.22 42.51
CA ILE D 10 29.93 -12.32 42.99
C ILE D 10 31.11 -12.40 42.04
N ARG D 11 31.56 -11.24 41.54
CA ARG D 11 32.60 -11.22 40.53
C ARG D 11 33.64 -10.14 40.84
N THR D 12 34.71 -10.14 40.04
CA THR D 12 35.81 -9.19 40.12
C THR D 12 35.69 -8.20 38.98
N ALA D 13 35.83 -6.91 39.28
CA ALA D 13 35.90 -5.90 38.23
C ALA D 13 37.23 -6.02 37.49
N GLY D 14 37.17 -6.22 36.17
CA GLY D 14 38.38 -6.29 35.37
C GLY D 14 38.87 -4.95 34.87
N GLU D 15 39.38 -4.93 33.65
CA GLU D 15 39.82 -3.68 33.05
C GLU D 15 38.68 -2.66 33.06
N ILE D 16 39.00 -1.42 33.42
CA ILE D 16 38.05 -0.32 33.42
C ILE D 16 38.54 0.70 32.42
N THR D 17 37.65 1.12 31.52
CA THR D 17 38.04 1.94 30.38
C THR D 17 37.09 3.12 30.24
N PRO D 18 37.60 4.26 29.80
CA PRO D 18 36.73 5.43 29.67
C PRO D 18 35.83 5.29 28.46
N ILE D 19 34.70 5.99 28.51
CA ILE D 19 33.74 6.00 27.42
C ILE D 19 33.79 7.38 26.82
N ALA D 20 34.29 7.49 25.60
CA ALA D 20 34.55 8.80 24.99
C ALA D 20 33.31 9.69 25.00
N GLY D 21 33.51 10.97 25.32
CA GLY D 21 32.42 11.92 25.28
C GLY D 21 31.47 11.86 26.43
N ALA D 22 31.68 10.96 27.37
CA ALA D 22 30.79 10.80 28.52
C ALA D 22 31.66 10.72 29.75
N GLU D 23 31.33 11.54 30.74
CA GLU D 23 32.25 11.79 31.84
C GLU D 23 31.79 11.19 33.16
N ALA D 24 30.49 11.03 33.34
CA ALA D 24 29.98 10.46 34.57
C ALA D 24 30.04 8.93 34.58
N ILE D 25 30.43 8.32 33.48
CA ILE D 25 30.36 6.88 33.36
C ILE D 25 31.66 6.35 32.78
N GLU D 26 31.85 5.04 32.93
CA GLU D 26 32.98 4.38 32.31
C GLU D 26 32.60 2.93 32.08
N CYS D 27 33.45 2.22 31.36
CA CYS D 27 33.17 0.85 30.97
C CYS D 27 33.96 -0.10 31.88
N CYS D 28 33.26 -1.05 32.47
CA CYS D 28 33.92 -2.01 33.33
C CYS D 28 33.74 -3.40 32.73
N HIS D 29 34.85 -4.11 32.60
CA HIS D 29 34.81 -5.49 32.14
C HIS D 29 34.56 -6.38 33.35
N VAL D 30 33.66 -7.36 33.20
CA VAL D 30 33.36 -8.33 34.22
C VAL D 30 33.38 -9.66 33.48
N ASP D 31 34.44 -10.44 33.68
CA ASP D 31 34.69 -11.65 32.85
C ASP D 31 34.53 -11.24 31.39
N GLY D 32 33.78 -12.01 30.59
CA GLY D 32 33.60 -11.68 29.19
C GLY D 32 32.61 -10.61 28.90
N TRP D 33 31.95 -10.10 29.94
CA TRP D 33 30.93 -9.07 29.79
C TRP D 33 31.53 -7.68 29.83
N THR D 34 30.75 -6.75 29.34
CA THR D 34 31.08 -5.35 29.33
C THR D 34 29.90 -4.59 29.91
N CYS D 35 30.16 -3.63 30.78
CA CYS D 35 29.09 -3.11 31.61
C CYS D 35 29.41 -1.66 31.99
N VAL D 36 28.42 -0.76 31.86
CA VAL D 36 28.62 0.67 32.11
C VAL D 36 28.43 0.95 33.59
N ILE D 37 29.41 1.59 34.22
CA ILE D 37 29.31 1.91 35.65
C ILE D 37 29.38 3.41 35.86
N LYS D 38 28.95 3.84 37.04
CA LYS D 38 29.17 5.22 37.42
C LYS D 38 30.65 5.41 37.66
N LYS D 39 31.17 6.55 37.21
CA LYS D 39 32.58 6.91 37.36
C LYS D 39 33.06 6.66 38.78
N GLY D 40 34.06 5.78 38.92
CA GLY D 40 34.74 5.56 40.17
C GLY D 40 34.09 4.64 41.18
N GLU D 41 32.95 4.01 40.87
CA GLU D 41 32.41 3.11 41.89
C GLU D 41 33.16 1.80 41.94
N PHE D 42 33.91 1.48 40.88
CA PHE D 42 34.74 0.28 40.83
C PHE D 42 36.12 0.66 40.37
N LYS D 43 37.12 -0.02 40.91
CA LYS D 43 38.44 -0.06 40.31
C LYS D 43 38.78 -1.51 40.04
N GLN D 44 39.76 -1.71 39.17
CA GLN D 44 40.11 -3.08 38.81
C GLN D 44 40.51 -3.89 40.03
N GLY D 45 39.92 -5.07 40.19
CA GLY D 45 40.17 -5.95 41.30
C GLY D 45 39.13 -5.89 42.40
N ASP D 46 38.25 -4.90 42.39
CA ASP D 46 37.16 -4.83 43.36
C ASP D 46 36.14 -5.95 43.15
N ARG D 47 35.51 -6.36 44.25
CA ARG D 47 34.43 -7.31 44.17
C ARG D 47 33.08 -6.62 44.04
N GLY D 48 32.13 -7.36 43.47
CA GLY D 48 30.79 -6.83 43.31
C GLY D 48 29.83 -7.93 42.92
N VAL D 49 28.55 -7.58 42.97
CA VAL D 49 27.50 -8.49 42.56
C VAL D 49 27.13 -8.16 41.13
N TYR D 50 27.23 -9.17 40.24
CA TYR D 50 26.90 -9.05 38.84
C TYR D 50 25.58 -9.79 38.57
N PHE D 51 24.57 -9.05 38.13
CA PHE D 51 23.32 -9.61 37.66
C PHE D 51 23.37 -9.72 36.14
N GLU D 52 23.19 -10.92 35.61
CA GLU D 52 23.24 -11.13 34.17
C GLU D 52 21.99 -10.59 33.49
N ILE D 53 22.10 -10.39 32.16
CA ILE D 53 20.91 -10.15 31.36
C ILE D 53 19.93 -11.29 31.54
N ASP D 54 18.64 -10.96 31.41
CA ASP D 54 17.45 -11.77 31.61
C ASP D 54 17.06 -11.79 33.08
N SER D 55 17.89 -11.23 33.97
CA SER D 55 17.53 -11.12 35.37
C SER D 55 16.31 -10.23 35.53
N PHE D 56 15.37 -10.67 36.37
CA PHE D 56 14.29 -9.82 36.80
C PHE D 56 14.54 -9.45 38.25
N ILE D 57 14.64 -8.15 38.50
CA ILE D 57 15.04 -7.61 39.78
C ILE D 57 13.86 -6.79 40.30
N LYS D 58 13.23 -7.26 41.38
CA LYS D 58 12.07 -6.55 41.91
C LYS D 58 12.48 -5.19 42.47
N GLU D 59 11.52 -4.26 42.47
CA GLU D 59 11.80 -2.86 42.74
C GLU D 59 12.24 -2.62 44.17
N ASP D 60 13.28 -1.79 44.32
CA ASP D 60 13.89 -1.53 45.63
C ASP D 60 14.70 -0.26 45.49
N ASN D 61 14.27 0.82 46.14
CA ASN D 61 15.02 2.05 45.94
C ASN D 61 16.27 2.12 46.80
N ASP D 62 16.44 1.21 47.74
CA ASP D 62 17.64 1.22 48.56
C ASP D 62 18.78 0.49 47.86
N ARG D 63 18.52 -0.70 47.34
CA ARG D 63 19.54 -1.47 46.65
C ARG D 63 19.68 -1.10 45.18
N TYR D 64 18.54 -0.86 44.51
CA TYR D 64 18.53 -0.69 43.03
C TYR D 64 17.87 0.62 42.58
N PRO D 65 18.28 1.76 43.15
CA PRO D 65 17.68 3.02 42.70
C PRO D 65 18.08 3.40 41.28
N MET D 66 19.13 2.79 40.71
CA MET D 66 19.53 3.10 39.34
C MET D 66 18.68 2.40 38.29
N LEU D 67 17.76 1.53 38.71
CA LEU D 67 16.87 0.80 37.83
C LEU D 67 15.52 1.48 37.69
N SER D 68 15.39 2.69 38.25
CA SER D 68 14.09 3.30 38.46
C SER D 68 13.39 3.65 37.17
N LYS D 69 14.12 3.89 36.08
CA LYS D 69 13.45 4.30 34.85
C LYS D 69 13.10 3.15 33.92
N GLN D 70 13.39 1.90 34.31
CA GLN D 70 13.05 0.75 33.48
C GLN D 70 12.09 -0.19 34.19
N VAL D 71 11.23 0.33 35.06
CA VAL D 71 10.29 -0.51 35.79
C VAL D 71 9.19 -1.00 34.84
N ILE D 72 8.92 -2.30 34.91
CA ILE D 72 7.87 -2.94 34.14
C ILE D 72 6.95 -3.62 35.13
N ASP D 73 5.85 -4.16 34.60
CA ASP D 73 4.99 -5.09 35.30
C ASP D 73 5.35 -6.49 34.81
N TYR D 74 5.50 -7.41 35.73
CA TYR D 74 5.75 -8.79 35.37
C TYR D 74 5.07 -9.66 36.42
N GLU D 75 4.03 -10.40 36.00
CA GLU D 75 3.30 -11.28 36.91
C GLU D 75 2.79 -10.51 38.13
N GLY D 76 2.47 -9.23 37.92
CA GLY D 76 1.95 -8.36 38.95
C GLY D 76 2.97 -7.69 39.85
N GLN D 77 4.27 -7.97 39.66
CA GLN D 77 5.33 -7.38 40.48
C GLN D 77 6.00 -6.26 39.71
N ARG D 78 6.28 -5.15 40.39
CA ARG D 78 7.09 -4.09 39.79
C ARG D 78 8.56 -4.49 39.86
N GLY D 79 9.30 -4.21 38.80
CA GLY D 79 10.67 -4.64 38.76
C GLY D 79 11.30 -4.35 37.42
N THR D 80 12.56 -4.75 37.29
CA THR D 80 13.33 -4.41 36.11
C THR D 80 13.85 -5.67 35.43
N ARG D 81 13.64 -5.73 34.11
CA ARG D 81 14.23 -6.77 33.31
C ARG D 81 15.51 -6.20 32.71
N LEU D 82 16.63 -6.82 33.07
CA LEU D 82 17.92 -6.41 32.53
C LEU D 82 18.01 -6.91 31.11
N ARG D 83 18.36 -6.02 30.18
CA ARG D 83 18.49 -6.40 28.79
C ARG D 83 19.74 -5.76 28.19
N THR D 84 20.18 -6.33 27.07
CA THR D 84 21.28 -5.74 26.33
C THR D 84 20.94 -4.30 25.98
N ALA D 85 21.94 -3.42 26.13
CA ALA D 85 21.75 -2.01 25.89
C ALA D 85 23.02 -1.44 25.31
N ARG D 86 22.93 -0.21 24.80
CA ARG D 86 24.07 0.50 24.20
C ARG D 86 23.96 1.94 24.70
N LEU D 87 24.82 2.30 25.66
CA LEU D 87 24.77 3.59 26.35
C LEU D 87 25.96 4.43 25.95
N ARG D 88 25.70 5.61 25.38
CA ARG D 88 26.76 6.49 24.92
C ARG D 88 27.73 5.75 24.02
N GLY D 89 27.19 4.88 23.16
CA GLY D 89 27.96 4.05 22.26
C GLY D 89 28.54 2.78 22.87
N GLN D 90 28.46 2.59 24.18
CA GLN D 90 29.10 1.44 24.82
C GLN D 90 28.09 0.32 24.99
N LEU D 91 28.40 -0.84 24.42
CA LEU D 91 27.63 -2.05 24.71
C LEU D 91 27.62 -2.31 26.21
N SER D 92 26.44 -2.49 26.78
CA SER D 92 26.31 -2.62 28.22
C SER D 92 25.38 -3.78 28.51
N GLN D 93 25.85 -4.73 29.31
CA GLN D 93 25.10 -5.95 29.55
C GLN D 93 25.24 -6.32 31.01
N GLY D 94 24.09 -6.42 31.70
CA GLY D 94 24.03 -6.79 33.10
C GLY D 94 24.18 -5.59 34.01
N LEU D 95 24.12 -5.85 35.30
CA LEU D 95 24.21 -4.78 36.29
C LEU D 95 25.30 -5.17 37.28
N PHE D 96 26.21 -4.25 37.54
CA PHE D 96 27.36 -4.54 38.39
C PHE D 96 27.33 -3.56 39.55
N LEU D 97 27.12 -4.11 40.76
CA LEU D 97 26.99 -3.20 41.88
C LEU D 97 28.06 -3.48 42.93
N PRO D 98 28.59 -2.43 43.55
CA PRO D 98 29.64 -2.61 44.55
C PRO D 98 29.13 -3.42 45.74
N MET D 99 30.04 -4.18 46.36
CA MET D 99 29.70 -5.02 47.50
C MET D 99 29.04 -4.22 48.63
N ASP D 100 29.19 -2.89 48.65
CA ASP D 100 28.80 -2.08 49.78
C ASP D 100 27.28 -2.03 50.10
N ARG D 101 26.30 -2.00 49.17
CA ARG D 101 25.02 -2.28 49.85
C ARG D 101 24.50 -3.70 49.63
N PHE D 102 25.35 -4.68 49.85
CA PHE D 102 24.97 -6.06 50.09
C PHE D 102 25.70 -6.56 51.32
N PRO D 103 25.38 -6.00 52.50
CA PRO D 103 26.02 -6.48 53.72
C PRO D 103 25.78 -7.94 53.98
N GLU D 104 24.64 -8.48 53.52
CA GLU D 104 24.36 -9.87 53.78
C GLU D 104 25.25 -10.82 53.00
N LEU D 105 25.98 -10.33 51.99
CA LEU D 105 26.83 -11.21 51.20
C LEU D 105 28.30 -11.09 51.59
N ALA D 106 28.60 -10.34 52.65
CA ALA D 106 29.97 -10.08 53.07
C ALA D 106 30.75 -11.35 53.28
N SER D 107 30.07 -12.42 53.67
CA SER D 107 30.72 -13.70 53.88
C SER D 107 30.92 -14.50 52.59
N ASN D 108 30.43 -14.03 51.45
CA ASN D 108 30.50 -14.81 50.20
C ASN D 108 31.83 -14.61 49.47
N GLN D 109 32.19 -15.62 48.69
CA GLN D 109 33.38 -15.57 47.85
C GLN D 109 32.99 -15.33 46.40
N VAL D 110 33.91 -14.71 45.65
CA VAL D 110 33.79 -14.67 44.19
C VAL D 110 33.47 -16.06 43.65
N GLY D 111 32.51 -16.11 42.72
CA GLY D 111 32.02 -17.35 42.14
C GLY D 111 30.75 -17.82 42.79
N ASP D 112 30.43 -17.29 43.96
CA ASP D 112 29.23 -17.68 44.67
C ASP D 112 28.01 -17.23 43.89
N ASP D 113 27.03 -18.10 43.82
CA ASP D 113 25.73 -17.78 43.25
C ASP D 113 24.88 -17.19 44.37
N VAL D 114 24.51 -15.94 44.25
CA VAL D 114 23.68 -15.33 45.28
C VAL D 114 22.30 -15.08 44.70
N THR D 115 21.93 -15.84 43.67
CA THR D 115 20.65 -15.62 43.03
C THR D 115 19.50 -15.75 44.00
N GLU D 116 19.52 -16.80 44.81
CA GLU D 116 18.36 -17.07 45.67
C GLU D 116 18.38 -16.23 46.93
N ILE D 117 19.57 -15.89 47.42
CA ILE D 117 19.66 -15.05 48.60
C ILE D 117 19.07 -13.69 48.30
N LEU D 118 19.28 -13.19 47.09
CA LEU D 118 18.86 -11.84 46.72
C LEU D 118 17.48 -11.80 46.09
N GLY D 119 16.85 -12.95 45.91
CA GLY D 119 15.48 -13.01 45.39
C GLY D 119 15.35 -12.66 43.93
N ILE D 120 16.34 -13.00 43.11
CA ILE D 120 16.37 -12.67 41.69
C ILE D 120 15.73 -13.82 40.92
N THR D 121 14.98 -13.48 39.88
CA THR D 121 14.32 -14.47 39.04
C THR D 121 14.54 -14.14 37.57
N LYS D 122 14.37 -15.13 36.70
CA LYS D 122 14.58 -14.92 35.27
C LYS D 122 13.28 -14.43 34.61
N TRP D 123 13.40 -13.39 33.79
CA TRP D 123 12.27 -12.91 33.00
C TRP D 123 12.09 -13.80 31.79
N GLU D 124 10.83 -14.15 31.50
CA GLU D 124 10.54 -14.98 30.34
C GLU D 124 9.20 -14.62 29.72
N PRO D 125 9.09 -14.65 28.41
CA PRO D 125 7.83 -14.29 27.73
C PRO D 125 6.78 -15.38 27.92
N PRO D 126 5.50 -15.04 27.74
CA PRO D 126 4.45 -16.05 27.81
C PRO D 126 4.69 -17.14 26.77
N ILE D 127 4.37 -18.36 27.15
CA ILE D 127 4.56 -19.46 26.22
C ILE D 127 3.47 -19.37 25.17
N SER D 128 3.78 -19.86 23.97
CA SER D 128 2.82 -19.74 22.89
C SER D 128 1.75 -20.78 23.08
N THR D 129 0.56 -20.48 22.54
CA THR D 129 -0.59 -21.32 22.86
C THR D 129 -0.49 -22.71 22.20
N ASN D 130 0.30 -22.90 21.12
CA ASN D 130 0.33 -24.30 20.71
C ASN D 130 1.52 -25.01 21.36
N LEU D 131 2.33 -24.33 22.16
CA LEU D 131 3.45 -25.00 22.80
C LEU D 131 3.20 -25.37 24.26
N SER D 132 2.09 -24.86 24.85
CA SER D 132 1.54 -25.39 26.09
C SER D 132 0.59 -26.54 25.79
N GLY D 133 0.79 -27.62 26.50
CA GLY D 133 -0.18 -28.66 26.51
C GLY D 133 -0.43 -28.81 27.97
N GLU D 134 -1.21 -29.78 28.39
CA GLU D 134 -1.32 -29.92 29.83
C GLU D 134 -0.40 -31.04 30.32
N ILE D 135 -0.18 -31.03 31.60
CA ILE D 135 0.99 -31.62 32.23
C ILE D 135 0.71 -33.05 32.62
N LEU D 136 1.62 -33.94 32.21
CA LEU D 136 1.63 -35.31 32.66
C LEU D 136 2.50 -35.46 33.92
N GLY D 137 3.58 -34.71 33.97
CA GLY D 137 4.41 -34.71 35.15
C GLY D 137 5.66 -33.89 34.93
N GLU D 138 6.49 -33.91 35.96
CA GLU D 138 7.78 -33.24 35.97
C GLU D 138 8.64 -33.71 34.82
N PHE D 139 9.62 -32.88 34.48
CA PHE D 139 10.71 -33.32 33.62
C PHE D 139 11.46 -34.46 34.31
N PRO D 140 11.75 -35.57 33.62
CA PRO D 140 12.44 -36.70 34.29
C PRO D 140 13.77 -36.29 34.91
N THR D 141 13.99 -36.71 36.14
CA THR D 141 15.28 -36.42 36.76
C THR D 141 16.42 -37.19 36.11
N PHE D 142 16.12 -38.21 35.31
CA PHE D 142 17.19 -39.02 34.73
C PHE D 142 17.60 -38.55 33.34
N ILE D 143 17.03 -37.45 32.84
CA ILE D 143 17.45 -36.81 31.59
C ILE D 143 17.95 -35.41 31.97
N SER D 144 19.11 -35.02 31.43
CA SER D 144 19.57 -33.66 31.71
C SER D 144 18.74 -32.65 30.92
N LYS D 145 18.55 -31.49 31.52
CA LYS D 145 17.84 -30.48 30.79
C LYS D 145 18.77 -29.87 29.75
N THR D 146 18.21 -28.98 28.98
CA THR D 146 18.87 -28.43 27.83
C THR D 146 19.26 -27.03 28.28
N ASP D 147 20.51 -26.87 28.65
CA ASP D 147 20.92 -25.56 29.09
C ASP D 147 22.37 -25.44 28.74
N GLN D 148 22.74 -24.27 28.27
CA GLN D 148 24.10 -23.95 27.91
C GLN D 148 24.53 -22.71 28.69
N GLU D 149 25.74 -22.79 29.23
CA GLU D 149 26.40 -21.63 29.80
C GLU D 149 26.91 -20.73 28.68
N ARG D 150 27.04 -19.45 28.97
CA ARG D 150 27.47 -18.45 28.00
C ARG D 150 28.98 -18.36 28.04
N VAL D 151 29.58 -18.15 26.87
CA VAL D 151 31.03 -18.09 26.81
C VAL D 151 31.54 -16.92 27.64
N GLN D 152 30.76 -15.84 27.75
CA GLN D 152 31.17 -14.71 28.57
C GLN D 152 31.45 -15.13 29.99
N ASN D 153 30.91 -16.28 30.43
CA ASN D 153 31.08 -16.71 31.80
C ASN D 153 32.12 -17.81 31.94
N LEU D 154 32.80 -18.19 30.87
CA LEU D 154 33.70 -19.33 30.91
C LEU D 154 35.09 -18.94 30.52
N ILE D 155 35.57 -17.80 31.00
CA ILE D 155 36.89 -17.31 30.63
C ILE D 155 37.98 -18.38 30.97
N PRO D 156 38.04 -18.84 32.23
CA PRO D 156 39.08 -19.85 32.53
C PRO D 156 38.88 -21.14 31.76
N GLN D 157 37.63 -21.55 31.55
CA GLN D 157 37.38 -22.80 30.85
C GLN D 157 37.77 -22.72 29.39
N ILE D 158 37.69 -21.53 28.79
CA ILE D 158 38.09 -21.40 27.38
C ILE D 158 39.60 -21.54 27.24
N GLU D 159 40.37 -21.20 28.28
CA GLU D 159 41.81 -21.36 28.18
C GLU D 159 42.26 -22.78 28.53
N GLU D 160 41.59 -23.40 29.52
CA GLU D 160 41.83 -24.82 29.79
C GLU D 160 41.60 -25.68 28.56
N ASN D 161 40.62 -25.32 27.73
CA ASN D 161 40.25 -26.13 26.60
C ASN D 161 40.99 -25.73 25.33
N LYS D 162 42.14 -25.07 25.47
CA LYS D 162 42.98 -24.85 24.30
C LYS D 162 43.41 -26.20 23.76
N GLY D 163 43.35 -26.37 22.44
CA GLY D 163 43.70 -27.63 21.84
C GLY D 163 42.57 -28.63 21.69
N GLN D 164 41.49 -28.50 22.47
CA GLN D 164 40.31 -29.35 22.31
C GLN D 164 39.49 -28.95 21.08
N LYS D 165 38.70 -29.89 20.59
CA LYS D 165 37.94 -29.65 19.37
C LYS D 165 36.45 -29.66 19.68
N PHE D 166 35.68 -28.92 18.89
CA PHE D 166 34.28 -28.65 19.21
C PHE D 166 33.36 -28.78 17.99
N GLU D 167 32.21 -29.42 18.15
CA GLU D 167 31.20 -29.36 17.11
C GLU D 167 30.53 -28.01 17.16
N VAL D 168 30.43 -27.33 16.03
CA VAL D 168 29.90 -25.98 16.04
C VAL D 168 28.57 -25.99 15.32
N THR D 169 27.51 -25.57 16.00
CA THR D 169 26.15 -25.63 15.49
C THR D 169 25.43 -24.29 15.65
N VAL D 170 24.49 -24.06 14.74
CA VAL D 170 23.68 -22.85 14.78
C VAL D 170 22.63 -22.98 15.88
N LYS D 171 22.52 -21.93 16.69
CA LYS D 171 21.53 -21.93 17.76
C LYS D 171 20.20 -21.45 17.19
N LEU D 172 19.16 -22.26 17.29
CA LEU D 172 17.87 -21.89 16.73
C LEU D 172 16.95 -21.36 17.80
N ALA D 173 16.19 -20.33 17.45
CA ALA D 173 15.35 -19.63 18.40
C ALA D 173 13.95 -20.25 18.35
N GLY D 174 13.70 -21.21 19.24
CA GLY D 174 12.37 -21.75 19.36
C GLY D 174 12.08 -22.15 20.79
N SER D 175 11.55 -23.35 21.01
CA SER D 175 11.40 -23.84 22.36
C SER D 175 11.91 -25.28 22.43
N SER D 176 12.49 -25.58 23.58
CA SER D 176 13.15 -26.86 23.77
C SER D 176 12.15 -28.01 23.84
N MET D 177 12.60 -29.15 23.38
CA MET D 177 11.71 -30.27 23.24
C MET D 177 12.51 -31.55 23.41
N THR D 178 12.03 -32.42 24.30
CA THR D 178 12.66 -33.72 24.52
C THR D 178 11.64 -34.81 24.16
N VAL D 179 12.08 -35.78 23.35
CA VAL D 179 11.37 -37.01 23.07
C VAL D 179 12.27 -38.14 23.53
N TYR D 180 11.79 -38.96 24.48
CA TYR D 180 12.63 -39.95 25.12
C TYR D 180 11.92 -41.30 25.26
N ARG D 181 12.74 -42.34 25.36
CA ARG D 181 12.29 -43.68 25.71
C ARG D 181 12.99 -44.10 26.98
N LYS D 182 12.23 -44.56 27.96
CA LYS D 182 12.82 -45.33 29.04
C LYS D 182 11.99 -46.59 29.20
N ASP D 183 12.57 -47.71 28.78
CA ASP D 183 11.92 -49.03 28.87
C ASP D 183 10.59 -48.98 28.14
N ASP D 184 9.46 -49.29 28.77
CA ASP D 184 8.20 -49.31 28.03
C ASP D 184 7.73 -47.92 27.65
N HIS D 185 8.09 -46.89 28.43
CA HIS D 185 7.48 -45.58 28.27
C HIS D 185 8.26 -44.70 27.30
N ILE D 186 7.53 -44.04 26.41
CA ILE D 186 8.08 -43.09 25.45
C ILE D 186 7.25 -41.81 25.54
N GLY D 187 7.90 -40.71 25.97
CA GLY D 187 7.21 -39.47 26.28
C GLY D 187 7.76 -38.25 25.56
N VAL D 188 6.95 -37.19 25.55
CA VAL D 188 7.27 -35.92 24.90
C VAL D 188 7.26 -34.80 25.94
N CYS D 189 8.31 -33.95 25.93
CA CYS D 189 8.44 -32.87 26.89
C CYS D 189 8.77 -31.53 26.25
N GLY D 190 8.49 -30.48 27.02
CA GLY D 190 9.00 -29.14 26.78
C GLY D 190 10.29 -28.94 27.56
N ARG D 191 10.52 -27.71 27.96
CA ARG D 191 11.71 -27.45 28.73
C ARG D 191 11.58 -27.92 30.15
N ASN D 192 10.38 -27.89 30.66
CA ASN D 192 10.20 -28.08 32.09
C ASN D 192 9.18 -29.12 32.47
N TRP D 193 8.40 -29.65 31.54
CA TRP D 193 7.35 -30.59 31.89
C TRP D 193 7.21 -31.66 30.80
N GLU D 194 6.80 -32.86 31.21
CA GLU D 194 6.33 -33.85 30.25
C GLU D 194 4.88 -33.57 29.91
N LEU D 195 4.51 -33.75 28.65
CA LEU D 195 3.19 -33.36 28.15
C LEU D 195 2.37 -34.54 27.62
N ARG D 196 1.04 -34.49 27.80
CA ARG D 196 0.17 -35.47 27.19
C ARG D 196 0.01 -35.14 25.72
N GLU D 197 -0.29 -36.16 24.95
CA GLU D 197 -0.61 -35.99 23.55
C GLU D 197 -2.00 -35.37 23.43
N THR D 198 -2.13 -34.26 22.67
CA THR D 198 -3.43 -33.73 22.24
C THR D 198 -3.40 -33.29 20.78
N ALA D 199 -4.61 -33.06 20.26
CA ALA D 199 -4.82 -32.60 18.89
C ALA D 199 -4.30 -31.18 18.62
N THR D 200 -3.70 -30.53 19.63
CA THR D 200 -3.16 -29.18 19.42
C THR D 200 -1.74 -29.02 19.95
N ASN D 201 -1.25 -29.94 20.79
CA ASN D 201 0.05 -29.74 21.40
C ASN D 201 1.21 -29.83 20.40
N ALA D 202 1.70 -28.66 19.98
CA ALA D 202 2.69 -28.58 18.90
C ALA D 202 3.93 -29.45 19.09
N GLN D 203 4.33 -29.79 20.33
CA GLN D 203 5.48 -30.69 20.52
C GLN D 203 5.16 -32.11 20.10
N TRP D 204 4.06 -32.67 20.59
CA TRP D 204 3.66 -34.00 20.18
C TRP D 204 3.43 -34.04 18.68
N HIS D 205 3.03 -32.91 18.19
CA HIS D 205 2.59 -32.67 16.84
C HIS D 205 3.74 -32.81 15.84
N ALA D 206 4.87 -32.21 16.19
CA ALA D 206 6.11 -32.35 15.47
C ALA D 206 6.70 -33.72 15.73
N ALA D 207 6.42 -34.32 16.91
CA ALA D 207 6.98 -35.62 17.21
C ALA D 207 6.36 -36.68 16.33
N ARG D 208 5.06 -36.56 16.06
CA ARG D 208 4.41 -37.46 15.14
C ARG D 208 4.88 -37.18 13.71
N ARG D 209 5.21 -35.92 13.40
CA ARG D 209 5.29 -35.51 12.00
C ARG D 209 6.44 -36.25 11.34
N ASN D 210 7.49 -36.51 12.15
CA ASN D 210 8.69 -37.20 11.73
C ASN D 210 8.80 -38.61 12.30
N LYS D 211 7.74 -39.11 12.93
CA LYS D 211 7.67 -40.42 13.64
C LYS D 211 8.94 -40.72 14.46
N MET D 212 9.36 -39.79 15.30
CA MET D 212 10.51 -40.09 16.14
C MET D 212 10.15 -40.94 17.36
N ILE D 213 8.88 -41.02 17.72
CA ILE D 213 8.46 -41.96 18.74
C ILE D 213 8.68 -43.39 18.24
N GLU D 214 8.27 -43.62 17.02
CA GLU D 214 8.36 -44.92 16.37
C GLU D 214 9.83 -45.23 16.06
N GLY D 215 10.61 -44.18 15.79
CA GLY D 215 12.05 -44.36 15.64
C GLY D 215 12.74 -44.76 16.93
N LEU D 216 12.28 -44.23 18.06
CA LEU D 216 12.89 -44.62 19.34
C LEU D 216 12.49 -46.05 19.72
N GLN D 217 11.24 -46.41 19.45
CA GLN D 217 10.84 -47.80 19.58
C GLN D 217 11.77 -48.68 18.75
N PHE D 218 12.12 -48.22 17.56
CA PHE D 218 13.00 -48.97 16.67
C PHE D 218 14.40 -49.13 17.25
N LEU D 219 15.03 -48.02 17.68
CA LEU D 219 16.42 -48.14 18.14
C LEU D 219 16.53 -48.96 19.42
N ASN D 220 15.44 -49.10 20.17
CA ASN D 220 15.36 -50.06 21.27
C ASN D 220 16.40 -49.77 22.35
N ARG D 221 16.63 -48.47 22.59
CA ARG D 221 17.55 -47.98 23.61
C ARG D 221 16.88 -46.90 24.45
N ASN D 222 17.42 -46.70 25.64
CA ASN D 222 16.96 -45.66 26.57
C ASN D 222 17.67 -44.36 26.21
N LEU D 223 17.03 -43.58 25.33
CA LEU D 223 17.62 -42.38 24.77
C LEU D 223 16.63 -41.22 24.85
N ALA D 224 17.16 -40.01 25.06
CA ALA D 224 16.39 -38.78 25.00
C ALA D 224 16.84 -37.94 23.80
N LEU D 225 15.94 -37.70 22.86
CA LEU D 225 16.23 -36.85 21.71
C LEU D 225 15.91 -35.41 22.08
N GLN D 226 16.93 -34.53 22.09
CA GLN D 226 16.75 -33.16 22.55
C GLN D 226 16.97 -32.21 21.38
N GLY D 227 15.97 -31.37 21.12
CA GLY D 227 16.04 -30.42 20.03
C GLY D 227 15.10 -29.24 20.17
N GLU D 228 15.11 -28.41 19.14
CA GLU D 228 14.37 -27.17 19.12
C GLU D 228 13.21 -27.31 18.14
N ILE D 229 12.01 -26.96 18.60
CA ILE D 229 10.88 -26.83 17.69
C ILE D 229 10.76 -25.37 17.27
N ILE D 230 10.74 -25.12 15.96
CA ILE D 230 10.74 -23.77 15.39
C ILE D 230 9.61 -23.68 14.35
N GLY D 231 9.39 -22.46 13.84
CA GLY D 231 8.37 -22.24 12.83
C GLY D 231 7.34 -21.19 13.23
N GLU D 232 6.16 -21.22 12.60
CA GLU D 232 5.08 -20.27 12.90
C GLU D 232 4.62 -20.39 14.36
N SER D 233 4.21 -19.25 14.97
CA SER D 233 3.78 -19.08 16.37
C SER D 233 4.85 -19.57 17.32
N ILE D 234 6.09 -19.63 16.87
CA ILE D 234 7.23 -20.09 17.68
C ILE D 234 8.20 -18.93 17.69
N GLN D 235 8.36 -18.22 18.82
CA GLN D 235 9.36 -17.12 18.91
C GLN D 235 9.42 -16.24 17.65
N GLY D 236 8.23 -15.87 17.17
CA GLY D 236 8.15 -14.95 16.08
C GLY D 236 8.53 -15.54 14.74
N ASN D 237 8.92 -16.82 14.70
CA ASN D 237 9.22 -17.54 13.47
C ASN D 237 10.34 -16.85 12.70
N LEU D 238 11.53 -16.84 13.30
CA LEU D 238 12.64 -16.05 12.77
C LEU D 238 13.13 -16.57 11.42
N GLU D 239 13.09 -17.91 11.22
CA GLU D 239 13.54 -18.50 9.95
C GLU D 239 12.48 -18.42 8.86
N LYS D 240 11.30 -17.88 9.18
CA LYS D 240 10.21 -17.68 8.24
C LYS D 240 9.79 -19.01 7.62
N LEU D 241 9.53 -20.00 8.48
CA LEU D 241 9.21 -21.36 8.07
C LEU D 241 7.73 -21.61 7.91
N LYS D 242 7.40 -22.63 7.10
CA LYS D 242 6.03 -23.11 6.94
C LYS D 242 5.78 -24.23 7.96
N GLY D 243 4.74 -24.04 8.78
CA GLY D 243 4.55 -25.09 9.76
C GLY D 243 5.59 -25.04 10.87
N GLN D 244 5.65 -26.13 11.60
CA GLN D 244 6.62 -26.29 12.66
C GLN D 244 7.40 -27.57 12.40
N ASP D 245 8.60 -27.63 12.97
CA ASP D 245 9.38 -28.85 12.85
C ASP D 245 10.46 -28.87 13.92
N PHE D 246 10.87 -30.07 14.29
CA PHE D 246 11.85 -30.34 15.32
C PHE D 246 13.24 -30.40 14.72
N TYR D 247 14.22 -29.83 15.42
CA TYR D 247 15.61 -29.90 14.98
C TYR D 247 16.47 -30.40 16.13
N LEU D 248 17.10 -31.56 15.94
CA LEU D 248 17.88 -32.17 17.01
C LEU D 248 19.18 -31.42 17.27
N PHE D 249 19.60 -31.36 18.54
CA PHE D 249 20.95 -30.89 18.81
C PHE D 249 21.72 -31.71 19.82
N ASP D 250 21.07 -32.63 20.53
CA ASP D 250 21.72 -33.51 21.49
C ASP D 250 20.90 -34.79 21.60
N ILE D 251 21.58 -35.87 21.99
CA ILE D 251 20.90 -37.09 22.42
C ILE D 251 21.49 -37.51 23.75
N TYR D 252 20.64 -37.74 24.73
CA TYR D 252 21.09 -38.11 26.06
C TYR D 252 20.91 -39.61 26.22
N ASP D 253 22.00 -40.30 26.55
CA ASP D 253 22.04 -41.74 26.87
C ASP D 253 21.58 -41.89 28.31
N ILE D 254 20.32 -42.27 28.51
CA ILE D 254 19.75 -42.29 29.86
C ILE D 254 20.50 -43.26 30.76
N ASP D 255 20.84 -44.44 30.23
CA ASP D 255 21.41 -45.50 31.06
C ASP D 255 22.78 -45.11 31.58
N LYS D 256 23.63 -44.54 30.72
CA LYS D 256 24.97 -44.12 31.16
C LYS D 256 24.99 -42.68 31.66
N ALA D 257 23.85 -42.01 31.65
CA ALA D 257 23.71 -40.67 32.18
C ALA D 257 24.78 -39.72 31.61
N GLN D 258 24.91 -39.72 30.30
CA GLN D 258 25.79 -38.79 29.61
C GLN D 258 25.23 -38.53 28.22
N TYR D 259 25.77 -37.49 27.57
CA TYR D 259 25.38 -37.15 26.21
C TYR D 259 26.16 -38.01 25.20
N LEU D 260 25.49 -38.39 24.12
CA LEU D 260 26.23 -38.99 23.00
C LEU D 260 27.22 -37.97 22.44
N THR D 261 28.39 -38.43 22.01
CA THR D 261 29.32 -37.51 21.37
C THR D 261 28.75 -36.99 20.05
N PRO D 262 29.30 -35.89 19.54
CA PRO D 262 28.80 -35.36 18.26
C PRO D 262 28.84 -36.38 17.13
N ILE D 263 29.90 -37.21 17.07
CA ILE D 263 30.01 -38.19 15.98
C ILE D 263 28.98 -39.31 16.14
N GLU D 264 28.81 -39.84 17.37
CA GLU D 264 27.79 -40.88 17.62
C GLU D 264 26.38 -40.36 17.35
N ARG D 265 26.11 -39.09 17.76
CA ARG D 265 24.80 -38.50 17.47
C ARG D 265 24.63 -38.38 15.96
N GLN D 266 25.69 -37.99 15.26
CA GLN D 266 25.55 -37.90 13.82
C GLN D 266 25.33 -39.29 13.21
N SER D 267 25.86 -40.35 13.85
CA SER D 267 25.55 -41.72 13.43
C SER D 267 24.08 -42.06 13.63
N LEU D 268 23.53 -41.74 14.80
CA LEU D 268 22.15 -42.13 15.06
C LEU D 268 21.15 -41.39 14.17
N VAL D 269 21.40 -40.10 13.88
CA VAL D 269 20.48 -39.38 13.01
C VAL D 269 20.51 -39.96 11.61
N LYS D 270 21.70 -40.35 11.13
CA LYS D 270 21.81 -41.08 9.88
C LYS D 270 21.04 -42.39 9.98
N GLN D 271 21.40 -43.21 10.98
CA GLN D 271 20.70 -44.47 11.21
C GLN D 271 19.18 -44.25 11.25
N LEU D 272 18.73 -43.20 11.95
CA LEU D 272 17.30 -42.95 12.07
C LEU D 272 16.67 -42.61 10.72
N ASN D 273 17.38 -41.84 9.89
CA ASN D 273 16.83 -41.44 8.60
C ASN D 273 16.92 -42.55 7.55
N ASP D 274 17.98 -43.36 7.60
CA ASP D 274 18.08 -44.52 6.72
C ASP D 274 16.93 -45.51 6.93
N ASN D 275 16.30 -45.50 8.10
CA ASN D 275 15.21 -46.43 8.37
C ASN D 275 13.84 -45.74 8.28
N GLY D 276 13.78 -44.59 7.61
CA GLY D 276 12.53 -43.93 7.38
C GLY D 276 12.03 -43.03 8.48
N PHE D 277 12.88 -42.66 9.44
CA PHE D 277 12.51 -41.71 10.49
C PHE D 277 13.26 -40.41 10.23
N THR D 278 12.57 -39.43 9.65
CA THR D 278 13.17 -38.22 9.10
C THR D 278 13.29 -37.21 10.23
N VAL D 279 14.44 -37.25 10.91
CA VAL D 279 14.72 -36.34 12.02
C VAL D 279 15.76 -35.34 11.55
N LYS D 280 15.40 -34.05 11.54
CA LYS D 280 16.38 -33.06 11.14
C LYS D 280 17.32 -32.70 12.30
N HIS D 281 18.47 -32.15 11.94
CA HIS D 281 19.50 -31.73 12.87
C HIS D 281 19.75 -30.24 12.65
N VAL D 282 20.15 -29.56 13.72
CA VAL D 282 20.43 -28.13 13.64
C VAL D 282 21.64 -27.97 12.71
N PRO D 283 21.68 -26.88 11.97
CA PRO D 283 22.79 -26.68 11.04
C PRO D 283 24.13 -26.89 11.72
N ILE D 284 24.97 -27.71 11.09
CA ILE D 284 26.30 -28.05 11.56
C ILE D 284 27.28 -27.32 10.67
N LEU D 285 28.27 -26.68 11.29
CA LEU D 285 29.35 -25.92 10.68
C LEU D 285 30.67 -26.69 10.83
N ASP D 286 31.78 -26.04 10.50
CA ASP D 286 33.08 -26.69 10.59
C ASP D 286 33.47 -26.88 12.07
N ASP D 287 34.06 -28.04 12.37
CA ASP D 287 34.60 -28.23 13.70
C ASP D 287 35.62 -27.13 14.01
N LEU D 288 35.83 -26.88 15.30
CA LEU D 288 36.68 -25.79 15.78
C LEU D 288 37.74 -26.36 16.73
N GLU D 289 39.02 -26.14 16.40
CA GLU D 289 40.10 -26.37 17.36
C GLU D 289 40.27 -25.11 18.19
N LEU D 290 40.01 -25.21 19.48
CA LEU D 290 39.91 -24.03 20.34
C LEU D 290 41.29 -23.48 20.67
N ASN D 291 41.53 -22.26 20.23
CA ASN D 291 42.73 -21.50 20.56
C ASN D 291 42.33 -20.03 20.44
N HIS D 292 41.37 -19.65 21.28
CA HIS D 292 40.64 -18.41 21.11
C HIS D 292 40.39 -17.79 22.48
N THR D 293 40.12 -16.49 22.45
CA THR D 293 39.58 -15.80 23.61
C THR D 293 38.06 -15.82 23.51
N ALA D 294 37.42 -15.57 24.64
CA ALA D 294 35.97 -15.46 24.64
C ALA D 294 35.51 -14.39 23.68
N GLU D 295 36.31 -13.31 23.56
CA GLU D 295 35.90 -12.21 22.69
C GLU D 295 35.90 -12.63 21.24
N GLN D 296 36.86 -13.48 20.86
CA GLN D 296 36.91 -13.96 19.49
C GLN D 296 35.82 -14.97 19.20
N ILE D 297 35.49 -15.80 20.19
CA ILE D 297 34.38 -16.76 20.03
C ILE D 297 33.09 -16.02 19.79
N LEU D 298 32.84 -14.95 20.55
CA LEU D 298 31.63 -14.15 20.35
C LEU D 298 31.58 -13.57 18.95
N ALA D 299 32.73 -13.28 18.36
CA ALA D 299 32.70 -12.69 17.03
C ALA D 299 32.12 -13.66 16.00
N MET D 300 32.26 -14.96 16.25
CA MET D 300 31.66 -15.93 15.36
C MET D 300 30.14 -15.95 15.49
N ALA D 301 29.62 -15.41 16.59
CA ALA D 301 28.23 -15.66 16.93
C ALA D 301 27.27 -15.21 15.83
N ASP D 302 27.52 -14.06 15.21
CA ASP D 302 26.61 -13.59 14.17
C ASP D 302 26.96 -14.19 12.82
N GLY D 303 25.94 -14.30 11.98
CA GLY D 303 26.07 -14.92 10.68
C GLY D 303 24.75 -15.49 10.21
N PRO D 304 24.81 -16.28 9.14
CA PRO D 304 23.59 -16.83 8.55
C PRO D 304 23.04 -18.00 9.35
N SER D 305 21.71 -18.11 9.42
CA SER D 305 21.03 -19.16 10.18
C SER D 305 20.66 -20.33 9.27
N LEU D 306 19.67 -21.13 9.71
CA LEU D 306 19.12 -22.18 8.85
C LEU D 306 18.62 -21.59 7.53
N ASN D 307 17.78 -20.56 7.61
CA ASN D 307 17.54 -19.65 6.49
C ASN D 307 18.78 -18.79 6.28
N LYS D 308 19.52 -19.05 5.20
CA LYS D 308 20.82 -18.40 5.05
C LYS D 308 20.72 -16.91 4.75
N ASN D 309 19.51 -16.35 4.66
CA ASN D 309 19.32 -14.91 4.50
C ASN D 309 18.81 -14.22 5.76
N VAL D 310 18.69 -14.93 6.88
CA VAL D 310 18.31 -14.33 8.17
C VAL D 310 19.53 -14.39 9.09
N LYS D 311 19.54 -13.49 10.09
CA LYS D 311 20.65 -13.41 11.03
C LYS D 311 20.35 -14.28 12.24
N ARG D 312 21.33 -15.10 12.63
CA ARG D 312 21.09 -16.20 13.57
C ARG D 312 21.12 -15.69 15.00
N GLU D 313 20.45 -16.43 15.88
CA GLU D 313 20.50 -16.12 17.30
C GLU D 313 21.90 -16.33 17.87
N GLY D 314 22.67 -17.27 17.33
CA GLY D 314 24.02 -17.52 17.80
C GLY D 314 24.49 -18.94 17.48
N LEU D 315 25.49 -19.38 18.23
CA LEU D 315 26.11 -20.69 18.04
C LEU D 315 26.19 -21.43 19.37
N VAL D 316 26.21 -22.75 19.28
CA VAL D 316 26.44 -23.66 20.40
C VAL D 316 27.65 -24.51 20.05
N PHE D 317 28.57 -24.65 21.01
CA PHE D 317 29.80 -25.42 20.87
C PHE D 317 29.68 -26.63 21.77
N LYS D 318 29.91 -27.82 21.22
CA LYS D 318 29.89 -29.05 21.99
C LYS D 318 31.20 -29.79 21.78
N ARG D 319 31.97 -29.96 22.85
CA ARG D 319 33.25 -30.65 22.72
C ARG D 319 33.05 -32.10 22.26
N LEU D 320 34.01 -32.60 21.48
CA LEU D 320 33.82 -33.86 20.77
C LEU D 320 33.65 -35.06 21.69
N ASP D 321 33.93 -34.92 22.98
CA ASP D 321 33.59 -35.94 23.94
C ASP D 321 32.20 -35.74 24.51
N GLY D 322 31.50 -34.70 24.09
CA GLY D 322 30.15 -34.46 24.58
C GLY D 322 30.05 -34.13 26.07
N LYS D 323 31.15 -33.70 26.69
CA LYS D 323 31.18 -33.43 28.13
C LYS D 323 31.52 -31.98 28.46
N PHE D 324 31.54 -31.10 27.48
CA PHE D 324 31.74 -29.68 27.74
C PHE D 324 31.11 -28.90 26.59
N SER D 325 30.10 -28.09 26.88
CA SER D 325 29.43 -27.33 25.85
C SER D 325 29.11 -25.96 26.40
N PHE D 326 28.97 -24.98 25.50
CA PHE D 326 28.55 -23.63 25.86
C PHE D 326 27.94 -22.95 24.64
N LYS D 327 27.23 -21.84 24.88
CA LYS D 327 26.66 -21.02 23.82
C LYS D 327 27.39 -19.68 23.64
N ALA D 328 27.38 -19.19 22.41
CA ALA D 328 27.81 -17.83 22.12
C ALA D 328 26.68 -17.12 21.37
N ILE D 329 26.00 -16.19 22.04
CA ILE D 329 24.83 -15.49 21.47
C ILE D 329 25.28 -14.25 20.71
N SER D 330 24.68 -14.02 19.53
CA SER D 330 25.04 -12.84 18.74
C SER D 330 24.58 -11.58 19.46
N ASN D 331 25.51 -10.64 19.67
CA ASN D 331 25.11 -9.39 20.33
C ASN D 331 24.32 -8.48 19.38
N ALA D 332 24.66 -8.50 18.08
CA ALA D 332 23.82 -7.85 17.07
C ALA D 332 22.38 -8.36 17.12
N TYR D 333 22.20 -9.68 17.27
CA TYR D 333 20.87 -10.24 17.49
C TYR D 333 20.21 -9.67 18.72
N LEU D 334 20.91 -9.65 19.85
CA LEU D 334 20.29 -9.18 21.07
C LEU D 334 19.91 -7.70 20.97
N GLU D 335 20.74 -6.90 20.30
CA GLU D 335 20.42 -5.49 20.13
C GLU D 335 19.25 -5.29 19.18
N LYS D 336 19.19 -6.06 18.07
CA LYS D 336 18.09 -5.96 17.10
C LYS D 336 16.76 -6.26 17.77
N HIS D 337 16.74 -7.32 18.56
CA HIS D 337 15.51 -7.88 19.13
C HIS D 337 15.42 -7.57 20.62
N LYS D 338 15.41 -6.30 20.99
CA LYS D 338 15.46 -5.94 22.39
C LYS D 338 14.36 -6.58 23.23
N ASP D 339 13.34 -7.20 22.62
CA ASP D 339 12.38 -7.99 23.39
C ASP D 339 12.86 -9.42 23.66
N ARG D 340 14.17 -9.66 23.55
CA ARG D 340 14.80 -10.97 23.75
C ARG D 340 16.02 -10.87 24.69
P AMP E . 18.37 16.16 -5.49
O1P AMP E . 17.49 16.66 -4.39
O2P AMP E . 19.82 16.01 -5.17
O5' AMP E . 17.90 14.74 -6.09
C5' AMP E . 16.83 14.57 -7.03
C4' AMP E . 15.71 15.58 -6.89
O4' AMP E . 16.10 16.82 -7.52
C3' AMP E . 14.45 15.18 -7.62
O3' AMP E . 13.61 14.36 -6.80
C2' AMP E . 13.79 16.54 -7.93
O2' AMP E . 12.79 16.96 -7.01
C1' AMP E . 14.95 17.53 -7.90
N9 AMP E . 15.26 18.17 -9.17
C8 AMP E . 15.55 19.49 -9.31
N7 AMP E . 15.85 19.75 -10.61
C5 AMP E . 15.75 18.60 -11.30
C6 AMP E . 15.94 18.20 -12.71
N6 AMP E . 16.29 19.12 -13.62
N1 AMP E . 15.75 16.90 -13.01
C2 AMP E . 15.39 16.00 -12.09
N3 AMP E . 15.18 16.30 -10.79
C4 AMP E . 15.35 17.57 -10.35
P AMP F . -19.16 6.31 15.22
O1P AMP F . -20.49 6.31 14.51
O2P AMP F . -18.19 7.40 14.85
O5' AMP F . -18.49 4.91 14.80
C5' AMP F . -17.37 4.31 15.46
C4' AMP F . -16.40 5.29 16.09
O4' AMP F . -16.92 5.73 17.35
C3' AMP F . -15.07 4.67 16.41
O3' AMP F . -14.17 4.93 15.32
C2' AMP F . -14.59 5.44 17.62
O2' AMP F . -13.62 6.44 17.32
C1' AMP F . -15.86 6.07 18.21
N9 AMP F . -16.25 5.65 19.57
C8 AMP F . -16.53 6.60 20.48
N7 AMP F . -16.87 6.06 21.67
C5 AMP F . -16.80 4.73 21.57
C6 AMP F . -17.06 3.61 22.52
N6 AMP F . -17.46 3.86 23.79
N1 AMP F . -16.87 2.35 22.08
C2 AMP F . -16.49 2.15 20.79
N3 AMP F . -16.24 3.14 19.87
C4 AMP F . -16.36 4.45 20.18
P AMP G . -18.19 0.97 -32.67
O1P AMP G . -18.86 2.18 -32.03
O2P AMP G . -16.67 0.87 -32.50
O5' AMP G . -18.55 1.15 -34.21
C5' AMP G . -18.72 0.05 -35.09
C4' AMP G . -17.47 -0.77 -35.23
O4' AMP G . -17.40 -1.71 -34.13
C3' AMP G . -17.43 -1.67 -36.45
O3' AMP G . -17.02 -0.98 -37.61
C2' AMP G . -16.48 -2.80 -36.05
O2' AMP G . -15.16 -2.45 -36.37
C1' AMP G . -16.62 -2.82 -34.52
N9 AMP G . -17.30 -4.06 -34.05
C8 AMP G . -17.05 -4.70 -32.88
N7 AMP G . -17.89 -5.75 -32.71
C5 AMP G . -18.72 -5.80 -33.76
C6 AMP G . -19.84 -6.66 -34.20
N6 AMP G . -20.24 -7.71 -33.44
N1 AMP G . -20.46 -6.39 -35.36
C2 AMP G . -20.06 -5.36 -36.14
N3 AMP G . -19.05 -4.53 -35.80
C4 AMP G . -18.34 -4.67 -34.64
P AMP H . 18.89 -20.16 24.34
O1P AMP H . 17.44 -20.12 24.76
O2P AMP H . 19.64 -18.92 23.96
O5' AMP H . 19.77 -20.92 25.44
C5' AMP H . 19.95 -22.35 25.44
C4' AMP H . 18.77 -23.05 24.81
O4' AMP H . 18.89 -22.99 23.38
C3' AMP H . 18.69 -24.52 25.13
O3' AMP H . 17.87 -24.71 26.29
C2' AMP H . 17.97 -25.11 23.90
O2' AMP H . 16.58 -25.27 24.09
C1' AMP H . 18.21 -24.09 22.79
N9 AMP H . 19.00 -24.51 21.62
C8 AMP H . 18.72 -24.00 20.41
N7 AMP H . 19.61 -24.43 19.48
C5 AMP H . 20.51 -25.21 20.09
C6 AMP H . 21.71 -25.97 19.67
N6 AMP H . 22.12 -25.97 18.36
N1 AMP H . 22.37 -26.70 20.59
C2 AMP H . 21.96 -26.70 21.87
N3 AMP H . 20.89 -26.02 22.32
C4 AMP H . 20.13 -25.25 21.51
#